data_3K3D
# 
_entry.id   3K3D 
# 
_audit_conform.dict_name       mmcif_pdbx.dic 
_audit_conform.dict_version    5.399 
_audit_conform.dict_location   http://mmcif.pdb.org/dictionaries/ascii/mmcif_pdbx.dic 
# 
loop_
_database_2.database_id 
_database_2.database_code 
_database_2.pdbx_database_accession 
_database_2.pdbx_DOI 
PDB   3K3D         pdb_00003k3d 10.2210/pdb3k3d/pdb 
RCSB  RCSB055494   ?            ?                   
WWPDB D_1000055494 ?            ?                   
# 
loop_
_pdbx_audit_revision_history.ordinal 
_pdbx_audit_revision_history.data_content_type 
_pdbx_audit_revision_history.major_revision 
_pdbx_audit_revision_history.minor_revision 
_pdbx_audit_revision_history.revision_date 
1 'Structure model' 1 0 2010-09-29 
2 'Structure model' 1 1 2011-07-13 
3 'Structure model' 1 2 2024-04-03 
4 'Structure model' 1 3 2024-11-27 
# 
_pdbx_audit_revision_details.ordinal             1 
_pdbx_audit_revision_details.revision_ordinal    1 
_pdbx_audit_revision_details.data_content_type   'Structure model' 
_pdbx_audit_revision_details.provider            repository 
_pdbx_audit_revision_details.type                'Initial release' 
_pdbx_audit_revision_details.description         ? 
_pdbx_audit_revision_details.details             ? 
# 
loop_
_pdbx_audit_revision_group.ordinal 
_pdbx_audit_revision_group.revision_ordinal 
_pdbx_audit_revision_group.data_content_type 
_pdbx_audit_revision_group.group 
1 2 'Structure model' 'Version format compliance' 
2 3 'Structure model' 'Data collection'           
3 3 'Structure model' 'Database references'       
4 3 'Structure model' 'Derived calculations'      
5 3 'Structure model' 'Refinement description'    
6 4 'Structure model' 'Structure summary'         
# 
loop_
_pdbx_audit_revision_category.ordinal 
_pdbx_audit_revision_category.revision_ordinal 
_pdbx_audit_revision_category.data_content_type 
_pdbx_audit_revision_category.category 
1 3 'Structure model' chem_comp_atom                
2 3 'Structure model' chem_comp_bond                
3 3 'Structure model' database_2                    
4 3 'Structure model' diffrn_source                 
5 3 'Structure model' pdbx_initial_refinement_model 
6 3 'Structure model' struct_conn                   
7 3 'Structure model' struct_ref_seq_dif            
8 4 'Structure model' pdbx_entry_details            
9 4 'Structure model' pdbx_modification_feature     
# 
loop_
_pdbx_audit_revision_item.ordinal 
_pdbx_audit_revision_item.revision_ordinal 
_pdbx_audit_revision_item.data_content_type 
_pdbx_audit_revision_item.item 
1 3 'Structure model' '_database_2.pdbx_DOI'                 
2 3 'Structure model' '_database_2.pdbx_database_accession'  
3 3 'Structure model' '_diffrn_source.pdbx_synchrotron_site' 
4 3 'Structure model' '_struct_conn.pdbx_leaving_atom_flag'  
5 3 'Structure model' '_struct_ref_seq_dif.details'          
# 
_pdbx_database_status.status_code                     REL 
_pdbx_database_status.entry_id                        3K3D 
_pdbx_database_status.recvd_initial_deposition_date   2009-10-02 
_pdbx_database_status.deposit_site                    RCSB 
_pdbx_database_status.process_site                    RCSB 
_pdbx_database_status.status_code_sf                  REL 
_pdbx_database_status.status_code_mr                  ? 
_pdbx_database_status.SG_entry                        ? 
_pdbx_database_status.pdb_format_compatible           Y 
_pdbx_database_status.status_code_cs                  ? 
_pdbx_database_status.status_code_nmr_data            ? 
_pdbx_database_status.methods_development_category    ? 
# 
_pdbx_database_related.db_name        PDB 
_pdbx_database_related.db_id          3K3C 
_pdbx_database_related.details        'Same protein at 1.6 A.' 
_pdbx_database_related.content_type   unspecified 
# 
loop_
_audit_author.name 
_audit_author.pdbx_ordinal 
'King-Scott, J.' 1 
'Panjikar, S.'   2 
'Tucker, P.A.'   3 
# 
_citation.id                        primary 
_citation.title                     
'The N-Terminal Pas Domain Crystal Structure of Rv1364C from Mycobacterium Tuberculosis at 2.3 Angstrom.' 
_citation.journal_abbrev            'To be Published' 
_citation.journal_volume            ? 
_citation.page_first                ? 
_citation.page_last                 ? 
_citation.year                      ? 
_citation.journal_id_ASTM           ? 
_citation.country                   ? 
_citation.journal_id_ISSN           ? 
_citation.journal_id_CSD            0353 
_citation.book_publisher            ? 
_citation.pdbx_database_id_PubMed   ? 
_citation.pdbx_database_id_DOI      ? 
# 
loop_
_citation_author.citation_id 
_citation_author.name 
_citation_author.ordinal 
_citation_author.identifier_ORCID 
primary 'King-Scott, J.' 1 ? 
primary 'Panjikar, S.'   2 ? 
primary 'Tucker, P.A.'   3 ? 
# 
loop_
_entity.id 
_entity.type 
_entity.src_method 
_entity.pdbx_description 
_entity.formula_weight 
_entity.pdbx_number_of_molecules 
_entity.pdbx_ec 
_entity.pdbx_mutation 
_entity.pdbx_fragment 
_entity.details 
1 polymer man 'Protein Rv1364c/MT1410' 16842.314 1  ? ? 'UNP RESIDUES 1-147' ? 
2 water   nat water                    18.015    20 ? ? ?                    ? 
# 
_entity_poly.entity_id                      1 
_entity_poly.type                           'polypeptide(L)' 
_entity_poly.nstd_linkage                   no 
_entity_poly.nstd_monomer                   yes 
_entity_poly.pdbx_seq_one_letter_code       
;GAMAAE(MSE)DWDKTVGAAEDVRRIFEHIPAILVGLEGPDHRFVAVNAAYRGFSPLLDTVGQPAREVYPELEGQQIYE
(MSE)LDRVYQTGEPQSGSEWRLQTDYDGSGVEERYFDFVVTPRRRADGSIEGVQLIVDDVTSRVRARQAAEARVEEL
;
_entity_poly.pdbx_seq_one_letter_code_can   
;GAMAAEMDWDKTVGAAEDVRRIFEHIPAILVGLEGPDHRFVAVNAAYRGFSPLLDTVGQPAREVYPELEGQQIYEMLDRV
YQTGEPQSGSEWRLQTDYDGSGVEERYFDFVVTPRRRADGSIEGVQLIVDDVTSRVRARQAAEARVEEL
;
_entity_poly.pdbx_strand_id                 A 
_entity_poly.pdbx_target_identifier         ? 
# 
_pdbx_entity_nonpoly.entity_id   2 
_pdbx_entity_nonpoly.name        water 
_pdbx_entity_nonpoly.comp_id     HOH 
# 
loop_
_entity_poly_seq.entity_id 
_entity_poly_seq.num 
_entity_poly_seq.mon_id 
_entity_poly_seq.hetero 
1 1   GLY n 
1 2   ALA n 
1 3   MET n 
1 4   ALA n 
1 5   ALA n 
1 6   GLU n 
1 7   MSE n 
1 8   ASP n 
1 9   TRP n 
1 10  ASP n 
1 11  LYS n 
1 12  THR n 
1 13  VAL n 
1 14  GLY n 
1 15  ALA n 
1 16  ALA n 
1 17  GLU n 
1 18  ASP n 
1 19  VAL n 
1 20  ARG n 
1 21  ARG n 
1 22  ILE n 
1 23  PHE n 
1 24  GLU n 
1 25  HIS n 
1 26  ILE n 
1 27  PRO n 
1 28  ALA n 
1 29  ILE n 
1 30  LEU n 
1 31  VAL n 
1 32  GLY n 
1 33  LEU n 
1 34  GLU n 
1 35  GLY n 
1 36  PRO n 
1 37  ASP n 
1 38  HIS n 
1 39  ARG n 
1 40  PHE n 
1 41  VAL n 
1 42  ALA n 
1 43  VAL n 
1 44  ASN n 
1 45  ALA n 
1 46  ALA n 
1 47  TYR n 
1 48  ARG n 
1 49  GLY n 
1 50  PHE n 
1 51  SER n 
1 52  PRO n 
1 53  LEU n 
1 54  LEU n 
1 55  ASP n 
1 56  THR n 
1 57  VAL n 
1 58  GLY n 
1 59  GLN n 
1 60  PRO n 
1 61  ALA n 
1 62  ARG n 
1 63  GLU n 
1 64  VAL n 
1 65  TYR n 
1 66  PRO n 
1 67  GLU n 
1 68  LEU n 
1 69  GLU n 
1 70  GLY n 
1 71  GLN n 
1 72  GLN n 
1 73  ILE n 
1 74  TYR n 
1 75  GLU n 
1 76  MSE n 
1 77  LEU n 
1 78  ASP n 
1 79  ARG n 
1 80  VAL n 
1 81  TYR n 
1 82  GLN n 
1 83  THR n 
1 84  GLY n 
1 85  GLU n 
1 86  PRO n 
1 87  GLN n 
1 88  SER n 
1 89  GLY n 
1 90  SER n 
1 91  GLU n 
1 92  TRP n 
1 93  ARG n 
1 94  LEU n 
1 95  GLN n 
1 96  THR n 
1 97  ASP n 
1 98  TYR n 
1 99  ASP n 
1 100 GLY n 
1 101 SER n 
1 102 GLY n 
1 103 VAL n 
1 104 GLU n 
1 105 GLU n 
1 106 ARG n 
1 107 TYR n 
1 108 PHE n 
1 109 ASP n 
1 110 PHE n 
1 111 VAL n 
1 112 VAL n 
1 113 THR n 
1 114 PRO n 
1 115 ARG n 
1 116 ARG n 
1 117 ARG n 
1 118 ALA n 
1 119 ASP n 
1 120 GLY n 
1 121 SER n 
1 122 ILE n 
1 123 GLU n 
1 124 GLY n 
1 125 VAL n 
1 126 GLN n 
1 127 LEU n 
1 128 ILE n 
1 129 VAL n 
1 130 ASP n 
1 131 ASP n 
1 132 VAL n 
1 133 THR n 
1 134 SER n 
1 135 ARG n 
1 136 VAL n 
1 137 ARG n 
1 138 ALA n 
1 139 ARG n 
1 140 GLN n 
1 141 ALA n 
1 142 ALA n 
1 143 GLU n 
1 144 ALA n 
1 145 ARG n 
1 146 VAL n 
1 147 GLU n 
1 148 GLU n 
1 149 LEU n 
# 
_entity_src_gen.entity_id                          1 
_entity_src_gen.pdbx_src_id                        1 
_entity_src_gen.pdbx_alt_source_flag               sample 
_entity_src_gen.pdbx_seq_type                      ? 
_entity_src_gen.pdbx_beg_seq_num                   ? 
_entity_src_gen.pdbx_end_seq_num                   ? 
_entity_src_gen.gene_src_common_name               ? 
_entity_src_gen.gene_src_genus                     ? 
_entity_src_gen.pdbx_gene_src_gene                 'MT1410, MTCY02B10.28c, Rv1364c' 
_entity_src_gen.gene_src_species                   ? 
_entity_src_gen.gene_src_strain                    H37RV 
_entity_src_gen.gene_src_tissue                    ? 
_entity_src_gen.gene_src_tissue_fraction           ? 
_entity_src_gen.gene_src_details                   ? 
_entity_src_gen.pdbx_gene_src_fragment             ? 
_entity_src_gen.pdbx_gene_src_scientific_name      'Mycobacterium tuberculosis' 
_entity_src_gen.pdbx_gene_src_ncbi_taxonomy_id     1773 
_entity_src_gen.pdbx_gene_src_variant              ? 
_entity_src_gen.pdbx_gene_src_cell_line            ? 
_entity_src_gen.pdbx_gene_src_atcc                 ? 
_entity_src_gen.pdbx_gene_src_organ                ? 
_entity_src_gen.pdbx_gene_src_organelle            ? 
_entity_src_gen.pdbx_gene_src_cell                 ? 
_entity_src_gen.pdbx_gene_src_cellular_location    ? 
_entity_src_gen.host_org_common_name               ? 
_entity_src_gen.pdbx_host_org_scientific_name      'Escherichia coli' 
_entity_src_gen.pdbx_host_org_ncbi_taxonomy_id     562 
_entity_src_gen.host_org_genus                     ? 
_entity_src_gen.pdbx_host_org_gene                 ? 
_entity_src_gen.pdbx_host_org_organ                ? 
_entity_src_gen.host_org_species                   ? 
_entity_src_gen.pdbx_host_org_tissue               ? 
_entity_src_gen.pdbx_host_org_tissue_fraction      ? 
_entity_src_gen.pdbx_host_org_strain               'B834(DE3)PLYSS' 
_entity_src_gen.pdbx_host_org_variant              ? 
_entity_src_gen.pdbx_host_org_cell_line            ? 
_entity_src_gen.pdbx_host_org_atcc                 ? 
_entity_src_gen.pdbx_host_org_culture_collection   ? 
_entity_src_gen.pdbx_host_org_cell                 ? 
_entity_src_gen.pdbx_host_org_organelle            ? 
_entity_src_gen.pdbx_host_org_cellular_location    ? 
_entity_src_gen.pdbx_host_org_vector_type          PLASMID 
_entity_src_gen.pdbx_host_org_vector               ? 
_entity_src_gen.host_org_details                   ? 
_entity_src_gen.expression_system_id               ? 
_entity_src_gen.plasmid_name                       PETM-11 
_entity_src_gen.plasmid_details                    ? 
_entity_src_gen.pdbx_description                   ? 
# 
loop_
_chem_comp.id 
_chem_comp.type 
_chem_comp.mon_nstd_flag 
_chem_comp.name 
_chem_comp.pdbx_synonyms 
_chem_comp.formula 
_chem_comp.formula_weight 
ALA 'L-peptide linking' y ALANINE          ? 'C3 H7 N O2'     89.093  
ARG 'L-peptide linking' y ARGININE         ? 'C6 H15 N4 O2 1' 175.209 
ASN 'L-peptide linking' y ASPARAGINE       ? 'C4 H8 N2 O3'    132.118 
ASP 'L-peptide linking' y 'ASPARTIC ACID'  ? 'C4 H7 N O4'     133.103 
GLN 'L-peptide linking' y GLUTAMINE        ? 'C5 H10 N2 O3'   146.144 
GLU 'L-peptide linking' y 'GLUTAMIC ACID'  ? 'C5 H9 N O4'     147.129 
GLY 'peptide linking'   y GLYCINE          ? 'C2 H5 N O2'     75.067  
HIS 'L-peptide linking' y HISTIDINE        ? 'C6 H10 N3 O2 1' 156.162 
HOH non-polymer         . WATER            ? 'H2 O'           18.015  
ILE 'L-peptide linking' y ISOLEUCINE       ? 'C6 H13 N O2'    131.173 
LEU 'L-peptide linking' y LEUCINE          ? 'C6 H13 N O2'    131.173 
LYS 'L-peptide linking' y LYSINE           ? 'C6 H15 N2 O2 1' 147.195 
MET 'L-peptide linking' y METHIONINE       ? 'C5 H11 N O2 S'  149.211 
MSE 'L-peptide linking' n SELENOMETHIONINE ? 'C5 H11 N O2 Se' 196.106 
PHE 'L-peptide linking' y PHENYLALANINE    ? 'C9 H11 N O2'    165.189 
PRO 'L-peptide linking' y PROLINE          ? 'C5 H9 N O2'     115.130 
SER 'L-peptide linking' y SERINE           ? 'C3 H7 N O3'     105.093 
THR 'L-peptide linking' y THREONINE        ? 'C4 H9 N O3'     119.119 
TRP 'L-peptide linking' y TRYPTOPHAN       ? 'C11 H12 N2 O2'  204.225 
TYR 'L-peptide linking' y TYROSINE         ? 'C9 H11 N O3'    181.189 
VAL 'L-peptide linking' y VALINE           ? 'C5 H11 N O2'    117.146 
# 
loop_
_pdbx_poly_seq_scheme.asym_id 
_pdbx_poly_seq_scheme.entity_id 
_pdbx_poly_seq_scheme.seq_id 
_pdbx_poly_seq_scheme.mon_id 
_pdbx_poly_seq_scheme.ndb_seq_num 
_pdbx_poly_seq_scheme.pdb_seq_num 
_pdbx_poly_seq_scheme.auth_seq_num 
_pdbx_poly_seq_scheme.pdb_mon_id 
_pdbx_poly_seq_scheme.auth_mon_id 
_pdbx_poly_seq_scheme.pdb_strand_id 
_pdbx_poly_seq_scheme.pdb_ins_code 
_pdbx_poly_seq_scheme.hetero 
A 1 1   GLY 1   -1  ?   ?   ?   A . n 
A 1 2   ALA 2   0   ?   ?   ?   A . n 
A 1 3   MET 3   1   ?   ?   ?   A . n 
A 1 4   ALA 4   2   ?   ?   ?   A . n 
A 1 5   ALA 5   3   ?   ?   ?   A . n 
A 1 6   GLU 6   4   ?   ?   ?   A . n 
A 1 7   MSE 7   5   5   MSE MSE A . n 
A 1 8   ASP 8   6   6   ASP ASP A . n 
A 1 9   TRP 9   7   7   TRP TRP A . n 
A 1 10  ASP 10  8   8   ASP ASP A . n 
A 1 11  LYS 11  9   9   LYS LYS A . n 
A 1 12  THR 12  10  10  THR THR A . n 
A 1 13  VAL 13  11  11  VAL VAL A . n 
A 1 14  GLY 14  12  12  GLY GLY A . n 
A 1 15  ALA 15  13  13  ALA ALA A . n 
A 1 16  ALA 16  14  14  ALA ALA A . n 
A 1 17  GLU 17  15  15  GLU GLU A . n 
A 1 18  ASP 18  16  16  ASP ASP A . n 
A 1 19  VAL 19  17  17  VAL VAL A . n 
A 1 20  ARG 20  18  18  ARG ARG A . n 
A 1 21  ARG 21  19  19  ARG ARG A . n 
A 1 22  ILE 22  20  20  ILE ILE A . n 
A 1 23  PHE 23  21  21  PHE PHE A . n 
A 1 24  GLU 24  22  22  GLU GLU A . n 
A 1 25  HIS 25  23  23  HIS HIS A . n 
A 1 26  ILE 26  24  24  ILE ILE A . n 
A 1 27  PRO 27  25  25  PRO PRO A . n 
A 1 28  ALA 28  26  26  ALA ALA A . n 
A 1 29  ILE 29  27  27  ILE ILE A . n 
A 1 30  LEU 30  28  28  LEU LEU A . n 
A 1 31  VAL 31  29  29  VAL VAL A . n 
A 1 32  GLY 32  30  30  GLY GLY A . n 
A 1 33  LEU 33  31  31  LEU LEU A . n 
A 1 34  GLU 34  32  32  GLU GLU A . n 
A 1 35  GLY 35  33  33  GLY GLY A . n 
A 1 36  PRO 36  34  34  PRO PRO A . n 
A 1 37  ASP 37  35  35  ASP ASP A . n 
A 1 38  HIS 38  36  36  HIS HIS A . n 
A 1 39  ARG 39  37  37  ARG ARG A . n 
A 1 40  PHE 40  38  38  PHE PHE A . n 
A 1 41  VAL 41  39  39  VAL VAL A . n 
A 1 42  ALA 42  40  40  ALA ALA A . n 
A 1 43  VAL 43  41  41  VAL VAL A . n 
A 1 44  ASN 44  42  42  ASN ASN A . n 
A 1 45  ALA 45  43  43  ALA ALA A . n 
A 1 46  ALA 46  44  44  ALA ALA A . n 
A 1 47  TYR 47  45  45  TYR TYR A . n 
A 1 48  ARG 48  46  46  ARG ARG A . n 
A 1 49  GLY 49  47  47  GLY GLY A . n 
A 1 50  PHE 50  48  48  PHE PHE A . n 
A 1 51  SER 51  49  49  SER SER A . n 
A 1 52  PRO 52  50  50  PRO PRO A . n 
A 1 53  LEU 53  51  51  LEU LEU A . n 
A 1 54  LEU 54  52  52  LEU LEU A . n 
A 1 55  ASP 55  53  53  ASP ASP A . n 
A 1 56  THR 56  54  54  THR THR A . n 
A 1 57  VAL 57  55  55  VAL VAL A . n 
A 1 58  GLY 58  56  56  GLY GLY A . n 
A 1 59  GLN 59  57  57  GLN GLN A . n 
A 1 60  PRO 60  58  58  PRO PRO A . n 
A 1 61  ALA 61  59  59  ALA ALA A . n 
A 1 62  ARG 62  60  60  ARG ARG A . n 
A 1 63  GLU 63  61  61  GLU GLU A . n 
A 1 64  VAL 64  62  62  VAL VAL A . n 
A 1 65  TYR 65  63  63  TYR TYR A . n 
A 1 66  PRO 66  64  64  PRO PRO A . n 
A 1 67  GLU 67  65  65  GLU GLU A . n 
A 1 68  LEU 68  66  66  LEU LEU A . n 
A 1 69  GLU 69  67  67  GLU GLU A . n 
A 1 70  GLY 70  68  68  GLY GLY A . n 
A 1 71  GLN 71  69  69  GLN GLN A . n 
A 1 72  GLN 72  70  70  GLN GLN A . n 
A 1 73  ILE 73  71  71  ILE ILE A . n 
A 1 74  TYR 74  72  72  TYR TYR A . n 
A 1 75  GLU 75  73  73  GLU GLU A . n 
A 1 76  MSE 76  74  74  MSE MSE A . n 
A 1 77  LEU 77  75  75  LEU LEU A . n 
A 1 78  ASP 78  76  76  ASP ASP A . n 
A 1 79  ARG 79  77  77  ARG ARG A . n 
A 1 80  VAL 80  78  78  VAL VAL A . n 
A 1 81  TYR 81  79  79  TYR TYR A . n 
A 1 82  GLN 82  80  80  GLN GLN A . n 
A 1 83  THR 83  81  81  THR THR A . n 
A 1 84  GLY 84  82  82  GLY GLY A . n 
A 1 85  GLU 85  83  83  GLU GLU A . n 
A 1 86  PRO 86  84  84  PRO PRO A . n 
A 1 87  GLN 87  85  85  GLN GLN A . n 
A 1 88  SER 88  86  86  SER SER A . n 
A 1 89  GLY 89  87  87  GLY GLY A . n 
A 1 90  SER 90  88  88  SER SER A . n 
A 1 91  GLU 91  89  89  GLU GLU A . n 
A 1 92  TRP 92  90  90  TRP TRP A . n 
A 1 93  ARG 93  91  91  ARG ARG A . n 
A 1 94  LEU 94  92  92  LEU LEU A . n 
A 1 95  GLN 95  93  93  GLN GLN A . n 
A 1 96  THR 96  94  94  THR THR A . n 
A 1 97  ASP 97  95  95  ASP ASP A . n 
A 1 98  TYR 98  96  ?   ?   ?   A . n 
A 1 99  ASP 99  97  ?   ?   ?   A . n 
A 1 100 GLY 100 98  ?   ?   ?   A . n 
A 1 101 SER 101 99  ?   ?   ?   A . n 
A 1 102 GLY 102 100 ?   ?   ?   A . n 
A 1 103 VAL 103 101 ?   ?   ?   A . n 
A 1 104 GLU 104 102 ?   ?   ?   A . n 
A 1 105 GLU 105 103 103 GLU GLU A . n 
A 1 106 ARG 106 104 104 ARG ARG A . n 
A 1 107 TYR 107 105 105 TYR TYR A . n 
A 1 108 PHE 108 106 106 PHE PHE A . n 
A 1 109 ASP 109 107 107 ASP ASP A . n 
A 1 110 PHE 110 108 108 PHE PHE A . n 
A 1 111 VAL 111 109 109 VAL VAL A . n 
A 1 112 VAL 112 110 110 VAL VAL A . n 
A 1 113 THR 113 111 111 THR THR A . n 
A 1 114 PRO 114 112 112 PRO PRO A . n 
A 1 115 ARG 115 113 113 ARG ARG A . n 
A 1 116 ARG 116 114 114 ARG ARG A . n 
A 1 117 ARG 117 115 115 ARG ARG A . n 
A 1 118 ALA 118 116 116 ALA ALA A . n 
A 1 119 ASP 119 117 117 ASP ASP A . n 
A 1 120 GLY 120 118 118 GLY GLY A . n 
A 1 121 SER 121 119 119 SER SER A . n 
A 1 122 ILE 122 120 120 ILE ILE A . n 
A 1 123 GLU 123 121 121 GLU GLU A . n 
A 1 124 GLY 124 122 122 GLY GLY A . n 
A 1 125 VAL 125 123 123 VAL VAL A . n 
A 1 126 GLN 126 124 124 GLN GLN A . n 
A 1 127 LEU 127 125 125 LEU LEU A . n 
A 1 128 ILE 128 126 126 ILE ILE A . n 
A 1 129 VAL 129 127 127 VAL VAL A . n 
A 1 130 ASP 130 128 128 ASP ASP A . n 
A 1 131 ASP 131 129 129 ASP ASP A . n 
A 1 132 VAL 132 130 130 VAL VAL A . n 
A 1 133 THR 133 131 131 THR THR A . n 
A 1 134 SER 134 132 132 SER SER A . n 
A 1 135 ARG 135 133 133 ARG ARG A . n 
A 1 136 VAL 136 134 134 VAL VAL A . n 
A 1 137 ARG 137 135 135 ARG ARG A . n 
A 1 138 ALA 138 136 136 ALA ALA A . n 
A 1 139 ARG 139 137 137 ARG ARG A . n 
A 1 140 GLN 140 138 138 GLN GLN A . n 
A 1 141 ALA 141 139 ?   ?   ?   A . n 
A 1 142 ALA 142 140 ?   ?   ?   A . n 
A 1 143 GLU 143 141 ?   ?   ?   A . n 
A 1 144 ALA 144 142 ?   ?   ?   A . n 
A 1 145 ARG 145 143 ?   ?   ?   A . n 
A 1 146 VAL 146 144 ?   ?   ?   A . n 
A 1 147 GLU 147 145 ?   ?   ?   A . n 
A 1 148 GLU 148 146 ?   ?   ?   A . n 
A 1 149 LEU 149 147 ?   ?   ?   A . n 
# 
loop_
_pdbx_nonpoly_scheme.asym_id 
_pdbx_nonpoly_scheme.entity_id 
_pdbx_nonpoly_scheme.mon_id 
_pdbx_nonpoly_scheme.ndb_seq_num 
_pdbx_nonpoly_scheme.pdb_seq_num 
_pdbx_nonpoly_scheme.auth_seq_num 
_pdbx_nonpoly_scheme.pdb_mon_id 
_pdbx_nonpoly_scheme.auth_mon_id 
_pdbx_nonpoly_scheme.pdb_strand_id 
_pdbx_nonpoly_scheme.pdb_ins_code 
B 2 HOH 1  148 1  HOH HOH A . 
B 2 HOH 2  149 2  HOH HOH A . 
B 2 HOH 3  150 3  HOH HOH A . 
B 2 HOH 4  151 4  HOH HOH A . 
B 2 HOH 5  152 5  HOH HOH A . 
B 2 HOH 6  153 6  HOH HOH A . 
B 2 HOH 7  154 7  HOH HOH A . 
B 2 HOH 8  155 8  HOH HOH A . 
B 2 HOH 9  156 9  HOH HOH A . 
B 2 HOH 10 157 10 HOH HOH A . 
B 2 HOH 11 158 12 HOH HOH A . 
B 2 HOH 12 159 13 HOH HOH A . 
B 2 HOH 13 160 14 HOH HOH A . 
B 2 HOH 14 161 15 HOH HOH A . 
B 2 HOH 15 162 16 HOH HOH A . 
B 2 HOH 16 163 17 HOH HOH A . 
B 2 HOH 17 164 18 HOH HOH A . 
B 2 HOH 18 165 19 HOH HOH A . 
B 2 HOH 19 166 20 HOH HOH A . 
B 2 HOH 20 167 21 HOH HOH A . 
# 
loop_
_software.name 
_software.classification 
_software.version 
_software.citation_id 
_software.pdbx_ordinal 
DENZO         'data reduction' .        ? 1 
Auto-Rickshaw phasing          .        ? 2 
REFMAC        refinement       5.2.0019 ? 3 
SCALEPACK     'data scaling'   .        ? 4 
# 
_cell.entry_id           3K3D 
_cell.length_a           60.137 
_cell.length_b           60.137 
_cell.length_c           171.948 
_cell.angle_alpha        90.00 
_cell.angle_beta         90.00 
_cell.angle_gamma        120.00 
_cell.Z_PDB              12 
_cell.pdbx_unique_axis   ? 
_cell.length_a_esd       ? 
_cell.length_b_esd       ? 
_cell.length_c_esd       ? 
_cell.angle_alpha_esd    ? 
_cell.angle_beta_esd     ? 
_cell.angle_gamma_esd    ? 
# 
_symmetry.entry_id                         3K3D 
_symmetry.space_group_name_H-M             'P 62 2 2' 
_symmetry.pdbx_full_space_group_name_H-M   ? 
_symmetry.cell_setting                     ? 
_symmetry.Int_Tables_number                180 
_symmetry.space_group_name_Hall            ? 
# 
_exptl.entry_id          3K3D 
_exptl.method            'X-RAY DIFFRACTION' 
_exptl.crystals_number   1 
# 
_exptl_crystal.id                    1 
_exptl_crystal.density_meas          ? 
_exptl_crystal.density_Matthews      2.66 
_exptl_crystal.density_percent_sol   53.82 
_exptl_crystal.description           ? 
_exptl_crystal.F_000                 ? 
_exptl_crystal.preparation           ? 
# 
_exptl_crystal_grow.crystal_id      1 
_exptl_crystal_grow.method          'VAPOR DIFFUSION, HANGING DROP' 
_exptl_crystal_grow.temp            292.16 
_exptl_crystal_grow.temp_details    ? 
_exptl_crystal_grow.pH              8.00 
_exptl_crystal_grow.pdbx_details    
'1.4 M AMMONIUM SULFATE, 0.1 M TRIS- HCL, 0.1 M SODIUM CHLORIDE, pH 8.00, VAPOR DIFFUSION, HANGING DROP, temperature 292.16K' 
_exptl_crystal_grow.pdbx_pH_range   ? 
# 
_diffrn.id                     1 
_diffrn.ambient_temp           100.0 
_diffrn.ambient_temp_details   ? 
_diffrn.crystal_id             1 
# 
_diffrn_detector.diffrn_id              1 
_diffrn_detector.detector               CCD 
_diffrn_detector.type                   'MAR CCD 165 mm' 
_diffrn_detector.pdbx_collection_date   2006-03-20 
_diffrn_detector.details                ? 
# 
_diffrn_radiation.diffrn_id                        1 
_diffrn_radiation.wavelength_id                    1 
_diffrn_radiation.pdbx_monochromatic_or_laue_m_l   M 
_diffrn_radiation.monochromator                    'FIXED EXIT DOUBLE CRYSTAL SI [111], HORIZONTALLY FOCUSING' 
_diffrn_radiation.pdbx_diffrn_protocol             'SINGLE WAVELENGTH' 
_diffrn_radiation.pdbx_scattering_type             x-ray 
# 
_diffrn_radiation_wavelength.id           1 
_diffrn_radiation_wavelength.wavelength   0.972 
_diffrn_radiation_wavelength.wt           1.0 
# 
_diffrn_source.diffrn_id                   1 
_diffrn_source.source                      SYNCHROTRON 
_diffrn_source.type                        'EMBL/DESY, HAMBURG BEAMLINE BW7A' 
_diffrn_source.pdbx_synchrotron_site       'EMBL/DESY, HAMBURG' 
_diffrn_source.pdbx_synchrotron_beamline   BW7A 
_diffrn_source.pdbx_wavelength             0.972 
_diffrn_source.pdbx_wavelength_list        0.972 
# 
_reflns.entry_id                     3K3D 
_reflns.observed_criterion_sigma_I   1.000 
_reflns.observed_criterion_sigma_F   1 
_reflns.d_resolution_low             20.000 
_reflns.d_resolution_high            2.300 
_reflns.number_obs                   8731 
_reflns.number_all                   8731 
_reflns.percent_possible_obs         100.0 
_reflns.pdbx_Rmerge_I_obs            0.07900 
_reflns.pdbx_Rsym_value              ? 
_reflns.pdbx_netI_over_sigmaI        39.0000 
_reflns.B_iso_Wilson_estimate        59.70 
_reflns.pdbx_redundancy              21.300 
_reflns.R_free_details               ? 
_reflns.limit_h_max                  ? 
_reflns.limit_h_min                  ? 
_reflns.limit_k_max                  ? 
_reflns.limit_k_min                  ? 
_reflns.limit_l_max                  ? 
_reflns.limit_l_min                  ? 
_reflns.observed_criterion_F_max     ? 
_reflns.observed_criterion_F_min     ? 
_reflns.pdbx_chi_squared             ? 
_reflns.pdbx_scaling_rejects         ? 
_reflns.pdbx_diffrn_id               1 
_reflns.pdbx_ordinal                 1 
# 
_reflns_shell.d_res_high             2.30 
_reflns_shell.d_res_low              2.34 
_reflns_shell.percent_possible_all   100.0 
_reflns_shell.Rmerge_I_obs           0.73300 
_reflns_shell.pdbx_Rsym_value        ? 
_reflns_shell.meanI_over_sigI_obs    4.620 
_reflns_shell.pdbx_redundancy        22.80 
_reflns_shell.percent_possible_obs   ? 
_reflns_shell.number_unique_all      ? 
_reflns_shell.number_measured_all    ? 
_reflns_shell.number_measured_obs    ? 
_reflns_shell.number_unique_obs      ? 
_reflns_shell.pdbx_chi_squared       ? 
_reflns_shell.pdbx_diffrn_id         ? 
_reflns_shell.pdbx_ordinal           1 
# 
_refine.entry_id                                 3K3D 
_refine.ls_number_reflns_obs                     8685 
_refine.ls_number_reflns_all                     8685 
_refine.pdbx_ls_sigma_I                          ? 
_refine.pdbx_ls_sigma_F                          0.000 
_refine.pdbx_data_cutoff_high_absF               ? 
_refine.pdbx_data_cutoff_low_absF                ? 
_refine.pdbx_data_cutoff_high_rms_absF           ? 
_refine.ls_d_res_low                             20.00 
_refine.ls_d_res_high                            2.30 
_refine.ls_percent_reflns_obs                    98.9 
_refine.ls_R_factor_obs                          0.251 
_refine.ls_R_factor_all                          0.251 
_refine.ls_R_factor_R_work                       0.243 
_refine.ls_R_factor_R_free                       0.295 
_refine.ls_R_factor_R_free_error                 ? 
_refine.ls_R_factor_R_free_error_details         ? 
_refine.ls_percent_reflns_R_free                 14.100 
_refine.ls_number_reflns_R_free                  1226 
_refine.ls_number_parameters                     ? 
_refine.ls_number_restraints                     ? 
_refine.occupancy_min                            ? 
_refine.occupancy_max                            ? 
_refine.correlation_coeff_Fo_to_Fc               0.932 
_refine.correlation_coeff_Fo_to_Fc_free          0.912 
_refine.B_iso_mean                               58.53 
_refine.aniso_B[1][1]                            3.02000 
_refine.aniso_B[2][2]                            3.02000 
_refine.aniso_B[3][3]                            -4.53000 
_refine.aniso_B[1][2]                            1.51000 
_refine.aniso_B[1][3]                            0.00000 
_refine.aniso_B[2][3]                            0.00000 
_refine.solvent_model_details                    MASK 
_refine.solvent_model_param_ksol                 ? 
_refine.solvent_model_param_bsol                 ? 
_refine.pdbx_solvent_vdw_probe_radii             1.40 
_refine.pdbx_solvent_ion_probe_radii             0.80 
_refine.pdbx_solvent_shrinkage_radii             0.80 
_refine.pdbx_ls_cross_valid_method               THROUGHOUT 
_refine.details                                  ? 
_refine.pdbx_starting_model                      'MODEL BUILT FROM SELENIUM MAD' 
_refine.pdbx_method_to_determine_struct          'MOLECULAR REPLACEMENT' 
_refine.pdbx_isotropic_thermal_model             Isotropic 
_refine.pdbx_stereochemistry_target_values       'MAXIMUM LIKELIHOOD' 
_refine.pdbx_stereochem_target_val_spec_case     ? 
_refine.pdbx_R_Free_selection_details            RANDOM 
_refine.pdbx_overall_ESU_R                       0.337 
_refine.pdbx_overall_ESU_R_Free                  0.270 
_refine.overall_SU_ML                            0.191 
_refine.overall_SU_B                             15.941 
_refine.ls_redundancy_reflns_obs                 ? 
_refine.B_iso_min                                ? 
_refine.B_iso_max                                ? 
_refine.overall_SU_R_Cruickshank_DPI             ? 
_refine.overall_SU_R_free                        ? 
_refine.ls_wR_factor_R_free                      ? 
_refine.ls_wR_factor_R_work                      ? 
_refine.overall_FOM_free_R_set                   ? 
_refine.overall_FOM_work_R_set                   ? 
_refine.pdbx_overall_phase_error                 ? 
_refine.pdbx_refine_id                           'X-RAY DIFFRACTION' 
_refine.pdbx_diffrn_id                           1 
_refine.pdbx_TLS_residual_ADP_flag               ? 
_refine.pdbx_overall_SU_R_free_Cruickshank_DPI   ? 
_refine.pdbx_overall_SU_R_Blow_DPI               ? 
_refine.pdbx_overall_SU_R_free_Blow_DPI          ? 
# 
_refine_hist.pdbx_refine_id                   'X-RAY DIFFRACTION' 
_refine_hist.cycle_id                         LAST 
_refine_hist.pdbx_number_atoms_protein        1025 
_refine_hist.pdbx_number_atoms_nucleic_acid   0 
_refine_hist.pdbx_number_atoms_ligand         0 
_refine_hist.number_atoms_solvent             20 
_refine_hist.number_atoms_total               1045 
_refine_hist.d_res_high                       2.30 
_refine_hist.d_res_low                        20.00 
# 
loop_
_refine_ls_restr.type 
_refine_ls_restr.dev_ideal 
_refine_ls_restr.dev_ideal_target 
_refine_ls_restr.weight 
_refine_ls_restr.number 
_refine_ls_restr.pdbx_refine_id 
_refine_ls_restr.pdbx_restraint_function 
r_bond_refined_d         0.011  0.022  ? 1055 'X-RAY DIFFRACTION' ? 
r_angle_refined_deg      1.315  1.950  ? 1431 'X-RAY DIFFRACTION' ? 
r_dihedral_angle_1_deg   8.215  5.000  ? 127  'X-RAY DIFFRACTION' ? 
r_dihedral_angle_2_deg   31.786 22.667 ? 60   'X-RAY DIFFRACTION' ? 
r_dihedral_angle_3_deg   19.520 15.000 ? 172  'X-RAY DIFFRACTION' ? 
r_dihedral_angle_4_deg   20.219 15.000 ? 15   'X-RAY DIFFRACTION' ? 
r_chiral_restr           0.099  0.200  ? 152  'X-RAY DIFFRACTION' ? 
r_gen_planes_refined     0.004  0.020  ? 838  'X-RAY DIFFRACTION' ? 
r_nbd_refined            0.200  0.200  ? 443  'X-RAY DIFFRACTION' ? 
r_nbtor_refined          0.304  0.200  ? 710  'X-RAY DIFFRACTION' ? 
r_xyhbond_nbd_refined    0.129  0.200  ? 45   'X-RAY DIFFRACTION' ? 
r_symmetry_vdw_refined   0.205  0.200  ? 51   'X-RAY DIFFRACTION' ? 
r_symmetry_hbond_refined 0.295  0.200  ? 10   'X-RAY DIFFRACTION' ? 
r_mcbond_it              0.633  1.500  ? 651  'X-RAY DIFFRACTION' ? 
r_mcangle_it             1.113  2.500  ? 1024 'X-RAY DIFFRACTION' ? 
r_scbond_it              2.905  5.000  ? 456  'X-RAY DIFFRACTION' ? 
r_scangle_it             4.491  10.000 ? 406  'X-RAY DIFFRACTION' ? 
# 
_refine_ls_shell.pdbx_total_number_of_bins_used   20 
_refine_ls_shell.d_res_high                       2.30 
_refine_ls_shell.d_res_low                        2.362 
_refine_ls_shell.number_reflns_R_work             450 
_refine_ls_shell.R_factor_R_work                  0.2970 
_refine_ls_shell.percent_reflns_obs               84.38 
_refine_ls_shell.R_factor_R_free                  0.2950 
_refine_ls_shell.R_factor_R_free_error            ? 
_refine_ls_shell.percent_reflns_R_free            ? 
_refine_ls_shell.number_reflns_R_free             63 
_refine_ls_shell.number_reflns_all                ? 
_refine_ls_shell.R_factor_all                     ? 
_refine_ls_shell.number_reflns_obs                450 
_refine_ls_shell.redundancy_reflns_obs            ? 
_refine_ls_shell.pdbx_refine_id                   'X-RAY DIFFRACTION' 
# 
_struct.entry_id                  3K3D 
_struct.title                     
'The N-terminal PAS domain crystal structure of RV1364C from Mycobacterium Tuberculosis at 2.3 angstrom' 
_struct.pdbx_model_details        ? 
_struct.pdbx_CASP_flag            ? 
_struct.pdbx_model_type_details   ? 
# 
_struct_keywords.entry_id        3K3D 
_struct_keywords.pdbx_keywords   'SIGNALING PROTEIN' 
_struct_keywords.text            'SENSOR, PAS, SIGNAL TRANSDUCTION, FATTY-ACID BINDING, SIGMA FACTOR REGULATOR, SIGNALING PROTEIN' 
# 
loop_
_struct_asym.id 
_struct_asym.pdbx_blank_PDB_chainid_flag 
_struct_asym.pdbx_modified 
_struct_asym.entity_id 
_struct_asym.details 
A N N 1 ? 
B N N 2 ? 
# 
_struct_ref.id                         1 
_struct_ref.db_name                    UNP 
_struct_ref.db_code                    Y1364_MYCTU 
_struct_ref.pdbx_db_accession          Q11034 
_struct_ref.entity_id                  1 
_struct_ref.pdbx_seq_one_letter_code   
;MAAEMDWDKTVGAAEDVRRIFEHIPAILVGLEGPDHRFVAVNAAYRGFSPLLDTVGQPAREVYPELEGQQIYEMLDRVYQ
TGEPQSGSEWRLQTDYDGSGVEERYFDFVVTPRRRADGSIEGVQLIVDDVTSRVRARQAAEARVEEL
;
_struct_ref.pdbx_align_begin           1 
_struct_ref.pdbx_db_isoform            ? 
# 
_struct_ref_seq.align_id                      1 
_struct_ref_seq.ref_id                        1 
_struct_ref_seq.pdbx_PDB_id_code              3K3D 
_struct_ref_seq.pdbx_strand_id                A 
_struct_ref_seq.seq_align_beg                 3 
_struct_ref_seq.pdbx_seq_align_beg_ins_code   ? 
_struct_ref_seq.seq_align_end                 149 
_struct_ref_seq.pdbx_seq_align_end_ins_code   ? 
_struct_ref_seq.pdbx_db_accession             Q11034 
_struct_ref_seq.db_align_beg                  1 
_struct_ref_seq.pdbx_db_align_beg_ins_code    ? 
_struct_ref_seq.db_align_end                  147 
_struct_ref_seq.pdbx_db_align_end_ins_code    ? 
_struct_ref_seq.pdbx_auth_seq_align_beg       1 
_struct_ref_seq.pdbx_auth_seq_align_end       147 
# 
loop_
_struct_ref_seq_dif.align_id 
_struct_ref_seq_dif.pdbx_pdb_id_code 
_struct_ref_seq_dif.mon_id 
_struct_ref_seq_dif.pdbx_pdb_strand_id 
_struct_ref_seq_dif.seq_num 
_struct_ref_seq_dif.pdbx_pdb_ins_code 
_struct_ref_seq_dif.pdbx_seq_db_name 
_struct_ref_seq_dif.pdbx_seq_db_accession_code 
_struct_ref_seq_dif.db_mon_id 
_struct_ref_seq_dif.pdbx_seq_db_seq_num 
_struct_ref_seq_dif.details 
_struct_ref_seq_dif.pdbx_auth_seq_num 
_struct_ref_seq_dif.pdbx_ordinal 
1 3K3D GLY A 1 ? UNP Q11034 ? ? 'expression tag' -1 1 
1 3K3D ALA A 2 ? UNP Q11034 ? ? 'expression tag' 0  2 
# 
loop_
_pdbx_struct_assembly.id 
_pdbx_struct_assembly.details 
_pdbx_struct_assembly.method_details 
_pdbx_struct_assembly.oligomeric_details 
_pdbx_struct_assembly.oligomeric_count 
1 author_and_software_defined_assembly PISA dimeric    2 
2 software_defined_assembly            PISA tetrameric 4 
# 
loop_
_pdbx_struct_assembly_prop.biol_id 
_pdbx_struct_assembly_prop.type 
_pdbx_struct_assembly_prop.value 
_pdbx_struct_assembly_prop.details 
1 'ABSA (A^2)' 3400  ? 
1 MORE         -20   ? 
1 'SSA (A^2)'  13500 ? 
2 'ABSA (A^2)' 9040  ? 
2 MORE         -44   ? 
2 'SSA (A^2)'  24760 ? 
# 
loop_
_pdbx_struct_assembly_gen.assembly_id 
_pdbx_struct_assembly_gen.oper_expression 
_pdbx_struct_assembly_gen.asym_id_list 
1 1,2     A,B 
2 1,2,3,4 A,B 
# 
loop_
_pdbx_struct_oper_list.id 
_pdbx_struct_oper_list.type 
_pdbx_struct_oper_list.name 
_pdbx_struct_oper_list.symmetry_operation 
_pdbx_struct_oper_list.matrix[1][1] 
_pdbx_struct_oper_list.matrix[1][2] 
_pdbx_struct_oper_list.matrix[1][3] 
_pdbx_struct_oper_list.vector[1] 
_pdbx_struct_oper_list.matrix[2][1] 
_pdbx_struct_oper_list.matrix[2][2] 
_pdbx_struct_oper_list.matrix[2][3] 
_pdbx_struct_oper_list.vector[2] 
_pdbx_struct_oper_list.matrix[3][1] 
_pdbx_struct_oper_list.matrix[3][2] 
_pdbx_struct_oper_list.matrix[3][3] 
_pdbx_struct_oper_list.vector[3] 
1 'identity operation'         1_555  x,y,z            1.0000000000  0.0000000000  0.0000000000  0.0000000000   0.0000000000  1.0000000000  0.0000000000  0.0000000000   0.0000000000  0.0000000000  1.0000000000  0.0000000000  
2 'crystal symmetry operation' 4_665  -x+1,-y+1,z      -0.6252761416 0.5165950823  -0.5849438159 -1.0851232621  0.5165950823  -0.2878209565 -0.8064047482 15.4402469034  -0.5849438159 -0.8064047482 -0.0869029018 12.9409591802 
3 'crystal symmetry operation' 7_555  y,x,-z+2/3       0.4461928490  -0.8828161444 0.1467909964  -7.4979042673  -0.8828161444 -0.4610923810 -0.0896073173 -6.6281431718  0.1467909964  -0.0896073173 -0.9851004680 34.0074245365 
4 'crystal symmetry operation' 10_665 -y+1,-x+1,-z+2/3 -0.8209167074 0.3662210622  0.4381528194  -19.7133614544 0.3662210622  -0.2510866625 0.8960120655  -13.9491636815 0.4381528194  0.8960120655  0.0720033698  19.7164341628 
# 
_struct_biol.id        1 
_struct_biol.details   ? 
# 
loop_
_struct_conf.conf_type_id 
_struct_conf.id 
_struct_conf.pdbx_PDB_helix_id 
_struct_conf.beg_label_comp_id 
_struct_conf.beg_label_asym_id 
_struct_conf.beg_label_seq_id 
_struct_conf.pdbx_beg_PDB_ins_code 
_struct_conf.end_label_comp_id 
_struct_conf.end_label_asym_id 
_struct_conf.end_label_seq_id 
_struct_conf.pdbx_end_PDB_ins_code 
_struct_conf.beg_auth_comp_id 
_struct_conf.beg_auth_asym_id 
_struct_conf.beg_auth_seq_id 
_struct_conf.end_auth_comp_id 
_struct_conf.end_auth_asym_id 
_struct_conf.end_auth_seq_id 
_struct_conf.pdbx_PDB_helix_class 
_struct_conf.details 
_struct_conf.pdbx_PDB_helix_length 
HELX_P HELX_P1 1 ASP A 8   ? VAL A 13  ? ASP A 6   VAL A 11  1 ? 6  
HELX_P HELX_P2 2 ALA A 15  ? ILE A 26  ? ALA A 13  ILE A 24  1 ? 12 
HELX_P HELX_P3 3 ASN A 44  ? SER A 51  ? ASN A 42  SER A 49  1 ? 8  
HELX_P HELX_P4 4 PRO A 60  ? TYR A 65  ? PRO A 58  TYR A 63  1 ? 6  
HELX_P HELX_P5 5 PRO A 66  ? GLY A 70  ? PRO A 64  GLY A 68  5 ? 5  
HELX_P HELX_P6 6 GLN A 72  ? GLY A 84  ? GLN A 70  GLY A 82  1 ? 13 
HELX_P HELX_P7 7 VAL A 132 ? ALA A 138 ? VAL A 130 ALA A 136 1 ? 7  
# 
_struct_conf_type.id          HELX_P 
_struct_conf_type.criteria    ? 
_struct_conf_type.reference   ? 
# 
loop_
_struct_conn.id 
_struct_conn.conn_type_id 
_struct_conn.pdbx_leaving_atom_flag 
_struct_conn.pdbx_PDB_id 
_struct_conn.ptnr1_label_asym_id 
_struct_conn.ptnr1_label_comp_id 
_struct_conn.ptnr1_label_seq_id 
_struct_conn.ptnr1_label_atom_id 
_struct_conn.pdbx_ptnr1_label_alt_id 
_struct_conn.pdbx_ptnr1_PDB_ins_code 
_struct_conn.pdbx_ptnr1_standard_comp_id 
_struct_conn.ptnr1_symmetry 
_struct_conn.ptnr2_label_asym_id 
_struct_conn.ptnr2_label_comp_id 
_struct_conn.ptnr2_label_seq_id 
_struct_conn.ptnr2_label_atom_id 
_struct_conn.pdbx_ptnr2_label_alt_id 
_struct_conn.pdbx_ptnr2_PDB_ins_code 
_struct_conn.ptnr1_auth_asym_id 
_struct_conn.ptnr1_auth_comp_id 
_struct_conn.ptnr1_auth_seq_id 
_struct_conn.ptnr2_auth_asym_id 
_struct_conn.ptnr2_auth_comp_id 
_struct_conn.ptnr2_auth_seq_id 
_struct_conn.ptnr2_symmetry 
_struct_conn.pdbx_ptnr3_label_atom_id 
_struct_conn.pdbx_ptnr3_label_seq_id 
_struct_conn.pdbx_ptnr3_label_comp_id 
_struct_conn.pdbx_ptnr3_label_asym_id 
_struct_conn.pdbx_ptnr3_label_alt_id 
_struct_conn.pdbx_ptnr3_PDB_ins_code 
_struct_conn.details 
_struct_conn.pdbx_dist_value 
_struct_conn.pdbx_value_order 
_struct_conn.pdbx_role 
covale1 covale both ? A MSE 7  C ? ? ? 1_555 A ASP 8  N ? ? A MSE 5  A ASP 6  1_555 ? ? ? ? ? ? ? 1.332 ? ? 
covale2 covale both ? A GLU 75 C ? ? ? 1_555 A MSE 76 N ? ? A GLU 73 A MSE 74 1_555 ? ? ? ? ? ? ? 1.329 ? ? 
covale3 covale both ? A MSE 76 C ? ? ? 1_555 A LEU 77 N ? ? A MSE 74 A LEU 75 1_555 ? ? ? ? ? ? ? 1.332 ? ? 
# 
_struct_conn_type.id          covale 
_struct_conn_type.criteria    ? 
_struct_conn_type.reference   ? 
# 
loop_
_pdbx_modification_feature.ordinal 
_pdbx_modification_feature.label_comp_id 
_pdbx_modification_feature.label_asym_id 
_pdbx_modification_feature.label_seq_id 
_pdbx_modification_feature.label_alt_id 
_pdbx_modification_feature.modified_residue_label_comp_id 
_pdbx_modification_feature.modified_residue_label_asym_id 
_pdbx_modification_feature.modified_residue_label_seq_id 
_pdbx_modification_feature.modified_residue_label_alt_id 
_pdbx_modification_feature.auth_comp_id 
_pdbx_modification_feature.auth_asym_id 
_pdbx_modification_feature.auth_seq_id 
_pdbx_modification_feature.PDB_ins_code 
_pdbx_modification_feature.symmetry 
_pdbx_modification_feature.modified_residue_auth_comp_id 
_pdbx_modification_feature.modified_residue_auth_asym_id 
_pdbx_modification_feature.modified_residue_auth_seq_id 
_pdbx_modification_feature.modified_residue_PDB_ins_code 
_pdbx_modification_feature.modified_residue_symmetry 
_pdbx_modification_feature.comp_id_linking_atom 
_pdbx_modification_feature.modified_residue_id_linking_atom 
_pdbx_modification_feature.modified_residue_id 
_pdbx_modification_feature.ref_pcm_id 
_pdbx_modification_feature.ref_comp_id 
_pdbx_modification_feature.type 
_pdbx_modification_feature.category 
1 MSE A 7  ? . . . . MSE A 5  ? 1_555 . . . . . . . MET 1 MSE Selenomethionine 'Named protein modification' 
2 MSE A 76 ? . . . . MSE A 74 ? 1_555 . . . . . . . MET 1 MSE Selenomethionine 'Named protein modification' 
# 
_struct_sheet.id               A 
_struct_sheet.type             ? 
_struct_sheet.number_strands   5 
_struct_sheet.details          ? 
# 
loop_
_struct_sheet_order.sheet_id 
_struct_sheet_order.range_id_1 
_struct_sheet_order.range_id_2 
_struct_sheet_order.offset 
_struct_sheet_order.sense 
A 1 2 ? anti-parallel 
A 2 3 ? anti-parallel 
A 3 4 ? anti-parallel 
A 4 5 ? anti-parallel 
# 
loop_
_struct_sheet_range.sheet_id 
_struct_sheet_range.id 
_struct_sheet_range.beg_label_comp_id 
_struct_sheet_range.beg_label_asym_id 
_struct_sheet_range.beg_label_seq_id 
_struct_sheet_range.pdbx_beg_PDB_ins_code 
_struct_sheet_range.end_label_comp_id 
_struct_sheet_range.end_label_asym_id 
_struct_sheet_range.end_label_seq_id 
_struct_sheet_range.pdbx_end_PDB_ins_code 
_struct_sheet_range.beg_auth_comp_id 
_struct_sheet_range.beg_auth_asym_id 
_struct_sheet_range.beg_auth_seq_id 
_struct_sheet_range.end_auth_comp_id 
_struct_sheet_range.end_auth_asym_id 
_struct_sheet_range.end_auth_seq_id 
A 1 ARG A 39  ? VAL A 43  ? ARG A 37  VAL A 41  
A 2 ILE A 29  ? GLU A 34  ? ILE A 27  GLU A 32  
A 3 ILE A 122 ? ASP A 131 ? ILE A 120 ASP A 129 
A 4 TYR A 107 ? ARG A 116 ? TYR A 105 ARG A 114 
A 5 GLN A 87  ? ARG A 93  ? GLN A 85  ARG A 91  
# 
loop_
_pdbx_struct_sheet_hbond.sheet_id 
_pdbx_struct_sheet_hbond.range_id_1 
_pdbx_struct_sheet_hbond.range_id_2 
_pdbx_struct_sheet_hbond.range_1_label_atom_id 
_pdbx_struct_sheet_hbond.range_1_label_comp_id 
_pdbx_struct_sheet_hbond.range_1_label_asym_id 
_pdbx_struct_sheet_hbond.range_1_label_seq_id 
_pdbx_struct_sheet_hbond.range_1_PDB_ins_code 
_pdbx_struct_sheet_hbond.range_1_auth_atom_id 
_pdbx_struct_sheet_hbond.range_1_auth_comp_id 
_pdbx_struct_sheet_hbond.range_1_auth_asym_id 
_pdbx_struct_sheet_hbond.range_1_auth_seq_id 
_pdbx_struct_sheet_hbond.range_2_label_atom_id 
_pdbx_struct_sheet_hbond.range_2_label_comp_id 
_pdbx_struct_sheet_hbond.range_2_label_asym_id 
_pdbx_struct_sheet_hbond.range_2_label_seq_id 
_pdbx_struct_sheet_hbond.range_2_PDB_ins_code 
_pdbx_struct_sheet_hbond.range_2_auth_atom_id 
_pdbx_struct_sheet_hbond.range_2_auth_comp_id 
_pdbx_struct_sheet_hbond.range_2_auth_asym_id 
_pdbx_struct_sheet_hbond.range_2_auth_seq_id 
A 1 2 O ALA A 42  ? O ALA A 40  N GLY A 32  ? N GLY A 30  
A 2 3 N LEU A 33  ? N LEU A 31  O VAL A 125 ? O VAL A 123 
A 3 4 O ASP A 130 ? O ASP A 128 N ASP A 109 ? N ASP A 107 
A 4 5 O VAL A 112 ? O VAL A 110 N GLN A 87  ? N GLN A 85  
# 
_pdbx_entry_details.entry_id                   3K3D 
_pdbx_entry_details.compound_details           ? 
_pdbx_entry_details.source_details             ? 
_pdbx_entry_details.nonpolymer_details         ? 
_pdbx_entry_details.sequence_details           ? 
_pdbx_entry_details.has_ligand_of_interest     ? 
_pdbx_entry_details.has_protein_modification   Y 
# 
_pdbx_validate_symm_contact.id                1 
_pdbx_validate_symm_contact.PDB_model_num     1 
_pdbx_validate_symm_contact.auth_atom_id_1    OG 
_pdbx_validate_symm_contact.auth_asym_id_1    A 
_pdbx_validate_symm_contact.auth_comp_id_1    SER 
_pdbx_validate_symm_contact.auth_seq_id_1     88 
_pdbx_validate_symm_contact.PDB_ins_code_1    ? 
_pdbx_validate_symm_contact.label_alt_id_1    ? 
_pdbx_validate_symm_contact.site_symmetry_1   1_555 
_pdbx_validate_symm_contact.auth_atom_id_2    OG 
_pdbx_validate_symm_contact.auth_asym_id_2    A 
_pdbx_validate_symm_contact.auth_comp_id_2    SER 
_pdbx_validate_symm_contact.auth_seq_id_2     88 
_pdbx_validate_symm_contact.PDB_ins_code_2    ? 
_pdbx_validate_symm_contact.label_alt_id_2    ? 
_pdbx_validate_symm_contact.site_symmetry_2   10_665 
_pdbx_validate_symm_contact.dist              2.15 
# 
_pdbx_validate_rmsd_angle.id                         1 
_pdbx_validate_rmsd_angle.PDB_model_num              1 
_pdbx_validate_rmsd_angle.auth_atom_id_1             NE 
_pdbx_validate_rmsd_angle.auth_asym_id_1             A 
_pdbx_validate_rmsd_angle.auth_comp_id_1             ARG 
_pdbx_validate_rmsd_angle.auth_seq_id_1              113 
_pdbx_validate_rmsd_angle.PDB_ins_code_1             ? 
_pdbx_validate_rmsd_angle.label_alt_id_1             ? 
_pdbx_validate_rmsd_angle.auth_atom_id_2             CZ 
_pdbx_validate_rmsd_angle.auth_asym_id_2             A 
_pdbx_validate_rmsd_angle.auth_comp_id_2             ARG 
_pdbx_validate_rmsd_angle.auth_seq_id_2              113 
_pdbx_validate_rmsd_angle.PDB_ins_code_2             ? 
_pdbx_validate_rmsd_angle.label_alt_id_2             ? 
_pdbx_validate_rmsd_angle.auth_atom_id_3             NH2 
_pdbx_validate_rmsd_angle.auth_asym_id_3             A 
_pdbx_validate_rmsd_angle.auth_comp_id_3             ARG 
_pdbx_validate_rmsd_angle.auth_seq_id_3              113 
_pdbx_validate_rmsd_angle.PDB_ins_code_3             ? 
_pdbx_validate_rmsd_angle.label_alt_id_3             ? 
_pdbx_validate_rmsd_angle.angle_value                117.26 
_pdbx_validate_rmsd_angle.angle_target_value         120.30 
_pdbx_validate_rmsd_angle.angle_deviation            -3.04 
_pdbx_validate_rmsd_angle.angle_standard_deviation   0.50 
_pdbx_validate_rmsd_angle.linker_flag                N 
# 
loop_
_pdbx_validate_torsion.id 
_pdbx_validate_torsion.PDB_model_num 
_pdbx_validate_torsion.auth_comp_id 
_pdbx_validate_torsion.auth_asym_id 
_pdbx_validate_torsion.auth_seq_id 
_pdbx_validate_torsion.PDB_ins_code 
_pdbx_validate_torsion.label_alt_id 
_pdbx_validate_torsion.phi 
_pdbx_validate_torsion.psi 
1 1 THR A 94  ? ? -67.92 -176.32 
2 1 ALA A 136 ? ? -72.27 37.66   
# 
loop_
_pdbx_validate_peptide_omega.id 
_pdbx_validate_peptide_omega.PDB_model_num 
_pdbx_validate_peptide_omega.auth_comp_id_1 
_pdbx_validate_peptide_omega.auth_asym_id_1 
_pdbx_validate_peptide_omega.auth_seq_id_1 
_pdbx_validate_peptide_omega.PDB_ins_code_1 
_pdbx_validate_peptide_omega.label_alt_id_1 
_pdbx_validate_peptide_omega.auth_comp_id_2 
_pdbx_validate_peptide_omega.auth_asym_id_2 
_pdbx_validate_peptide_omega.auth_seq_id_2 
_pdbx_validate_peptide_omega.PDB_ins_code_2 
_pdbx_validate_peptide_omega.label_alt_id_2 
_pdbx_validate_peptide_omega.omega 
1 1 LEU A 52 ? ? ASP A 53 ? ? 127.54  
2 1 ASP A 53 ? ? THR A 54 ? ? -145.50 
# 
loop_
_pdbx_struct_mod_residue.id 
_pdbx_struct_mod_residue.label_asym_id 
_pdbx_struct_mod_residue.label_comp_id 
_pdbx_struct_mod_residue.label_seq_id 
_pdbx_struct_mod_residue.auth_asym_id 
_pdbx_struct_mod_residue.auth_comp_id 
_pdbx_struct_mod_residue.auth_seq_id 
_pdbx_struct_mod_residue.PDB_ins_code 
_pdbx_struct_mod_residue.parent_comp_id 
_pdbx_struct_mod_residue.details 
1 A MSE 7  A MSE 5  ? MET SELENOMETHIONINE 
2 A MSE 76 A MSE 74 ? MET SELENOMETHIONINE 
# 
loop_
_pdbx_refine_tls.pdbx_refine_id 
_pdbx_refine_tls.id 
_pdbx_refine_tls.details 
_pdbx_refine_tls.method 
_pdbx_refine_tls.origin_x 
_pdbx_refine_tls.origin_y 
_pdbx_refine_tls.origin_z 
_pdbx_refine_tls.T[1][1] 
_pdbx_refine_tls.T[2][2] 
_pdbx_refine_tls.T[3][3] 
_pdbx_refine_tls.T[1][2] 
_pdbx_refine_tls.T[1][3] 
_pdbx_refine_tls.T[2][3] 
_pdbx_refine_tls.L[1][1] 
_pdbx_refine_tls.L[2][2] 
_pdbx_refine_tls.L[3][3] 
_pdbx_refine_tls.L[1][2] 
_pdbx_refine_tls.L[1][3] 
_pdbx_refine_tls.L[2][3] 
_pdbx_refine_tls.S[1][1] 
_pdbx_refine_tls.S[1][2] 
_pdbx_refine_tls.S[1][3] 
_pdbx_refine_tls.S[2][1] 
_pdbx_refine_tls.S[2][2] 
_pdbx_refine_tls.S[2][3] 
_pdbx_refine_tls.S[3][1] 
_pdbx_refine_tls.S[3][2] 
_pdbx_refine_tls.S[3][3] 
'X-RAY DIFFRACTION' 1 ? refined 2.8904  16.7638 1.7942  -0.2068 -0.1211 -0.3297 -0.2803 -0.1283 0.0305  5.1056 6.6546 12.0180 -0.7835 2.6002 -2.0353  0.0308  0.1266  0.7221  0.2024  -0.1245 0.2965  -1.0002 0.2780  0.0937  
'X-RAY DIFFRACTION' 2 ? refined 1.3852  -4.9431 -2.7839 0.3262  0.0378  -0.0756 -0.0838 -0.0744 -0.0959 7.0697 3.5299 7.7969  1.8533  3.3076 -1.1673  0.2029  0.5107  -1.7010 -0.6259 0.0620  -0.5536 1.9273  0.6536  -0.2649 
'X-RAY DIFFRACTION' 3 ? refined -3.5820 -3.1780 4.5162  -0.0068 -0.0941 -0.2956 -0.2401 -0.0710 0.0113  5.1272 8.1626 23.7646 -4.2391 6.7582 -12.6129 -0.1189 -0.2792 -0.4017 -0.5271 0.1942  0.0913  1.5731  -0.3121 -0.0752 
# 
loop_
_pdbx_refine_tls_group.pdbx_refine_id 
_pdbx_refine_tls_group.id 
_pdbx_refine_tls_group.refine_tls_id 
_pdbx_refine_tls_group.beg_auth_asym_id 
_pdbx_refine_tls_group.beg_auth_seq_id 
_pdbx_refine_tls_group.beg_label_asym_id 
_pdbx_refine_tls_group.beg_label_seq_id 
_pdbx_refine_tls_group.end_auth_asym_id 
_pdbx_refine_tls_group.end_auth_seq_id 
_pdbx_refine_tls_group.end_label_asym_id 
_pdbx_refine_tls_group.end_label_seq_id 
_pdbx_refine_tls_group.selection 
_pdbx_refine_tls_group.selection_details 
'X-RAY DIFFRACTION' 1 1 A 5   ? ? A 26  ? ? ? ? 
'X-RAY DIFFRACTION' 2 2 A 27  ? ? A 95  ? ? ? ? 
'X-RAY DIFFRACTION' 3 3 A 103 ? ? A 138 ? ? ? ? 
# 
loop_
_pdbx_unobs_or_zero_occ_residues.id 
_pdbx_unobs_or_zero_occ_residues.PDB_model_num 
_pdbx_unobs_or_zero_occ_residues.polymer_flag 
_pdbx_unobs_or_zero_occ_residues.occupancy_flag 
_pdbx_unobs_or_zero_occ_residues.auth_asym_id 
_pdbx_unobs_or_zero_occ_residues.auth_comp_id 
_pdbx_unobs_or_zero_occ_residues.auth_seq_id 
_pdbx_unobs_or_zero_occ_residues.PDB_ins_code 
_pdbx_unobs_or_zero_occ_residues.label_asym_id 
_pdbx_unobs_or_zero_occ_residues.label_comp_id 
_pdbx_unobs_or_zero_occ_residues.label_seq_id 
1  1 Y 1 A GLY -1  ? A GLY 1   
2  1 Y 1 A ALA 0   ? A ALA 2   
3  1 Y 1 A MET 1   ? A MET 3   
4  1 Y 1 A ALA 2   ? A ALA 4   
5  1 Y 1 A ALA 3   ? A ALA 5   
6  1 Y 1 A GLU 4   ? A GLU 6   
7  1 Y 1 A TYR 96  ? A TYR 98  
8  1 Y 1 A ASP 97  ? A ASP 99  
9  1 Y 1 A GLY 98  ? A GLY 100 
10 1 Y 1 A SER 99  ? A SER 101 
11 1 Y 1 A GLY 100 ? A GLY 102 
12 1 Y 1 A VAL 101 ? A VAL 103 
13 1 Y 1 A GLU 102 ? A GLU 104 
14 1 Y 1 A ALA 139 ? A ALA 141 
15 1 Y 1 A ALA 140 ? A ALA 142 
16 1 Y 1 A GLU 141 ? A GLU 143 
17 1 Y 1 A ALA 142 ? A ALA 144 
18 1 Y 1 A ARG 143 ? A ARG 145 
19 1 Y 1 A VAL 144 ? A VAL 146 
20 1 Y 1 A GLU 145 ? A GLU 147 
21 1 Y 1 A GLU 146 ? A GLU 148 
22 1 Y 1 A LEU 147 ? A LEU 149 
# 
loop_
_chem_comp_atom.comp_id 
_chem_comp_atom.atom_id 
_chem_comp_atom.type_symbol 
_chem_comp_atom.pdbx_aromatic_flag 
_chem_comp_atom.pdbx_stereo_config 
_chem_comp_atom.pdbx_ordinal 
ALA N    N  N N 1   
ALA CA   C  N S 2   
ALA C    C  N N 3   
ALA O    O  N N 4   
ALA CB   C  N N 5   
ALA OXT  O  N N 6   
ALA H    H  N N 7   
ALA H2   H  N N 8   
ALA HA   H  N N 9   
ALA HB1  H  N N 10  
ALA HB2  H  N N 11  
ALA HB3  H  N N 12  
ALA HXT  H  N N 13  
ARG N    N  N N 14  
ARG CA   C  N S 15  
ARG C    C  N N 16  
ARG O    O  N N 17  
ARG CB   C  N N 18  
ARG CG   C  N N 19  
ARG CD   C  N N 20  
ARG NE   N  N N 21  
ARG CZ   C  N N 22  
ARG NH1  N  N N 23  
ARG NH2  N  N N 24  
ARG OXT  O  N N 25  
ARG H    H  N N 26  
ARG H2   H  N N 27  
ARG HA   H  N N 28  
ARG HB2  H  N N 29  
ARG HB3  H  N N 30  
ARG HG2  H  N N 31  
ARG HG3  H  N N 32  
ARG HD2  H  N N 33  
ARG HD3  H  N N 34  
ARG HE   H  N N 35  
ARG HH11 H  N N 36  
ARG HH12 H  N N 37  
ARG HH21 H  N N 38  
ARG HH22 H  N N 39  
ARG HXT  H  N N 40  
ASN N    N  N N 41  
ASN CA   C  N S 42  
ASN C    C  N N 43  
ASN O    O  N N 44  
ASN CB   C  N N 45  
ASN CG   C  N N 46  
ASN OD1  O  N N 47  
ASN ND2  N  N N 48  
ASN OXT  O  N N 49  
ASN H    H  N N 50  
ASN H2   H  N N 51  
ASN HA   H  N N 52  
ASN HB2  H  N N 53  
ASN HB3  H  N N 54  
ASN HD21 H  N N 55  
ASN HD22 H  N N 56  
ASN HXT  H  N N 57  
ASP N    N  N N 58  
ASP CA   C  N S 59  
ASP C    C  N N 60  
ASP O    O  N N 61  
ASP CB   C  N N 62  
ASP CG   C  N N 63  
ASP OD1  O  N N 64  
ASP OD2  O  N N 65  
ASP OXT  O  N N 66  
ASP H    H  N N 67  
ASP H2   H  N N 68  
ASP HA   H  N N 69  
ASP HB2  H  N N 70  
ASP HB3  H  N N 71  
ASP HD2  H  N N 72  
ASP HXT  H  N N 73  
GLN N    N  N N 74  
GLN CA   C  N S 75  
GLN C    C  N N 76  
GLN O    O  N N 77  
GLN CB   C  N N 78  
GLN CG   C  N N 79  
GLN CD   C  N N 80  
GLN OE1  O  N N 81  
GLN NE2  N  N N 82  
GLN OXT  O  N N 83  
GLN H    H  N N 84  
GLN H2   H  N N 85  
GLN HA   H  N N 86  
GLN HB2  H  N N 87  
GLN HB3  H  N N 88  
GLN HG2  H  N N 89  
GLN HG3  H  N N 90  
GLN HE21 H  N N 91  
GLN HE22 H  N N 92  
GLN HXT  H  N N 93  
GLU N    N  N N 94  
GLU CA   C  N S 95  
GLU C    C  N N 96  
GLU O    O  N N 97  
GLU CB   C  N N 98  
GLU CG   C  N N 99  
GLU CD   C  N N 100 
GLU OE1  O  N N 101 
GLU OE2  O  N N 102 
GLU OXT  O  N N 103 
GLU H    H  N N 104 
GLU H2   H  N N 105 
GLU HA   H  N N 106 
GLU HB2  H  N N 107 
GLU HB3  H  N N 108 
GLU HG2  H  N N 109 
GLU HG3  H  N N 110 
GLU HE2  H  N N 111 
GLU HXT  H  N N 112 
GLY N    N  N N 113 
GLY CA   C  N N 114 
GLY C    C  N N 115 
GLY O    O  N N 116 
GLY OXT  O  N N 117 
GLY H    H  N N 118 
GLY H2   H  N N 119 
GLY HA2  H  N N 120 
GLY HA3  H  N N 121 
GLY HXT  H  N N 122 
HIS N    N  N N 123 
HIS CA   C  N S 124 
HIS C    C  N N 125 
HIS O    O  N N 126 
HIS CB   C  N N 127 
HIS CG   C  Y N 128 
HIS ND1  N  Y N 129 
HIS CD2  C  Y N 130 
HIS CE1  C  Y N 131 
HIS NE2  N  Y N 132 
HIS OXT  O  N N 133 
HIS H    H  N N 134 
HIS H2   H  N N 135 
HIS HA   H  N N 136 
HIS HB2  H  N N 137 
HIS HB3  H  N N 138 
HIS HD1  H  N N 139 
HIS HD2  H  N N 140 
HIS HE1  H  N N 141 
HIS HE2  H  N N 142 
HIS HXT  H  N N 143 
HOH O    O  N N 144 
HOH H1   H  N N 145 
HOH H2   H  N N 146 
ILE N    N  N N 147 
ILE CA   C  N S 148 
ILE C    C  N N 149 
ILE O    O  N N 150 
ILE CB   C  N S 151 
ILE CG1  C  N N 152 
ILE CG2  C  N N 153 
ILE CD1  C  N N 154 
ILE OXT  O  N N 155 
ILE H    H  N N 156 
ILE H2   H  N N 157 
ILE HA   H  N N 158 
ILE HB   H  N N 159 
ILE HG12 H  N N 160 
ILE HG13 H  N N 161 
ILE HG21 H  N N 162 
ILE HG22 H  N N 163 
ILE HG23 H  N N 164 
ILE HD11 H  N N 165 
ILE HD12 H  N N 166 
ILE HD13 H  N N 167 
ILE HXT  H  N N 168 
LEU N    N  N N 169 
LEU CA   C  N S 170 
LEU C    C  N N 171 
LEU O    O  N N 172 
LEU CB   C  N N 173 
LEU CG   C  N N 174 
LEU CD1  C  N N 175 
LEU CD2  C  N N 176 
LEU OXT  O  N N 177 
LEU H    H  N N 178 
LEU H2   H  N N 179 
LEU HA   H  N N 180 
LEU HB2  H  N N 181 
LEU HB3  H  N N 182 
LEU HG   H  N N 183 
LEU HD11 H  N N 184 
LEU HD12 H  N N 185 
LEU HD13 H  N N 186 
LEU HD21 H  N N 187 
LEU HD22 H  N N 188 
LEU HD23 H  N N 189 
LEU HXT  H  N N 190 
LYS N    N  N N 191 
LYS CA   C  N S 192 
LYS C    C  N N 193 
LYS O    O  N N 194 
LYS CB   C  N N 195 
LYS CG   C  N N 196 
LYS CD   C  N N 197 
LYS CE   C  N N 198 
LYS NZ   N  N N 199 
LYS OXT  O  N N 200 
LYS H    H  N N 201 
LYS H2   H  N N 202 
LYS HA   H  N N 203 
LYS HB2  H  N N 204 
LYS HB3  H  N N 205 
LYS HG2  H  N N 206 
LYS HG3  H  N N 207 
LYS HD2  H  N N 208 
LYS HD3  H  N N 209 
LYS HE2  H  N N 210 
LYS HE3  H  N N 211 
LYS HZ1  H  N N 212 
LYS HZ2  H  N N 213 
LYS HZ3  H  N N 214 
LYS HXT  H  N N 215 
MET N    N  N N 216 
MET CA   C  N S 217 
MET C    C  N N 218 
MET O    O  N N 219 
MET CB   C  N N 220 
MET CG   C  N N 221 
MET SD   S  N N 222 
MET CE   C  N N 223 
MET OXT  O  N N 224 
MET H    H  N N 225 
MET H2   H  N N 226 
MET HA   H  N N 227 
MET HB2  H  N N 228 
MET HB3  H  N N 229 
MET HG2  H  N N 230 
MET HG3  H  N N 231 
MET HE1  H  N N 232 
MET HE2  H  N N 233 
MET HE3  H  N N 234 
MET HXT  H  N N 235 
MSE N    N  N N 236 
MSE CA   C  N S 237 
MSE C    C  N N 238 
MSE O    O  N N 239 
MSE OXT  O  N N 240 
MSE CB   C  N N 241 
MSE CG   C  N N 242 
MSE SE   SE N N 243 
MSE CE   C  N N 244 
MSE H    H  N N 245 
MSE H2   H  N N 246 
MSE HA   H  N N 247 
MSE HXT  H  N N 248 
MSE HB2  H  N N 249 
MSE HB3  H  N N 250 
MSE HG2  H  N N 251 
MSE HG3  H  N N 252 
MSE HE1  H  N N 253 
MSE HE2  H  N N 254 
MSE HE3  H  N N 255 
PHE N    N  N N 256 
PHE CA   C  N S 257 
PHE C    C  N N 258 
PHE O    O  N N 259 
PHE CB   C  N N 260 
PHE CG   C  Y N 261 
PHE CD1  C  Y N 262 
PHE CD2  C  Y N 263 
PHE CE1  C  Y N 264 
PHE CE2  C  Y N 265 
PHE CZ   C  Y N 266 
PHE OXT  O  N N 267 
PHE H    H  N N 268 
PHE H2   H  N N 269 
PHE HA   H  N N 270 
PHE HB2  H  N N 271 
PHE HB3  H  N N 272 
PHE HD1  H  N N 273 
PHE HD2  H  N N 274 
PHE HE1  H  N N 275 
PHE HE2  H  N N 276 
PHE HZ   H  N N 277 
PHE HXT  H  N N 278 
PRO N    N  N N 279 
PRO CA   C  N S 280 
PRO C    C  N N 281 
PRO O    O  N N 282 
PRO CB   C  N N 283 
PRO CG   C  N N 284 
PRO CD   C  N N 285 
PRO OXT  O  N N 286 
PRO H    H  N N 287 
PRO HA   H  N N 288 
PRO HB2  H  N N 289 
PRO HB3  H  N N 290 
PRO HG2  H  N N 291 
PRO HG3  H  N N 292 
PRO HD2  H  N N 293 
PRO HD3  H  N N 294 
PRO HXT  H  N N 295 
SER N    N  N N 296 
SER CA   C  N S 297 
SER C    C  N N 298 
SER O    O  N N 299 
SER CB   C  N N 300 
SER OG   O  N N 301 
SER OXT  O  N N 302 
SER H    H  N N 303 
SER H2   H  N N 304 
SER HA   H  N N 305 
SER HB2  H  N N 306 
SER HB3  H  N N 307 
SER HG   H  N N 308 
SER HXT  H  N N 309 
THR N    N  N N 310 
THR CA   C  N S 311 
THR C    C  N N 312 
THR O    O  N N 313 
THR CB   C  N R 314 
THR OG1  O  N N 315 
THR CG2  C  N N 316 
THR OXT  O  N N 317 
THR H    H  N N 318 
THR H2   H  N N 319 
THR HA   H  N N 320 
THR HB   H  N N 321 
THR HG1  H  N N 322 
THR HG21 H  N N 323 
THR HG22 H  N N 324 
THR HG23 H  N N 325 
THR HXT  H  N N 326 
TRP N    N  N N 327 
TRP CA   C  N S 328 
TRP C    C  N N 329 
TRP O    O  N N 330 
TRP CB   C  N N 331 
TRP CG   C  Y N 332 
TRP CD1  C  Y N 333 
TRP CD2  C  Y N 334 
TRP NE1  N  Y N 335 
TRP CE2  C  Y N 336 
TRP CE3  C  Y N 337 
TRP CZ2  C  Y N 338 
TRP CZ3  C  Y N 339 
TRP CH2  C  Y N 340 
TRP OXT  O  N N 341 
TRP H    H  N N 342 
TRP H2   H  N N 343 
TRP HA   H  N N 344 
TRP HB2  H  N N 345 
TRP HB3  H  N N 346 
TRP HD1  H  N N 347 
TRP HE1  H  N N 348 
TRP HE3  H  N N 349 
TRP HZ2  H  N N 350 
TRP HZ3  H  N N 351 
TRP HH2  H  N N 352 
TRP HXT  H  N N 353 
TYR N    N  N N 354 
TYR CA   C  N S 355 
TYR C    C  N N 356 
TYR O    O  N N 357 
TYR CB   C  N N 358 
TYR CG   C  Y N 359 
TYR CD1  C  Y N 360 
TYR CD2  C  Y N 361 
TYR CE1  C  Y N 362 
TYR CE2  C  Y N 363 
TYR CZ   C  Y N 364 
TYR OH   O  N N 365 
TYR OXT  O  N N 366 
TYR H    H  N N 367 
TYR H2   H  N N 368 
TYR HA   H  N N 369 
TYR HB2  H  N N 370 
TYR HB3  H  N N 371 
TYR HD1  H  N N 372 
TYR HD2  H  N N 373 
TYR HE1  H  N N 374 
TYR HE2  H  N N 375 
TYR HH   H  N N 376 
TYR HXT  H  N N 377 
VAL N    N  N N 378 
VAL CA   C  N S 379 
VAL C    C  N N 380 
VAL O    O  N N 381 
VAL CB   C  N N 382 
VAL CG1  C  N N 383 
VAL CG2  C  N N 384 
VAL OXT  O  N N 385 
VAL H    H  N N 386 
VAL H2   H  N N 387 
VAL HA   H  N N 388 
VAL HB   H  N N 389 
VAL HG11 H  N N 390 
VAL HG12 H  N N 391 
VAL HG13 H  N N 392 
VAL HG21 H  N N 393 
VAL HG22 H  N N 394 
VAL HG23 H  N N 395 
VAL HXT  H  N N 396 
# 
loop_
_chem_comp_bond.comp_id 
_chem_comp_bond.atom_id_1 
_chem_comp_bond.atom_id_2 
_chem_comp_bond.value_order 
_chem_comp_bond.pdbx_aromatic_flag 
_chem_comp_bond.pdbx_stereo_config 
_chem_comp_bond.pdbx_ordinal 
ALA N   CA   sing N N 1   
ALA N   H    sing N N 2   
ALA N   H2   sing N N 3   
ALA CA  C    sing N N 4   
ALA CA  CB   sing N N 5   
ALA CA  HA   sing N N 6   
ALA C   O    doub N N 7   
ALA C   OXT  sing N N 8   
ALA CB  HB1  sing N N 9   
ALA CB  HB2  sing N N 10  
ALA CB  HB3  sing N N 11  
ALA OXT HXT  sing N N 12  
ARG N   CA   sing N N 13  
ARG N   H    sing N N 14  
ARG N   H2   sing N N 15  
ARG CA  C    sing N N 16  
ARG CA  CB   sing N N 17  
ARG CA  HA   sing N N 18  
ARG C   O    doub N N 19  
ARG C   OXT  sing N N 20  
ARG CB  CG   sing N N 21  
ARG CB  HB2  sing N N 22  
ARG CB  HB3  sing N N 23  
ARG CG  CD   sing N N 24  
ARG CG  HG2  sing N N 25  
ARG CG  HG3  sing N N 26  
ARG CD  NE   sing N N 27  
ARG CD  HD2  sing N N 28  
ARG CD  HD3  sing N N 29  
ARG NE  CZ   sing N N 30  
ARG NE  HE   sing N N 31  
ARG CZ  NH1  sing N N 32  
ARG CZ  NH2  doub N N 33  
ARG NH1 HH11 sing N N 34  
ARG NH1 HH12 sing N N 35  
ARG NH2 HH21 sing N N 36  
ARG NH2 HH22 sing N N 37  
ARG OXT HXT  sing N N 38  
ASN N   CA   sing N N 39  
ASN N   H    sing N N 40  
ASN N   H2   sing N N 41  
ASN CA  C    sing N N 42  
ASN CA  CB   sing N N 43  
ASN CA  HA   sing N N 44  
ASN C   O    doub N N 45  
ASN C   OXT  sing N N 46  
ASN CB  CG   sing N N 47  
ASN CB  HB2  sing N N 48  
ASN CB  HB3  sing N N 49  
ASN CG  OD1  doub N N 50  
ASN CG  ND2  sing N N 51  
ASN ND2 HD21 sing N N 52  
ASN ND2 HD22 sing N N 53  
ASN OXT HXT  sing N N 54  
ASP N   CA   sing N N 55  
ASP N   H    sing N N 56  
ASP N   H2   sing N N 57  
ASP CA  C    sing N N 58  
ASP CA  CB   sing N N 59  
ASP CA  HA   sing N N 60  
ASP C   O    doub N N 61  
ASP C   OXT  sing N N 62  
ASP CB  CG   sing N N 63  
ASP CB  HB2  sing N N 64  
ASP CB  HB3  sing N N 65  
ASP CG  OD1  doub N N 66  
ASP CG  OD2  sing N N 67  
ASP OD2 HD2  sing N N 68  
ASP OXT HXT  sing N N 69  
GLN N   CA   sing N N 70  
GLN N   H    sing N N 71  
GLN N   H2   sing N N 72  
GLN CA  C    sing N N 73  
GLN CA  CB   sing N N 74  
GLN CA  HA   sing N N 75  
GLN C   O    doub N N 76  
GLN C   OXT  sing N N 77  
GLN CB  CG   sing N N 78  
GLN CB  HB2  sing N N 79  
GLN CB  HB3  sing N N 80  
GLN CG  CD   sing N N 81  
GLN CG  HG2  sing N N 82  
GLN CG  HG3  sing N N 83  
GLN CD  OE1  doub N N 84  
GLN CD  NE2  sing N N 85  
GLN NE2 HE21 sing N N 86  
GLN NE2 HE22 sing N N 87  
GLN OXT HXT  sing N N 88  
GLU N   CA   sing N N 89  
GLU N   H    sing N N 90  
GLU N   H2   sing N N 91  
GLU CA  C    sing N N 92  
GLU CA  CB   sing N N 93  
GLU CA  HA   sing N N 94  
GLU C   O    doub N N 95  
GLU C   OXT  sing N N 96  
GLU CB  CG   sing N N 97  
GLU CB  HB2  sing N N 98  
GLU CB  HB3  sing N N 99  
GLU CG  CD   sing N N 100 
GLU CG  HG2  sing N N 101 
GLU CG  HG3  sing N N 102 
GLU CD  OE1  doub N N 103 
GLU CD  OE2  sing N N 104 
GLU OE2 HE2  sing N N 105 
GLU OXT HXT  sing N N 106 
GLY N   CA   sing N N 107 
GLY N   H    sing N N 108 
GLY N   H2   sing N N 109 
GLY CA  C    sing N N 110 
GLY CA  HA2  sing N N 111 
GLY CA  HA3  sing N N 112 
GLY C   O    doub N N 113 
GLY C   OXT  sing N N 114 
GLY OXT HXT  sing N N 115 
HIS N   CA   sing N N 116 
HIS N   H    sing N N 117 
HIS N   H2   sing N N 118 
HIS CA  C    sing N N 119 
HIS CA  CB   sing N N 120 
HIS CA  HA   sing N N 121 
HIS C   O    doub N N 122 
HIS C   OXT  sing N N 123 
HIS CB  CG   sing N N 124 
HIS CB  HB2  sing N N 125 
HIS CB  HB3  sing N N 126 
HIS CG  ND1  sing Y N 127 
HIS CG  CD2  doub Y N 128 
HIS ND1 CE1  doub Y N 129 
HIS ND1 HD1  sing N N 130 
HIS CD2 NE2  sing Y N 131 
HIS CD2 HD2  sing N N 132 
HIS CE1 NE2  sing Y N 133 
HIS CE1 HE1  sing N N 134 
HIS NE2 HE2  sing N N 135 
HIS OXT HXT  sing N N 136 
HOH O   H1   sing N N 137 
HOH O   H2   sing N N 138 
ILE N   CA   sing N N 139 
ILE N   H    sing N N 140 
ILE N   H2   sing N N 141 
ILE CA  C    sing N N 142 
ILE CA  CB   sing N N 143 
ILE CA  HA   sing N N 144 
ILE C   O    doub N N 145 
ILE C   OXT  sing N N 146 
ILE CB  CG1  sing N N 147 
ILE CB  CG2  sing N N 148 
ILE CB  HB   sing N N 149 
ILE CG1 CD1  sing N N 150 
ILE CG1 HG12 sing N N 151 
ILE CG1 HG13 sing N N 152 
ILE CG2 HG21 sing N N 153 
ILE CG2 HG22 sing N N 154 
ILE CG2 HG23 sing N N 155 
ILE CD1 HD11 sing N N 156 
ILE CD1 HD12 sing N N 157 
ILE CD1 HD13 sing N N 158 
ILE OXT HXT  sing N N 159 
LEU N   CA   sing N N 160 
LEU N   H    sing N N 161 
LEU N   H2   sing N N 162 
LEU CA  C    sing N N 163 
LEU CA  CB   sing N N 164 
LEU CA  HA   sing N N 165 
LEU C   O    doub N N 166 
LEU C   OXT  sing N N 167 
LEU CB  CG   sing N N 168 
LEU CB  HB2  sing N N 169 
LEU CB  HB3  sing N N 170 
LEU CG  CD1  sing N N 171 
LEU CG  CD2  sing N N 172 
LEU CG  HG   sing N N 173 
LEU CD1 HD11 sing N N 174 
LEU CD1 HD12 sing N N 175 
LEU CD1 HD13 sing N N 176 
LEU CD2 HD21 sing N N 177 
LEU CD2 HD22 sing N N 178 
LEU CD2 HD23 sing N N 179 
LEU OXT HXT  sing N N 180 
LYS N   CA   sing N N 181 
LYS N   H    sing N N 182 
LYS N   H2   sing N N 183 
LYS CA  C    sing N N 184 
LYS CA  CB   sing N N 185 
LYS CA  HA   sing N N 186 
LYS C   O    doub N N 187 
LYS C   OXT  sing N N 188 
LYS CB  CG   sing N N 189 
LYS CB  HB2  sing N N 190 
LYS CB  HB3  sing N N 191 
LYS CG  CD   sing N N 192 
LYS CG  HG2  sing N N 193 
LYS CG  HG3  sing N N 194 
LYS CD  CE   sing N N 195 
LYS CD  HD2  sing N N 196 
LYS CD  HD3  sing N N 197 
LYS CE  NZ   sing N N 198 
LYS CE  HE2  sing N N 199 
LYS CE  HE3  sing N N 200 
LYS NZ  HZ1  sing N N 201 
LYS NZ  HZ2  sing N N 202 
LYS NZ  HZ3  sing N N 203 
LYS OXT HXT  sing N N 204 
MET N   CA   sing N N 205 
MET N   H    sing N N 206 
MET N   H2   sing N N 207 
MET CA  C    sing N N 208 
MET CA  CB   sing N N 209 
MET CA  HA   sing N N 210 
MET C   O    doub N N 211 
MET C   OXT  sing N N 212 
MET CB  CG   sing N N 213 
MET CB  HB2  sing N N 214 
MET CB  HB3  sing N N 215 
MET CG  SD   sing N N 216 
MET CG  HG2  sing N N 217 
MET CG  HG3  sing N N 218 
MET SD  CE   sing N N 219 
MET CE  HE1  sing N N 220 
MET CE  HE2  sing N N 221 
MET CE  HE3  sing N N 222 
MET OXT HXT  sing N N 223 
MSE N   CA   sing N N 224 
MSE N   H    sing N N 225 
MSE N   H2   sing N N 226 
MSE CA  C    sing N N 227 
MSE CA  CB   sing N N 228 
MSE CA  HA   sing N N 229 
MSE C   O    doub N N 230 
MSE C   OXT  sing N N 231 
MSE OXT HXT  sing N N 232 
MSE CB  CG   sing N N 233 
MSE CB  HB2  sing N N 234 
MSE CB  HB3  sing N N 235 
MSE CG  SE   sing N N 236 
MSE CG  HG2  sing N N 237 
MSE CG  HG3  sing N N 238 
MSE SE  CE   sing N N 239 
MSE CE  HE1  sing N N 240 
MSE CE  HE2  sing N N 241 
MSE CE  HE3  sing N N 242 
PHE N   CA   sing N N 243 
PHE N   H    sing N N 244 
PHE N   H2   sing N N 245 
PHE CA  C    sing N N 246 
PHE CA  CB   sing N N 247 
PHE CA  HA   sing N N 248 
PHE C   O    doub N N 249 
PHE C   OXT  sing N N 250 
PHE CB  CG   sing N N 251 
PHE CB  HB2  sing N N 252 
PHE CB  HB3  sing N N 253 
PHE CG  CD1  doub Y N 254 
PHE CG  CD2  sing Y N 255 
PHE CD1 CE1  sing Y N 256 
PHE CD1 HD1  sing N N 257 
PHE CD2 CE2  doub Y N 258 
PHE CD2 HD2  sing N N 259 
PHE CE1 CZ   doub Y N 260 
PHE CE1 HE1  sing N N 261 
PHE CE2 CZ   sing Y N 262 
PHE CE2 HE2  sing N N 263 
PHE CZ  HZ   sing N N 264 
PHE OXT HXT  sing N N 265 
PRO N   CA   sing N N 266 
PRO N   CD   sing N N 267 
PRO N   H    sing N N 268 
PRO CA  C    sing N N 269 
PRO CA  CB   sing N N 270 
PRO CA  HA   sing N N 271 
PRO C   O    doub N N 272 
PRO C   OXT  sing N N 273 
PRO CB  CG   sing N N 274 
PRO CB  HB2  sing N N 275 
PRO CB  HB3  sing N N 276 
PRO CG  CD   sing N N 277 
PRO CG  HG2  sing N N 278 
PRO CG  HG3  sing N N 279 
PRO CD  HD2  sing N N 280 
PRO CD  HD3  sing N N 281 
PRO OXT HXT  sing N N 282 
SER N   CA   sing N N 283 
SER N   H    sing N N 284 
SER N   H2   sing N N 285 
SER CA  C    sing N N 286 
SER CA  CB   sing N N 287 
SER CA  HA   sing N N 288 
SER C   O    doub N N 289 
SER C   OXT  sing N N 290 
SER CB  OG   sing N N 291 
SER CB  HB2  sing N N 292 
SER CB  HB3  sing N N 293 
SER OG  HG   sing N N 294 
SER OXT HXT  sing N N 295 
THR N   CA   sing N N 296 
THR N   H    sing N N 297 
THR N   H2   sing N N 298 
THR CA  C    sing N N 299 
THR CA  CB   sing N N 300 
THR CA  HA   sing N N 301 
THR C   O    doub N N 302 
THR C   OXT  sing N N 303 
THR CB  OG1  sing N N 304 
THR CB  CG2  sing N N 305 
THR CB  HB   sing N N 306 
THR OG1 HG1  sing N N 307 
THR CG2 HG21 sing N N 308 
THR CG2 HG22 sing N N 309 
THR CG2 HG23 sing N N 310 
THR OXT HXT  sing N N 311 
TRP N   CA   sing N N 312 
TRP N   H    sing N N 313 
TRP N   H2   sing N N 314 
TRP CA  C    sing N N 315 
TRP CA  CB   sing N N 316 
TRP CA  HA   sing N N 317 
TRP C   O    doub N N 318 
TRP C   OXT  sing N N 319 
TRP CB  CG   sing N N 320 
TRP CB  HB2  sing N N 321 
TRP CB  HB3  sing N N 322 
TRP CG  CD1  doub Y N 323 
TRP CG  CD2  sing Y N 324 
TRP CD1 NE1  sing Y N 325 
TRP CD1 HD1  sing N N 326 
TRP CD2 CE2  doub Y N 327 
TRP CD2 CE3  sing Y N 328 
TRP NE1 CE2  sing Y N 329 
TRP NE1 HE1  sing N N 330 
TRP CE2 CZ2  sing Y N 331 
TRP CE3 CZ3  doub Y N 332 
TRP CE3 HE3  sing N N 333 
TRP CZ2 CH2  doub Y N 334 
TRP CZ2 HZ2  sing N N 335 
TRP CZ3 CH2  sing Y N 336 
TRP CZ3 HZ3  sing N N 337 
TRP CH2 HH2  sing N N 338 
TRP OXT HXT  sing N N 339 
TYR N   CA   sing N N 340 
TYR N   H    sing N N 341 
TYR N   H2   sing N N 342 
TYR CA  C    sing N N 343 
TYR CA  CB   sing N N 344 
TYR CA  HA   sing N N 345 
TYR C   O    doub N N 346 
TYR C   OXT  sing N N 347 
TYR CB  CG   sing N N 348 
TYR CB  HB2  sing N N 349 
TYR CB  HB3  sing N N 350 
TYR CG  CD1  doub Y N 351 
TYR CG  CD2  sing Y N 352 
TYR CD1 CE1  sing Y N 353 
TYR CD1 HD1  sing N N 354 
TYR CD2 CE2  doub Y N 355 
TYR CD2 HD2  sing N N 356 
TYR CE1 CZ   doub Y N 357 
TYR CE1 HE1  sing N N 358 
TYR CE2 CZ   sing Y N 359 
TYR CE2 HE2  sing N N 360 
TYR CZ  OH   sing N N 361 
TYR OH  HH   sing N N 362 
TYR OXT HXT  sing N N 363 
VAL N   CA   sing N N 364 
VAL N   H    sing N N 365 
VAL N   H2   sing N N 366 
VAL CA  C    sing N N 367 
VAL CA  CB   sing N N 368 
VAL CA  HA   sing N N 369 
VAL C   O    doub N N 370 
VAL C   OXT  sing N N 371 
VAL CB  CG1  sing N N 372 
VAL CB  CG2  sing N N 373 
VAL CB  HB   sing N N 374 
VAL CG1 HG11 sing N N 375 
VAL CG1 HG12 sing N N 376 
VAL CG1 HG13 sing N N 377 
VAL CG2 HG21 sing N N 378 
VAL CG2 HG22 sing N N 379 
VAL CG2 HG23 sing N N 380 
VAL OXT HXT  sing N N 381 
# 
_pdbx_initial_refinement_model.accession_code   ? 
_pdbx_initial_refinement_model.id               1 
_pdbx_initial_refinement_model.entity_id_list   ? 
_pdbx_initial_refinement_model.type             'experimental model' 
_pdbx_initial_refinement_model.source_name      Other 
_pdbx_initial_refinement_model.details          'MODEL BUILT FROM SELENIUM MAD' 
# 
_atom_sites.entry_id                    3K3D 
_atom_sites.fract_transf_matrix[1][1]   -0.01126781 
_atom_sites.fract_transf_matrix[1][2]   0.01450695 
_atom_sites.fract_transf_matrix[1][3]   0.00559353 
_atom_sites.fract_transf_matrix[2][1]   -0.01701291 
_atom_sites.fract_transf_matrix[2][2]   0.00275689 
_atom_sites.fract_transf_matrix[2][3]   -0.00846398 
_atom_sites.fract_transf_matrix[3][1]   -0.00251747 
_atom_sites.fract_transf_matrix[3][2]   -0.00347060 
_atom_sites.fract_transf_matrix[3][3]   0.00392978 
_atom_sites.fract_transf_vector[1]      0.345714 
_atom_sites.fract_transf_vector[2]      0.524248 
_atom_sites.fract_transf_vector[3]      0.245589 
# 
loop_
_atom_type.symbol 
C  
N  
O  
SE 
# 
loop_
_atom_site.group_PDB 
_atom_site.id 
_atom_site.type_symbol 
_atom_site.label_atom_id 
_atom_site.label_alt_id 
_atom_site.label_comp_id 
_atom_site.label_asym_id 
_atom_site.label_entity_id 
_atom_site.label_seq_id 
_atom_site.pdbx_PDB_ins_code 
_atom_site.Cartn_x 
_atom_site.Cartn_y 
_atom_site.Cartn_z 
_atom_site.occupancy 
_atom_site.B_iso_or_equiv 
_atom_site.pdbx_formal_charge 
_atom_site.auth_seq_id 
_atom_site.auth_comp_id 
_atom_site.auth_asym_id 
_atom_site.auth_atom_id 
_atom_site.pdbx_PDB_model_num 
HETATM 1    N  N   . MSE A 1 7   ? -9.579  23.109  -6.013  1.00 60.61 ? 5   MSE A N   1 
HETATM 2    C  CA  . MSE A 1 7   ? -8.691  23.063  -4.806  1.00 60.83 ? 5   MSE A CA  1 
HETATM 3    C  C   . MSE A 1 7   ? -7.260  23.493  -5.141  1.00 60.12 ? 5   MSE A C   1 
HETATM 4    O  O   . MSE A 1 7   ? -6.641  22.949  -6.061  1.00 60.50 ? 5   MSE A O   1 
HETATM 5    C  CB  . MSE A 1 7   ? -8.699  21.659  -4.174  1.00 60.52 ? 5   MSE A CB  1 
HETATM 6    C  CG  . MSE A 1 7   ? -7.841  21.539  -2.919  1.00 61.45 ? 5   MSE A CG  1 
HETATM 7    SE SE  . MSE A 1 7   ? -7.936  19.857  -1.920  0.80 62.38 ? 5   MSE A SE  1 
HETATM 8    C  CE  . MSE A 1 7   ? -7.045  18.674  -3.174  1.00 58.88 ? 5   MSE A CE  1 
ATOM   9    N  N   . ASP A 1 8   ? -6.742  24.476  -4.407  1.00 59.07 ? 6   ASP A N   1 
ATOM   10   C  CA  . ASP A 1 8   ? -5.333  24.838  -4.518  1.00 58.11 ? 6   ASP A CA  1 
ATOM   11   C  C   . ASP A 1 8   ? -4.567  23.869  -3.624  1.00 57.04 ? 6   ASP A C   1 
ATOM   12   O  O   . ASP A 1 8   ? -4.605  23.993  -2.398  1.00 56.97 ? 6   ASP A O   1 
ATOM   13   C  CB  . ASP A 1 8   ? -5.101  26.296  -4.091  1.00 58.15 ? 6   ASP A CB  1 
ATOM   14   C  CG  . ASP A 1 8   ? -3.651  26.769  -4.292  1.00 59.41 ? 6   ASP A CG  1 
ATOM   15   O  OD1 . ASP A 1 8   ? -2.711  25.947  -4.312  1.00 62.85 ? 6   ASP A OD1 1 
ATOM   16   O  OD2 . ASP A 1 8   ? -3.444  27.996  -4.414  1.00 63.54 ? 6   ASP A OD2 1 
ATOM   17   N  N   . TRP A 1 9   ? -3.884  22.904  -4.244  1.00 55.73 ? 7   TRP A N   1 
ATOM   18   C  CA  . TRP A 1 9   ? -3.181  21.837  -3.512  1.00 54.54 ? 7   TRP A CA  1 
ATOM   19   C  C   . TRP A 1 9   ? -2.107  22.333  -2.541  1.00 53.93 ? 7   TRP A C   1 
ATOM   20   O  O   . TRP A 1 9   ? -2.004  21.819  -1.433  1.00 53.85 ? 7   TRP A O   1 
ATOM   21   C  CB  . TRP A 1 9   ? -2.605  20.799  -4.479  1.00 53.65 ? 7   TRP A CB  1 
ATOM   22   C  CG  . TRP A 1 9   ? -3.639  19.831  -4.998  1.00 54.05 ? 7   TRP A CG  1 
ATOM   23   C  CD1 . TRP A 1 9   ? -4.756  20.139  -5.733  1.00 51.40 ? 7   TRP A CD1 1 
ATOM   24   C  CD2 . TRP A 1 9   ? -3.650  18.406  -4.835  1.00 47.06 ? 7   TRP A CD2 1 
ATOM   25   N  NE1 . TRP A 1 9   ? -5.448  19.005  -6.028  1.00 50.63 ? 7   TRP A NE1 1 
ATOM   26   C  CE2 . TRP A 1 9   ? -4.799  17.924  -5.488  1.00 47.78 ? 7   TRP A CE2 1 
ATOM   27   C  CE3 . TRP A 1 9   ? -2.797  17.490  -4.189  1.00 54.57 ? 7   TRP A CE3 1 
ATOM   28   C  CZ2 . TRP A 1 9   ? -5.134  16.556  -5.527  1.00 47.80 ? 7   TRP A CZ2 1 
ATOM   29   C  CZ3 . TRP A 1 9   ? -3.129  16.119  -4.223  1.00 51.96 ? 7   TRP A CZ3 1 
ATOM   30   C  CH2 . TRP A 1 9   ? -4.290  15.676  -4.891  1.00 53.17 ? 7   TRP A CH2 1 
ATOM   31   N  N   . ASP A 1 10  ? -1.320  23.327  -2.954  1.00 53.58 ? 8   ASP A N   1 
ATOM   32   C  CA  . ASP A 1 10  ? -0.276  23.914  -2.098  1.00 52.94 ? 8   ASP A CA  1 
ATOM   33   C  C   . ASP A 1 10  ? -0.852  24.504  -0.804  1.00 52.94 ? 8   ASP A C   1 
ATOM   34   O  O   . ASP A 1 10  ? -0.215  24.453  0.256   1.00 53.27 ? 8   ASP A O   1 
ATOM   35   C  CB  . ASP A 1 10  ? 0.504   25.012  -2.853  1.00 52.56 ? 8   ASP A CB  1 
ATOM   36   C  CG  . ASP A 1 10  ? 1.532   24.453  -3.846  1.00 53.36 ? 8   ASP A CG  1 
ATOM   37   O  OD1 . ASP A 1 10  ? 1.676   23.222  -3.985  1.00 56.35 ? 8   ASP A OD1 1 
ATOM   38   O  OD2 . ASP A 1 10  ? 2.210   25.262  -4.511  1.00 55.30 ? 8   ASP A OD2 1 
ATOM   39   N  N   . LYS A 1 11  ? -2.047  25.081  -0.897  1.00 53.06 ? 9   LYS A N   1 
ATOM   40   C  CA  . LYS A 1 11  ? -2.679  25.744  0.245   1.00 53.37 ? 9   LYS A CA  1 
ATOM   41   C  C   . LYS A 1 11  ? -3.521  24.806  1.106   1.00 53.49 ? 9   LYS A C   1 
ATOM   42   O  O   . LYS A 1 11  ? -3.665  25.026  2.315   1.00 53.52 ? 9   LYS A O   1 
ATOM   43   C  CB  . LYS A 1 11  ? -3.531  26.936  -0.218  1.00 53.56 ? 9   LYS A CB  1 
ATOM   44   C  CG  . LYS A 1 11  ? -2.722  28.186  -0.571  1.00 53.41 ? 9   LYS A CG  1 
ATOM   45   C  CD  . LYS A 1 11  ? -3.625  29.364  -0.903  1.00 53.69 ? 9   LYS A CD  1 
ATOM   46   C  CE  . LYS A 1 11  ? -2.804  30.585  -1.305  1.00 55.53 ? 9   LYS A CE  1 
ATOM   47   N  NZ  . LYS A 1 11  ? -3.650  31.774  -1.592  1.00 57.79 ? 9   LYS A NZ  1 
ATOM   48   N  N   . THR A 1 12  ? -4.076  23.764  0.490   1.00 53.28 ? 10  THR A N   1 
ATOM   49   C  CA  . THR A 1 12  ? -5.032  22.906  1.183   1.00 53.85 ? 10  THR A CA  1 
ATOM   50   C  C   . THR A 1 12  ? -4.439  21.565  1.609   1.00 53.42 ? 10  THR A C   1 
ATOM   51   O  O   . THR A 1 12  ? -4.834  21.006  2.630   1.00 53.83 ? 10  THR A O   1 
ATOM   52   C  CB  . THR A 1 12  ? -6.295  22.671  0.338   1.00 53.99 ? 10  THR A CB  1 
ATOM   53   O  OG1 . THR A 1 12  ? -5.919  22.056  -0.897  1.00 56.83 ? 10  THR A OG1 1 
ATOM   54   C  CG2 . THR A 1 12  ? -6.987  23.981  0.036   1.00 53.23 ? 10  THR A CG2 1 
ATOM   55   N  N   . VAL A 1 13  ? -3.496  21.053  0.829   1.00 53.00 ? 11  VAL A N   1 
ATOM   56   C  CA  . VAL A 1 13  ? -2.809  19.824  1.169   1.00 52.45 ? 11  VAL A CA  1 
ATOM   57   C  C   . VAL A 1 13  ? -1.437  20.179  1.722   1.00 53.67 ? 11  VAL A C   1 
ATOM   58   O  O   . VAL A 1 13  ? -1.070  19.724  2.802   1.00 53.51 ? 11  VAL A O   1 
ATOM   59   C  CB  . VAL A 1 13  ? -2.643  18.879  -0.048  1.00 52.83 ? 11  VAL A CB  1 
ATOM   60   C  CG1 . VAL A 1 13  ? -2.023  17.524  0.391   1.00 51.45 ? 11  VAL A CG1 1 
ATOM   61   C  CG2 . VAL A 1 13  ? -3.979  18.669  -0.782  1.00 49.69 ? 11  VAL A CG2 1 
ATOM   62   N  N   . GLY A 1 14  ? -0.693  21.000  0.980   1.00 54.10 ? 12  GLY A N   1 
ATOM   63   C  CA  . GLY A 1 14  ? 0.677   21.349  1.332   1.00 55.47 ? 12  GLY A CA  1 
ATOM   64   C  C   . GLY A 1 14  ? 1.552   21.330  0.094   1.00 56.11 ? 12  GLY A C   1 
ATOM   65   O  O   . GLY A 1 14  ? 1.145   20.776  -0.926  1.00 56.13 ? 12  GLY A O   1 
ATOM   66   N  N   . ALA A 1 15  ? 2.740   21.940  0.176   1.00 56.14 ? 13  ALA A N   1 
ATOM   67   C  CA  . ALA A 1 15  ? 3.673   21.946  -0.958  1.00 56.82 ? 13  ALA A CA  1 
ATOM   68   C  C   . ALA A 1 15  ? 4.188   20.537  -1.173  1.00 57.04 ? 13  ALA A C   1 
ATOM   69   O  O   . ALA A 1 15  ? 4.364   19.804  -0.220  1.00 57.54 ? 13  ALA A O   1 
ATOM   70   C  CB  . ALA A 1 15  ? 4.833   22.945  -0.741  1.00 56.35 ? 13  ALA A CB  1 
ATOM   71   N  N   . ALA A 1 16  ? 4.403   20.150  -2.426  1.00 57.67 ? 14  ALA A N   1 
ATOM   72   C  CA  . ALA A 1 16  ? 4.640   18.737  -2.752  1.00 57.69 ? 14  ALA A CA  1 
ATOM   73   C  C   . ALA A 1 16  ? 5.836   18.159  -1.993  1.00 57.43 ? 14  ALA A C   1 
ATOM   74   O  O   . ALA A 1 16  ? 5.761   17.046  -1.484  1.00 58.00 ? 14  ALA A O   1 
ATOM   75   C  CB  . ALA A 1 16  ? 4.791   18.544  -4.275  1.00 57.56 ? 14  ALA A CB  1 
ATOM   76   N  N   . GLU A 1 17  ? 6.927   18.922  -1.909  1.00 56.62 ? 15  GLU A N   1 
ATOM   77   C  CA  . GLU A 1 17  ? 8.145   18.491  -1.203  1.00 56.45 ? 15  GLU A CA  1 
ATOM   78   C  C   . GLU A 1 17  ? 7.917   18.263  0.282   1.00 55.94 ? 15  GLU A C   1 
ATOM   79   O  O   . GLU A 1 17  ? 8.493   17.341  0.877   1.00 55.78 ? 15  GLU A O   1 
ATOM   80   C  CB  . GLU A 1 17  ? 9.248   19.544  -1.334  1.00 55.52 ? 15  GLU A CB  1 
ATOM   81   C  CG  . GLU A 1 17  ? 9.887   19.611  -2.683  1.00 58.30 ? 15  GLU A CG  1 
ATOM   82   C  CD  . GLU A 1 17  ? 10.783  20.834  -2.838  1.00 60.17 ? 15  GLU A CD  1 
ATOM   83   O  OE1 . GLU A 1 17  ? 10.415  21.924  -2.332  1.00 57.39 ? 15  GLU A OE1 1 
ATOM   84   O  OE2 . GLU A 1 17  ? 11.859  20.699  -3.462  1.00 61.14 ? 15  GLU A OE2 1 
ATOM   85   N  N   . ASP A 1 18  ? 7.130   19.158  0.876   1.00 55.29 ? 16  ASP A N   1 
ATOM   86   C  CA  . ASP A 1 18  ? 6.867   19.134  2.292   1.00 55.88 ? 16  ASP A CA  1 
ATOM   87   C  C   . ASP A 1 18  ? 5.996   17.944  2.604   1.00 55.48 ? 16  ASP A C   1 
ATOM   88   O  O   . ASP A 1 18  ? 6.264   17.224  3.557   1.00 55.65 ? 16  ASP A O   1 
ATOM   89   C  CB  . ASP A 1 18  ? 6.145   20.399  2.732   1.00 56.19 ? 16  ASP A CB  1 
ATOM   90   C  CG  . ASP A 1 18  ? 7.061   21.595  2.845   1.00 58.39 ? 16  ASP A CG  1 
ATOM   91   O  OD1 . ASP A 1 18  ? 8.286   21.487  2.566   1.00 63.28 ? 16  ASP A OD1 1 
ATOM   92   O  OD2 . ASP A 1 18  ? 6.536   22.659  3.232   1.00 63.42 ? 16  ASP A OD2 1 
ATOM   93   N  N   . VAL A 1 19  ? 4.955   17.750  1.796   1.00 54.94 ? 17  VAL A N   1 
ATOM   94   C  CA  . VAL A 1 19  ? 4.053   16.649  1.999   1.00 55.10 ? 17  VAL A CA  1 
ATOM   95   C  C   . VAL A 1 19  ? 4.775   15.301  1.909   1.00 55.94 ? 17  VAL A C   1 
ATOM   96   O  O   . VAL A 1 19  ? 4.537   14.421  2.737   1.00 57.72 ? 17  VAL A O   1 
ATOM   97   C  CB  . VAL A 1 19  ? 2.849   16.667  1.011   1.00 54.99 ? 17  VAL A CB  1 
ATOM   98   C  CG1 . VAL A 1 19  ? 2.097   15.405  1.164   1.00 52.57 ? 17  VAL A CG1 1 
ATOM   99   C  CG2 . VAL A 1 19  ? 1.936   17.829  1.299   1.00 51.87 ? 17  VAL A CG2 1 
ATOM   100  N  N   . ARG A 1 20  ? 5.648   15.151  0.915   1.00 55.82 ? 18  ARG A N   1 
ATOM   101  C  CA  . ARG A 1 20  ? 6.452   13.944  0.771   1.00 55.39 ? 18  ARG A CA  1 
ATOM   102  C  C   . ARG A 1 20  ? 7.297   13.670  2.022   1.00 55.96 ? 18  ARG A C   1 
ATOM   103  O  O   . ARG A 1 20  ? 7.332   12.531  2.489   1.00 57.43 ? 18  ARG A O   1 
ATOM   104  C  CB  . ARG A 1 20  ? 7.336   14.000  -0.484  1.00 54.32 ? 18  ARG A CB  1 
ATOM   105  C  CG  . ARG A 1 20  ? 8.327   12.839  -0.539  1.00 56.78 ? 18  ARG A CG  1 
ATOM   106  C  CD  . ARG A 1 20  ? 9.159   12.771  -1.801  1.00 54.53 ? 18  ARG A CD  1 
ATOM   107  N  NE  . ARG A 1 20  ? 10.139  13.854  -1.882  1.00 54.88 ? 18  ARG A NE  1 
ATOM   108  C  CZ  . ARG A 1 20  ? 11.012  13.985  -2.878  1.00 56.61 ? 18  ARG A CZ  1 
ATOM   109  N  NH1 . ARG A 1 20  ? 11.032  13.101  -3.862  1.00 53.89 ? 18  ARG A NH1 1 
ATOM   110  N  NH2 . ARG A 1 20  ? 11.863  14.996  -2.892  1.00 52.26 ? 18  ARG A NH2 1 
ATOM   111  N  N   . ARG A 1 21  ? 7.957   14.699  2.556   1.00 55.35 ? 19  ARG A N   1 
ATOM   112  C  CA  . ARG A 1 21  ? 8.780   14.572  3.783   1.00 55.06 ? 19  ARG A CA  1 
ATOM   113  C  C   . ARG A 1 21  ? 7.944   14.104  4.985   1.00 56.07 ? 19  ARG A C   1 
ATOM   114  O  O   . ARG A 1 21  ? 8.419   13.303  5.791   1.00 56.67 ? 19  ARG A O   1 
ATOM   115  C  CB  . ARG A 1 21  ? 9.486   15.887  4.100   1.00 53.82 ? 19  ARG A CB  1 
ATOM   116  C  CG  . ARG A 1 21  ? 10.567  15.803  5.201   1.00 58.49 ? 19  ARG A CG  1 
ATOM   117  C  CD  . ARG A 1 21  ? 11.501  17.012  5.256   1.00 52.71 ? 19  ARG A CD  1 
ATOM   118  N  NE  . ARG A 1 21  ? 10.850  18.293  5.591   1.00 49.59 ? 19  ARG A NE  1 
ATOM   119  C  CZ  . ARG A 1 21  ? 10.366  19.150  4.682   1.00 51.35 ? 19  ARG A CZ  1 
ATOM   120  N  NH1 . ARG A 1 21  ? 10.449  18.849  3.356   1.00 52.61 ? 19  ARG A NH1 1 
ATOM   121  N  NH2 . ARG A 1 21  ? 9.800   20.309  5.081   1.00 54.58 ? 19  ARG A NH2 1 
ATOM   122  N  N   . ILE A 1 22  ? 6.707   14.599  5.094   1.00 55.99 ? 20  ILE A N   1 
ATOM   123  C  CA  . ILE A 1 22  ? 5.795   14.160  6.155   1.00 56.02 ? 20  ILE A CA  1 
ATOM   124  C  C   . ILE A 1 22  ? 5.349   12.722  5.928   1.00 56.88 ? 20  ILE A C   1 
ATOM   125  O  O   . ILE A 1 22  ? 5.381   11.930  6.856   1.00 58.36 ? 20  ILE A O   1 
ATOM   126  C  CB  . ILE A 1 22  ? 4.531   15.077  6.288   1.00 56.33 ? 20  ILE A CB  1 
ATOM   127  C  CG1 . ILE A 1 22  ? 4.916   16.543  6.545   1.00 51.49 ? 20  ILE A CG1 1 
ATOM   128  C  CG2 . ILE A 1 22  ? 3.531   14.513  7.324   1.00 54.38 ? 20  ILE A CG2 1 
ATOM   129  C  CD1 . ILE A 1 22  ? 5.648   16.781  7.870   1.00 51.59 ? 20  ILE A CD1 1 
ATOM   130  N  N   . PHE A 1 23  ? 4.906   12.406  4.710   1.00 56.65 ? 21  PHE A N   1 
ATOM   131  C  CA  . PHE A 1 23  ? 4.568   11.033  4.309   1.00 56.53 ? 21  PHE A CA  1 
ATOM   132  C  C   . PHE A 1 23  ? 5.675   10.040  4.710   1.00 56.55 ? 21  PHE A C   1 
ATOM   133  O  O   . PHE A 1 23  ? 5.408   9.029   5.381   1.00 56.40 ? 21  PHE A O   1 
ATOM   134  C  CB  . PHE A 1 23  ? 4.325   10.995  2.790   1.00 55.68 ? 21  PHE A CB  1 
ATOM   135  C  CG  . PHE A 1 23  ? 4.033   9.608   2.222   1.00 56.32 ? 21  PHE A CG  1 
ATOM   136  C  CD1 . PHE A 1 23  ? 2.715   9.169   2.045   1.00 55.14 ? 21  PHE A CD1 1 
ATOM   137  C  CD2 . PHE A 1 23  ? 5.064   8.770   1.808   1.00 55.86 ? 21  PHE A CD2 1 
ATOM   138  C  CE1 . PHE A 1 23  ? 2.443   7.918   1.500   1.00 54.56 ? 21  PHE A CE1 1 
ATOM   139  C  CE2 . PHE A 1 23  ? 4.783   7.497   1.234   1.00 55.08 ? 21  PHE A CE2 1 
ATOM   140  C  CZ  . PHE A 1 23  ? 3.488   7.080   1.105   1.00 52.28 ? 21  PHE A CZ  1 
ATOM   141  N  N   . GLU A 1 24  ? 6.898   10.312  4.258   1.00 56.84 ? 22  GLU A N   1 
ATOM   142  C  CA  . GLU A 1 24  ? 8.072   9.495   4.610   1.00 57.76 ? 22  GLU A CA  1 
ATOM   143  C  C   . GLU A 1 24  ? 8.135   9.142   6.080   1.00 57.60 ? 22  GLU A C   1 
ATOM   144  O  O   . GLU A 1 24  ? 8.533   8.034   6.446   1.00 58.54 ? 22  GLU A O   1 
ATOM   145  C  CB  . GLU A 1 24  ? 9.367   10.212  4.217   1.00 57.89 ? 22  GLU A CB  1 
ATOM   146  C  CG  . GLU A 1 24  ? 10.669  9.558   4.717   1.00 56.88 ? 22  GLU A CG  1 
ATOM   147  C  CD  . GLU A 1 24  ? 10.978  8.203   4.086   1.00 56.92 ? 22  GLU A CD  1 
ATOM   148  O  OE1 . GLU A 1 24  ? 10.175  7.672   3.281   1.00 52.10 ? 22  GLU A OE1 1 
ATOM   149  O  OE2 . GLU A 1 24  ? 12.037  7.649   4.421   1.00 56.51 ? 22  GLU A OE2 1 
ATOM   150  N  N   . HIS A 1 25  ? 7.735   10.088  6.924   1.00 57.50 ? 23  HIS A N   1 
ATOM   151  C  CA  . HIS A 1 25  ? 7.922   9.955   8.362   1.00 57.18 ? 23  HIS A CA  1 
ATOM   152  C  C   . HIS A 1 25  ? 6.678   9.552   9.140   1.00 57.29 ? 23  HIS A C   1 
ATOM   153  O  O   . HIS A 1 25  ? 6.743   9.374   10.348  1.00 57.52 ? 23  HIS A O   1 
ATOM   154  C  CB  . HIS A 1 25  ? 8.489   11.255  8.939   1.00 57.37 ? 23  HIS A CB  1 
ATOM   155  C  CG  . HIS A 1 25  ? 9.912   11.501  8.573   1.00 55.40 ? 23  HIS A CG  1 
ATOM   156  N  ND1 . HIS A 1 25  ? 10.959  11.129  9.390   1.00 55.83 ? 23  HIS A ND1 1 
ATOM   157  C  CD2 . HIS A 1 25  ? 10.468  12.080  7.481   1.00 53.23 ? 23  HIS A CD2 1 
ATOM   158  C  CE1 . HIS A 1 25  ? 12.100  11.479  8.821   1.00 57.64 ? 23  HIS A CE1 1 
ATOM   159  N  NE2 . HIS A 1 25  ? 11.831  12.055  7.662   1.00 56.54 ? 23  HIS A NE2 1 
ATOM   160  N  N   . ILE A 1 26  ? 5.547   9.408   8.460   1.00 57.04 ? 24  ILE A N   1 
ATOM   161  C  CA  . ILE A 1 26  ? 4.326   9.021   9.151   1.00 56.85 ? 24  ILE A CA  1 
ATOM   162  C  C   . ILE A 1 26  ? 4.557   7.703   9.893   1.00 56.74 ? 24  ILE A C   1 
ATOM   163  O  O   . ILE A 1 26  ? 5.096   6.745   9.317   1.00 57.12 ? 24  ILE A O   1 
ATOM   164  C  CB  . ILE A 1 26  ? 3.095   8.881   8.183   1.00 56.71 ? 24  ILE A CB  1 
ATOM   165  C  CG1 . ILE A 1 26  ? 2.608   10.255  7.680   1.00 54.90 ? 24  ILE A CG1 1 
ATOM   166  C  CG2 . ILE A 1 26  ? 1.953   8.174   8.892   1.00 54.53 ? 24  ILE A CG2 1 
ATOM   167  C  CD1 . ILE A 1 26  ? 2.168   11.245  8.830   1.00 50.85 ? 24  ILE A CD1 1 
ATOM   168  N  N   . PRO A 1 27  ? 4.141   7.639   11.167  1.00 56.31 ? 25  PRO A N   1 
ATOM   169  C  CA  . PRO A 1 27  ? 4.381   6.377   11.865  1.00 56.39 ? 25  PRO A CA  1 
ATOM   170  C  C   . PRO A 1 27  ? 3.305   5.326   11.561  1.00 55.92 ? 25  PRO A C   1 
ATOM   171  O  O   . PRO A 1 27  ? 2.544   4.940   12.440  1.00 56.22 ? 25  PRO A O   1 
ATOM   172  C  CB  . PRO A 1 27  ? 4.410   6.791   13.344  1.00 55.78 ? 25  PRO A CB  1 
ATOM   173  C  CG  . PRO A 1 27  ? 3.485   7.977   13.412  1.00 56.75 ? 25  PRO A CG  1 
ATOM   174  C  CD  . PRO A 1 27  ? 3.481   8.640   12.025  1.00 55.92 ? 25  PRO A CD  1 
ATOM   175  N  N   . ALA A 1 28  ? 3.261   4.891   10.305  1.00 55.88 ? 26  ALA A N   1 
ATOM   176  C  CA  . ALA A 1 28  ? 2.389   3.813   9.842   1.00 55.33 ? 26  ALA A CA  1 
ATOM   177  C  C   . ALA A 1 28  ? 2.872   3.404   8.466   1.00 54.98 ? 26  ALA A C   1 
ATOM   178  O  O   . ALA A 1 28  ? 3.375   4.246   7.718   1.00 55.26 ? 26  ALA A O   1 
ATOM   179  C  CB  . ALA A 1 28  ? 0.963   4.269   9.769   1.00 55.24 ? 26  ALA A CB  1 
ATOM   180  N  N   . ILE A 1 29  ? 2.730   2.120   8.130   1.00 54.19 ? 27  ILE A N   1 
ATOM   181  C  CA  . ILE A 1 29  ? 3.113   1.612   6.808   1.00 53.86 ? 27  ILE A CA  1 
ATOM   182  C  C   . ILE A 1 29  ? 2.172   2.173   5.759   1.00 53.93 ? 27  ILE A C   1 
ATOM   183  O  O   . ILE A 1 29  ? 0.973   1.925   5.790   1.00 54.36 ? 27  ILE A O   1 
ATOM   184  C  CB  . ILE A 1 29  ? 3.118   0.059   6.732   1.00 53.78 ? 27  ILE A CB  1 
ATOM   185  C  CG1 . ILE A 1 29  ? 4.178   -0.529  7.673   1.00 52.53 ? 27  ILE A CG1 1 
ATOM   186  C  CG2 . ILE A 1 29  ? 3.342   -0.423  5.286   1.00 52.80 ? 27  ILE A CG2 1 
ATOM   187  C  CD1 . ILE A 1 29  ? 3.861   -1.930  8.152   1.00 50.75 ? 27  ILE A CD1 1 
ATOM   188  N  N   . LEU A 1 30  ? 2.741   2.933   4.837   1.00 54.10 ? 28  LEU A N   1 
ATOM   189  C  CA  . LEU A 1 30  ? 1.998   3.629   3.791   1.00 53.78 ? 28  LEU A CA  1 
ATOM   190  C  C   . LEU A 1 30  ? 2.585   3.262   2.450   1.00 53.30 ? 28  LEU A C   1 
ATOM   191  O  O   . LEU A 1 30  ? 3.804   3.183   2.301   1.00 52.19 ? 28  LEU A O   1 
ATOM   192  C  CB  . LEU A 1 30  ? 2.120   5.129   4.005   1.00 54.48 ? 28  LEU A CB  1 
ATOM   193  C  CG  . LEU A 1 30  ? 1.050   5.936   4.749   1.00 54.58 ? 28  LEU A CG  1 
ATOM   194  C  CD1 . LEU A 1 30  ? 0.197   5.172   5.756   1.00 47.64 ? 28  LEU A CD1 1 
ATOM   195  C  CD2 . LEU A 1 30  ? 1.683   7.137   5.362   1.00 52.00 ? 28  LEU A CD2 1 
ATOM   196  N  N   . VAL A 1 31  ? 1.714   2.998   1.484   1.00 53.82 ? 29  VAL A N   1 
ATOM   197  C  CA  . VAL A 1 31  ? 2.150   2.648   0.133   1.00 54.31 ? 29  VAL A CA  1 
ATOM   198  C  C   . VAL A 1 31  ? 1.132   3.118   -0.906  1.00 54.49 ? 29  VAL A C   1 
ATOM   199  O  O   . VAL A 1 31  ? -0.062  3.003   -0.687  1.00 55.22 ? 29  VAL A O   1 
ATOM   200  C  CB  . VAL A 1 31  ? 2.484   1.120   0.004   1.00 54.30 ? 29  VAL A CB  1 
ATOM   201  C  CG1 . VAL A 1 31  ? 1.541   0.285   0.831   1.00 56.55 ? 29  VAL A CG1 1 
ATOM   202  C  CG2 . VAL A 1 31  ? 2.531   0.646   -1.466  1.00 52.94 ? 29  VAL A CG2 1 
ATOM   203  N  N   . GLY A 1 32  ? 1.620   3.661   -2.027  1.00 54.46 ? 30  GLY A N   1 
ATOM   204  C  CA  . GLY A 1 32  ? 0.760   4.107   -3.107  1.00 53.23 ? 30  GLY A CA  1 
ATOM   205  C  C   . GLY A 1 32  ? 1.100   3.335   -4.359  1.00 53.09 ? 30  GLY A C   1 
ATOM   206  O  O   . GLY A 1 32  ? 2.275   3.098   -4.628  1.00 53.59 ? 30  GLY A O   1 
ATOM   207  N  N   . LEU A 1 33  ? 0.082   2.940   -5.116  1.00 51.83 ? 31  LEU A N   1 
ATOM   208  C  CA  . LEU A 1 33  ? 0.284   2.168   -6.350  1.00 51.97 ? 31  LEU A CA  1 
ATOM   209  C  C   . LEU A 1 33  ? -0.418  2.853   -7.522  1.00 51.62 ? 31  LEU A C   1 
ATOM   210  O  O   . LEU A 1 33  ? -1.378  3.574   -7.317  1.00 51.08 ? 31  LEU A O   1 
ATOM   211  C  CB  . LEU A 1 33  ? -0.211  0.714   -6.176  1.00 51.56 ? 31  LEU A CB  1 
ATOM   212  C  CG  . LEU A 1 33  ? 0.370   -0.082  -4.988  1.00 52.69 ? 31  LEU A CG  1 
ATOM   213  C  CD1 . LEU A 1 33  ? -0.463  -1.313  -4.674  1.00 51.37 ? 31  LEU A CD1 1 
ATOM   214  C  CD2 . LEU A 1 33  ? 1.830   -0.465  -5.208  1.00 52.70 ? 31  LEU A CD2 1 
ATOM   215  N  N   . GLU A 1 34  ? 0.052   2.630   -8.743  1.00 52.26 ? 32  GLU A N   1 
ATOM   216  C  CA  . GLU A 1 34  ? -0.565  3.273   -9.908  1.00 53.48 ? 32  GLU A CA  1 
ATOM   217  C  C   . GLU A 1 34  ? -0.787  2.263   -11.030 1.00 53.58 ? 32  GLU A C   1 
ATOM   218  O  O   . GLU A 1 34  ? 0.026   1.355   -11.240 1.00 53.39 ? 32  GLU A O   1 
ATOM   219  C  CB  . GLU A 1 34  ? 0.308   4.446   -10.398 1.00 54.07 ? 32  GLU A CB  1 
ATOM   220  C  CG  . GLU A 1 34  ? -0.444  5.701   -10.934 1.00 58.42 ? 32  GLU A CG  1 
ATOM   221  C  CD  . GLU A 1 34  ? 0.190   7.040   -10.466 1.00 71.00 ? 32  GLU A CD  1 
ATOM   222  O  OE1 . GLU A 1 34  ? 1.349   7.335   -10.880 1.00 73.36 ? 32  GLU A OE1 1 
ATOM   223  O  OE2 . GLU A 1 34  ? -0.466  7.796   -9.682  1.00 63.39 ? 32  GLU A OE2 1 
ATOM   224  N  N   . GLY A 1 35  ? -1.897  2.421   -11.747 1.00 53.59 ? 33  GLY A N   1 
ATOM   225  C  CA  . GLY A 1 35  ? -2.142  1.636   -12.946 1.00 53.76 ? 33  GLY A CA  1 
ATOM   226  C  C   . GLY A 1 35  ? -2.638  0.230   -12.667 1.00 54.11 ? 33  GLY A C   1 
ATOM   227  O  O   . GLY A 1 35  ? -2.719  -0.181  -11.507 1.00 54.61 ? 33  GLY A O   1 
ATOM   228  N  N   . PRO A 1 36  ? -2.985  -0.516  -13.730 1.00 54.29 ? 34  PRO A N   1 
ATOM   229  C  CA  . PRO A 1 36  ? -3.455  -1.888  -13.558 1.00 54.60 ? 34  PRO A CA  1 
ATOM   230  C  C   . PRO A 1 36  ? -2.412  -2.830  -12.967 1.00 54.89 ? 34  PRO A C   1 
ATOM   231  O  O   . PRO A 1 36  ? -2.783  -3.747  -12.232 1.00 56.25 ? 34  PRO A O   1 
ATOM   232  C  CB  . PRO A 1 36  ? -3.831  -2.318  -14.982 1.00 54.16 ? 34  PRO A CB  1 
ATOM   233  C  CG  . PRO A 1 36  ? -3.041  -1.416  -15.878 1.00 53.88 ? 34  PRO A CG  1 
ATOM   234  C  CD  . PRO A 1 36  ? -2.991  -0.108  -15.149 1.00 53.86 ? 34  PRO A CD  1 
ATOM   235  N  N   . ASP A 1 37  ? -1.134  -2.609  -13.271 1.00 54.15 ? 35  ASP A N   1 
ATOM   236  C  CA  . ASP A 1 37  ? -0.063  -3.486  -12.784 1.00 53.43 ? 35  ASP A CA  1 
ATOM   237  C  C   . ASP A 1 37  ? 0.469   -3.107  -11.400 1.00 52.54 ? 35  ASP A C   1 
ATOM   238  O  O   . ASP A 1 37  ? 1.497   -3.633  -10.964 1.00 52.24 ? 35  ASP A O   1 
ATOM   239  C  CB  . ASP A 1 37  ? 1.089   -3.555  -13.791 1.00 53.68 ? 35  ASP A CB  1 
ATOM   240  C  CG  . ASP A 1 37  ? 0.784   -4.458  -14.984 1.00 54.96 ? 35  ASP A CG  1 
ATOM   241  O  OD1 . ASP A 1 37  ? 0.029   -5.450  -14.839 1.00 57.24 ? 35  ASP A OD1 1 
ATOM   242  O  OD2 . ASP A 1 37  ? 1.322   -4.179  -16.075 1.00 56.73 ? 35  ASP A OD2 1 
ATOM   243  N  N   . HIS A 1 38  ? -0.240  -2.199  -10.726 1.00 51.72 ? 36  HIS A N   1 
ATOM   244  C  CA  . HIS A 1 38  ? 0.062   -1.766  -9.347  1.00 50.95 ? 36  HIS A CA  1 
ATOM   245  C  C   . HIS A 1 38  ? 1.526   -1.379  -9.145  1.00 51.00 ? 36  HIS A C   1 
ATOM   246  O  O   . HIS A 1 38  ? 2.231   -1.954  -8.311  1.00 50.83 ? 36  HIS A O   1 
ATOM   247  C  CB  . HIS A 1 38  ? -0.389  -2.822  -8.333  1.00 50.36 ? 36  HIS A CB  1 
ATOM   248  C  CG  . HIS A 1 38  ? -1.810  -3.246  -8.511  1.00 49.93 ? 36  HIS A CG  1 
ATOM   249  N  ND1 . HIS A 1 38  ? -2.874  -2.465  -8.111  1.00 46.16 ? 36  HIS A ND1 1 
ATOM   250  C  CD2 . HIS A 1 38  ? -2.345  -4.351  -9.085  1.00 47.24 ? 36  HIS A CD2 1 
ATOM   251  C  CE1 . HIS A 1 38  ? -4.005  -3.078  -8.423  1.00 44.17 ? 36  HIS A CE1 1 
ATOM   252  N  NE2 . HIS A 1 38  ? -3.711  -4.225  -9.011  1.00 45.83 ? 36  HIS A NE2 1 
ATOM   253  N  N   . ARG A 1 39  ? 1.969   -0.404  -9.931  1.00 51.24 ? 37  ARG A N   1 
ATOM   254  C  CA  . ARG A 1 39  ? 3.338   0.082   -9.895  1.00 51.49 ? 37  ARG A CA  1 
ATOM   255  C  C   . ARG A 1 39  ? 3.475   0.962   -8.693  1.00 51.80 ? 37  ARG A C   1 
ATOM   256  O  O   . ARG A 1 39  ? 2.590   1.768   -8.421  1.00 52.41 ? 37  ARG A O   1 
ATOM   257  C  CB  . ARG A 1 39  ? 3.664   0.879   -11.161 1.00 51.25 ? 37  ARG A CB  1 
ATOM   258  C  CG  . ARG A 1 39  ? 3.792   0.016   -12.397 1.00 51.76 ? 37  ARG A CG  1 
ATOM   259  C  CD  . ARG A 1 39  ? 4.080   0.845   -13.656 1.00 51.65 ? 37  ARG A CD  1 
ATOM   260  N  NE  . ARG A 1 39  ? 4.286   -0.018  -14.806 1.00 53.68 ? 37  ARG A NE  1 
ATOM   261  C  CZ  . ARG A 1 39  ? 5.463   -0.527  -15.158 1.00 53.82 ? 37  ARG A CZ  1 
ATOM   262  N  NH1 . ARG A 1 39  ? 6.554   -0.253  -14.446 1.00 54.55 ? 37  ARG A NH1 1 
ATOM   263  N  NH2 . ARG A 1 39  ? 5.550   -1.310  -16.221 1.00 46.02 ? 37  ARG A NH2 1 
ATOM   264  N  N   . PHE A 1 40  ? 4.571   0.786   -7.959  1.00 52.31 ? 38  PHE A N   1 
ATOM   265  C  CA  . PHE A 1 40  ? 4.863   1.587   -6.779  1.00 52.72 ? 38  PHE A CA  1 
ATOM   266  C  C   . PHE A 1 40  ? 5.087   3.031   -7.166  1.00 53.11 ? 38  PHE A C   1 
ATOM   267  O  O   . PHE A 1 40  ? 5.876   3.317   -8.070  1.00 53.34 ? 38  PHE A O   1 
ATOM   268  C  CB  . PHE A 1 40  ? 6.106   1.051   -6.062  1.00 52.57 ? 38  PHE A CB  1 
ATOM   269  C  CG  . PHE A 1 40  ? 5.857   -0.195  -5.268  1.00 52.01 ? 38  PHE A CG  1 
ATOM   270  C  CD1 . PHE A 1 40  ? 5.480   -0.115  -3.935  1.00 49.01 ? 38  PHE A CD1 1 
ATOM   271  C  CD2 . PHE A 1 40  ? 5.989   -1.448  -5.854  1.00 52.56 ? 38  PHE A CD2 1 
ATOM   272  C  CE1 . PHE A 1 40  ? 5.243   -1.261  -3.193  1.00 53.10 ? 38  PHE A CE1 1 
ATOM   273  C  CE2 . PHE A 1 40  ? 5.750   -2.605  -5.117  1.00 53.13 ? 38  PHE A CE2 1 
ATOM   274  C  CZ  . PHE A 1 40  ? 5.375   -2.513  -3.787  1.00 51.79 ? 38  PHE A CZ  1 
ATOM   275  N  N   . VAL A 1 41  ? 4.388   3.941   -6.492  1.00 53.78 ? 39  VAL A N   1 
ATOM   276  C  CA  . VAL A 1 41  ? 4.619   5.380   -6.706  1.00 54.44 ? 39  VAL A CA  1 
ATOM   277  C  C   . VAL A 1 41  ? 5.043   6.131   -5.445  1.00 54.44 ? 39  VAL A C   1 
ATOM   278  O  O   . VAL A 1 41  ? 5.662   7.189   -5.525  1.00 55.33 ? 39  VAL A O   1 
ATOM   279  C  CB  . VAL A 1 41  ? 3.429   6.079   -7.404  1.00 54.41 ? 39  VAL A CB  1 
ATOM   280  C  CG1 . VAL A 1 41  ? 3.317   5.584   -8.816  1.00 54.23 ? 39  VAL A CG1 1 
ATOM   281  C  CG2 . VAL A 1 41  ? 2.160   5.842   -6.669  1.00 56.09 ? 39  VAL A CG2 1 
ATOM   282  N  N   . ALA A 1 42  ? 4.718   5.573   -4.290  1.00 53.76 ? 40  ALA A N   1 
ATOM   283  C  CA  . ALA A 1 42  ? 5.039   6.194   -3.016  1.00 53.48 ? 40  ALA A CA  1 
ATOM   284  C  C   . ALA A 1 42  ? 5.162   5.120   -1.970  1.00 53.60 ? 40  ALA A C   1 
ATOM   285  O  O   . ALA A 1 42  ? 4.243   4.317   -1.826  1.00 54.15 ? 40  ALA A O   1 
ATOM   286  C  CB  . ALA A 1 42  ? 3.964   7.203   -2.619  1.00 52.78 ? 40  ALA A CB  1 
ATOM   287  N  N   . VAL A 1 43  ? 6.293   5.103   -1.245  1.00 53.94 ? 41  VAL A N   1 
ATOM   288  C  CA  . VAL A 1 43  ? 6.467   4.249   -0.059  1.00 53.43 ? 41  VAL A CA  1 
ATOM   289  C  C   . VAL A 1 43  ? 7.238   4.997   1.016   1.00 53.94 ? 41  VAL A C   1 
ATOM   290  O  O   . VAL A 1 43  ? 8.145   5.787   0.712   1.00 54.65 ? 41  VAL A O   1 
ATOM   291  C  CB  . VAL A 1 43  ? 7.179   2.883   -0.355  1.00 53.44 ? 41  VAL A CB  1 
ATOM   292  C  CG1 . VAL A 1 43  ? 6.285   1.974   -1.202  1.00 53.02 ? 41  VAL A CG1 1 
ATOM   293  C  CG2 . VAL A 1 43  ? 8.535   3.085   -1.029  1.00 52.09 ? 41  VAL A CG2 1 
ATOM   294  N  N   . ASN A 1 44  ? 6.883   4.754   2.272   1.00 52.32 ? 42  ASN A N   1 
ATOM   295  C  CA  . ASN A 1 44  ? 7.502   5.475   3.333   1.00 51.66 ? 42  ASN A CA  1 
ATOM   296  C  C   . ASN A 1 44  ? 8.507   4.609   4.102   1.00 51.54 ? 42  ASN A C   1 
ATOM   297  O  O   . ASN A 1 44  ? 8.742   3.446   3.744   1.00 51.71 ? 42  ASN A O   1 
ATOM   298  C  CB  . ASN A 1 44  ? 6.460   6.192   4.219   1.00 51.29 ? 42  ASN A CB  1 
ATOM   299  C  CG  . ASN A 1 44  ? 5.632   5.250   5.100   1.00 51.03 ? 42  ASN A CG  1 
ATOM   300  O  OD1 . ASN A 1 44  ? 5.695   4.024   4.990   1.00 49.58 ? 42  ASN A OD1 1 
ATOM   301  N  ND2 . ASN A 1 44  ? 4.845   5.847   5.997   1.00 47.58 ? 42  ASN A ND2 1 
ATOM   302  N  N   . ALA A 1 45  ? 9.116   5.186   5.132   1.00 50.43 ? 43  ALA A N   1 
ATOM   303  C  CA  . ALA A 1 45  ? 10.138  4.489   5.909   1.00 50.37 ? 43  ALA A CA  1 
ATOM   304  C  C   . ALA A 1 45  ? 9.589   3.279   6.670   1.00 50.61 ? 43  ALA A C   1 
ATOM   305  O  O   . ALA A 1 45  ? 10.278  2.261   6.808   1.00 50.59 ? 43  ALA A O   1 
ATOM   306  C  CB  . ALA A 1 45  ? 10.818  5.449   6.853   1.00 49.99 ? 43  ALA A CB  1 
ATOM   307  N  N   . ALA A 1 46  ? 8.353   3.385   7.168   1.00 50.88 ? 44  ALA A N   1 
ATOM   308  C  CA  . ALA A 1 46  ? 7.750   2.258   7.874   1.00 50.91 ? 44  ALA A CA  1 
ATOM   309  C  C   . ALA A 1 46  ? 7.479   1.135   6.869   1.00 51.32 ? 44  ALA A C   1 
ATOM   310  O  O   . ALA A 1 46  ? 7.685   -0.028  7.190   1.00 51.50 ? 44  ALA A O   1 
ATOM   311  C  CB  . ALA A 1 46  ? 6.490   2.668   8.607   1.00 50.17 ? 44  ALA A CB  1 
ATOM   312  N  N   . TYR A 1 47  ? 7.075   1.481   5.642   1.00 52.08 ? 45  TYR A N   1 
ATOM   313  C  CA  . TYR A 1 47  ? 6.942   0.459   4.592   1.00 52.51 ? 45  TYR A CA  1 
ATOM   314  C  C   . TYR A 1 47  ? 8.267   -0.218  4.285   1.00 52.61 ? 45  TYR A C   1 
ATOM   315  O  O   . TYR A 1 47  ? 8.352   -1.443  4.281   1.00 52.38 ? 45  TYR A O   1 
ATOM   316  C  CB  . TYR A 1 47  ? 6.342   0.987   3.282   1.00 52.91 ? 45  TYR A CB  1 
ATOM   317  C  CG  . TYR A 1 47  ? 6.221   -0.130  2.242   1.00 54.11 ? 45  TYR A CG  1 
ATOM   318  C  CD1 . TYR A 1 47  ? 5.063   -0.902  2.165   1.00 57.42 ? 45  TYR A CD1 1 
ATOM   319  C  CD2 . TYR A 1 47  ? 7.287   -0.456  1.386   1.00 51.39 ? 45  TYR A CD2 1 
ATOM   320  C  CE1 . TYR A 1 47  ? 4.948   -1.945  1.258   1.00 57.49 ? 45  TYR A CE1 1 
ATOM   321  C  CE2 . TYR A 1 47  ? 7.178   -1.504  0.471   1.00 49.21 ? 45  TYR A CE2 1 
ATOM   322  C  CZ  . TYR A 1 47  ? 6.001   -2.246  0.419   1.00 54.35 ? 45  TYR A CZ  1 
ATOM   323  O  OH  . TYR A 1 47  ? 5.841   -3.289  -0.475  1.00 56.61 ? 45  TYR A OH  1 
ATOM   324  N  N   . ARG A 1 48  ? 9.290   0.584   4.008   1.00 53.15 ? 46  ARG A N   1 
ATOM   325  C  CA  . ARG A 1 48  ? 10.581  0.055   3.575   1.00 53.84 ? 46  ARG A CA  1 
ATOM   326  C  C   . ARG A 1 48  ? 11.281  -0.730  4.687   1.00 54.89 ? 46  ARG A C   1 
ATOM   327  O  O   . ARG A 1 48  ? 12.167  -1.528  4.413   1.00 54.70 ? 46  ARG A O   1 
ATOM   328  C  CB  . ARG A 1 48  ? 11.482  1.167   3.028   1.00 53.48 ? 46  ARG A CB  1 
ATOM   329  C  CG  . ARG A 1 48  ? 10.915  1.910   1.802   1.00 52.65 ? 46  ARG A CG  1 
ATOM   330  C  CD  . ARG A 1 48  ? 11.981  2.822   1.142   1.00 53.75 ? 46  ARG A CD  1 
ATOM   331  N  NE  . ARG A 1 48  ? 12.765  3.535   2.154   1.00 51.98 ? 46  ARG A NE  1 
ATOM   332  C  CZ  . ARG A 1 48  ? 12.415  4.695   2.707   1.00 50.77 ? 46  ARG A CZ  1 
ATOM   333  N  NH1 . ARG A 1 48  ? 11.304  5.320   2.337   1.00 45.50 ? 46  ARG A NH1 1 
ATOM   334  N  NH2 . ARG A 1 48  ? 13.184  5.235   3.639   1.00 50.04 ? 46  ARG A NH2 1 
ATOM   335  N  N   . GLY A 1 49  ? 10.873  -0.507  5.937   1.00 56.21 ? 47  GLY A N   1 
ATOM   336  C  CA  . GLY A 1 49  ? 11.392  -1.283  7.067   1.00 57.71 ? 47  GLY A CA  1 
ATOM   337  C  C   . GLY A 1 49  ? 10.649  -2.600  7.199   1.00 59.21 ? 47  GLY A C   1 
ATOM   338  O  O   . GLY A 1 49  ? 11.215  -3.604  7.635   1.00 59.07 ? 47  GLY A O   1 
ATOM   339  N  N   . PHE A 1 50  ? 9.371   -2.577  6.818   1.00 61.03 ? 48  PHE A N   1 
ATOM   340  C  CA  . PHE A 1 50  ? 8.495   -3.761  6.789   1.00 62.71 ? 48  PHE A CA  1 
ATOM   341  C  C   . PHE A 1 50  ? 8.899   -4.728  5.672   1.00 63.88 ? 48  PHE A C   1 
ATOM   342  O  O   . PHE A 1 50  ? 8.909   -5.947  5.868   1.00 63.97 ? 48  PHE A O   1 
ATOM   343  C  CB  . PHE A 1 50  ? 7.022   -3.315  6.697   1.00 62.58 ? 48  PHE A CB  1 
ATOM   344  C  CG  . PHE A 1 50  ? 6.146   -4.176  5.813   1.00 63.18 ? 48  PHE A CG  1 
ATOM   345  C  CD1 . PHE A 1 50  ? 5.766   -3.728  4.550   1.00 64.98 ? 48  PHE A CD1 1 
ATOM   346  C  CD2 . PHE A 1 50  ? 5.660   -5.403  6.256   1.00 61.81 ? 48  PHE A CD2 1 
ATOM   347  C  CE1 . PHE A 1 50  ? 4.934   -4.501  3.727   1.00 66.34 ? 48  PHE A CE1 1 
ATOM   348  C  CE2 . PHE A 1 50  ? 4.831   -6.181  5.443   1.00 63.25 ? 48  PHE A CE2 1 
ATOM   349  C  CZ  . PHE A 1 50  ? 4.466   -5.729  4.176   1.00 64.78 ? 48  PHE A CZ  1 
ATOM   350  N  N   . SER A 1 51  ? 9.243   -4.171  4.511   1.00 65.15 ? 49  SER A N   1 
ATOM   351  C  CA  . SER A 1 51  ? 9.785   -4.946  3.401   1.00 66.37 ? 49  SER A CA  1 
ATOM   352  C  C   . SER A 1 51  ? 11.102  -4.322  2.924   1.00 67.33 ? 49  SER A C   1 
ATOM   353  O  O   . SER A 1 51  ? 11.100  -3.486  2.011   1.00 67.25 ? 49  SER A O   1 
ATOM   354  C  CB  . SER A 1 51  ? 8.767   -5.033  2.260   1.00 66.42 ? 49  SER A CB  1 
ATOM   355  O  OG  . SER A 1 51  ? 9.259   -5.832  1.199   1.00 66.97 ? 49  SER A OG  1 
ATOM   356  N  N   . PRO A 1 52  ? 12.231  -4.716  3.556   1.00 68.32 ? 50  PRO A N   1 
ATOM   357  C  CA  . PRO A 1 52  ? 13.562  -4.165  3.256   1.00 69.24 ? 50  PRO A CA  1 
ATOM   358  C  C   . PRO A 1 52  ? 14.155  -4.599  1.911   1.00 70.18 ? 50  PRO A C   1 
ATOM   359  O  O   . PRO A 1 52  ? 15.058  -3.924  1.398   1.00 70.32 ? 50  PRO A O   1 
ATOM   360  C  CB  . PRO A 1 52  ? 14.432  -4.679  4.417   1.00 69.17 ? 50  PRO A CB  1 
ATOM   361  C  CG  . PRO A 1 52  ? 13.470  -5.232  5.431   1.00 68.83 ? 50  PRO A CG  1 
ATOM   362  C  CD  . PRO A 1 52  ? 12.303  -5.711  4.637   1.00 68.30 ? 50  PRO A CD  1 
ATOM   363  N  N   . LEU A 1 53  ? 13.667  -5.713  1.359   1.00 71.12 ? 51  LEU A N   1 
ATOM   364  C  CA  . LEU A 1 53  ? 14.120  -6.197  0.050   1.00 72.09 ? 51  LEU A CA  1 
ATOM   365  C  C   . LEU A 1 53  ? 13.527  -5.326  -1.061  1.00 72.64 ? 51  LEU A C   1 
ATOM   366  O  O   . LEU A 1 53  ? 12.431  -5.604  -1.574  1.00 72.68 ? 51  LEU A O   1 
ATOM   367  C  CB  . LEU A 1 53  ? 13.768  -7.681  -0.149  1.00 72.13 ? 51  LEU A CB  1 
ATOM   368  C  CG  . LEU A 1 53  ? 14.632  -8.756  0.533   1.00 72.77 ? 51  LEU A CG  1 
ATOM   369  C  CD1 . LEU A 1 53  ? 13.915  -10.104 0.552   1.00 73.12 ? 51  LEU A CD1 1 
ATOM   370  C  CD2 . LEU A 1 53  ? 16.015  -8.897  -0.118  1.00 73.67 ? 51  LEU A CD2 1 
ATOM   371  N  N   . LEU A 1 54  ? 14.259  -4.270  -1.426  1.00 73.14 ? 52  LEU A N   1 
ATOM   372  C  CA  . LEU A 1 54  ? 13.691  -3.207  -2.254  1.00 73.52 ? 52  LEU A CA  1 
ATOM   373  C  C   . LEU A 1 54  ? 14.656  -2.342  -3.062  1.00 73.63 ? 52  LEU A C   1 
ATOM   374  O  O   . LEU A 1 54  ? 15.788  -2.064  -2.650  1.00 73.89 ? 52  LEU A O   1 
ATOM   375  C  CB  . LEU A 1 54  ? 12.841  -2.266  -1.376  1.00 73.49 ? 52  LEU A CB  1 
ATOM   376  C  CG  . LEU A 1 54  ? 13.599  -1.334  -0.413  1.00 74.13 ? 52  LEU A CG  1 
ATOM   377  C  CD1 . LEU A 1 54  ? 13.818  0.059   -1.008  1.00 75.30 ? 52  LEU A CD1 1 
ATOM   378  C  CD2 . LEU A 1 54  ? 12.877  -1.220  0.906   1.00 73.59 ? 52  LEU A CD2 1 
ATOM   379  N  N   . ASP A 1 55  ? 14.190  -1.996  -4.255  1.00 73.51 ? 53  ASP A N   1 
ATOM   380  C  CA  . ASP A 1 55  ? 14.153  -0.605  -4.711  1.00 73.37 ? 53  ASP A CA  1 
ATOM   381  C  C   . ASP A 1 55  ? 13.041  -0.406  -5.729  1.00 72.72 ? 53  ASP A C   1 
ATOM   382  O  O   . ASP A 1 55  ? 13.219  -0.547  -6.948  1.00 72.76 ? 53  ASP A O   1 
ATOM   383  C  CB  . ASP A 1 55  ? 15.498  0.048   -5.063  1.00 73.69 ? 53  ASP A CB  1 
ATOM   384  C  CG  . ASP A 1 55  ? 15.810  1.231   -4.124  1.00 75.63 ? 53  ASP A CG  1 
ATOM   385  O  OD1 . ASP A 1 55  ? 16.966  1.305   -3.570  1.00 80.24 ? 53  ASP A OD1 1 
ATOM   386  O  OD2 . ASP A 1 55  ? 14.874  2.070   -3.906  1.00 75.88 ? 53  ASP A OD2 1 
ATOM   387  N  N   . THR A 1 56  ? 11.904  -0.041  -5.146  1.00 71.66 ? 54  THR A N   1 
ATOM   388  C  CA  . THR A 1 56  ? 10.586  -0.432  -5.597  1.00 70.77 ? 54  THR A CA  1 
ATOM   389  C  C   . THR A 1 56  ? 9.896   0.559   -6.510  1.00 69.85 ? 54  THR A C   1 
ATOM   390  O  O   . THR A 1 56  ? 9.112   0.157   -7.372  1.00 69.75 ? 54  THR A O   1 
ATOM   391  C  CB  . THR A 1 56  ? 9.656   -0.709  -4.370  1.00 70.96 ? 54  THR A CB  1 
ATOM   392  O  OG1 . THR A 1 56  ? 10.318  -0.307  -3.158  1.00 70.80 ? 54  THR A OG1 1 
ATOM   393  C  CG2 . THR A 1 56  ? 9.341   -2.192  -4.260  1.00 71.83 ? 54  THR A CG2 1 
ATOM   394  N  N   . VAL A 1 57  ? 10.175  1.846   -6.313  1.00 68.69 ? 55  VAL A N   1 
ATOM   395  C  CA  . VAL A 1 57  ? 9.423   2.903   -6.992  1.00 67.42 ? 55  VAL A CA  1 
ATOM   396  C  C   . VAL A 1 57  ? 9.581   2.808   -8.513  1.00 66.44 ? 55  VAL A C   1 
ATOM   397  O  O   . VAL A 1 57  ? 10.697  2.788   -9.027  1.00 66.21 ? 55  VAL A O   1 
ATOM   398  C  CB  . VAL A 1 57  ? 9.775   4.315   -6.446  1.00 67.38 ? 55  VAL A CB  1 
ATOM   399  C  CG1 . VAL A 1 57  ? 9.071   5.404   -7.236  1.00 66.90 ? 55  VAL A CG1 1 
ATOM   400  C  CG2 . VAL A 1 57  ? 9.400   4.421   -4.972  1.00 67.44 ? 55  VAL A CG2 1 
ATOM   401  N  N   . GLY A 1 58  ? 8.445   2.724   -9.206  1.00 65.35 ? 56  GLY A N   1 
ATOM   402  C  CA  . GLY A 1 58  ? 8.402   2.614   -10.657 1.00 64.39 ? 56  GLY A CA  1 
ATOM   403  C  C   . GLY A 1 58  ? 8.039   1.230   -11.172 1.00 63.67 ? 56  GLY A C   1 
ATOM   404  O  O   . GLY A 1 58  ? 7.675   1.073   -12.339 1.00 63.57 ? 56  GLY A O   1 
ATOM   405  N  N   . GLN A 1 59  ? 8.128   0.232   -10.298 1.00 62.88 ? 57  GLN A N   1 
ATOM   406  C  CA  . GLN A 1 59  ? 8.000   -1.171  -10.684 1.00 62.38 ? 57  GLN A CA  1 
ATOM   407  C  C   . GLN A 1 59  ? 6.652   -1.780  -10.292 1.00 61.81 ? 57  GLN A C   1 
ATOM   408  O  O   . GLN A 1 59  ? 6.084   -1.407  -9.269  1.00 61.47 ? 57  GLN A O   1 
ATOM   409  C  CB  . GLN A 1 59  ? 9.145   -1.983  -10.066 1.00 62.38 ? 57  GLN A CB  1 
ATOM   410  C  CG  . GLN A 1 59  ? 10.519  -1.645  -10.638 1.00 63.63 ? 57  GLN A CG  1 
ATOM   411  C  CD  . GLN A 1 59  ? 11.669  -2.114  -9.761  1.00 66.01 ? 57  GLN A CD  1 
ATOM   412  O  OE1 . GLN A 1 59  ? 11.494  -2.397  -8.576  1.00 65.44 ? 57  GLN A OE1 1 
ATOM   413  N  NE2 . GLN A 1 59  ? 12.863  -2.192  -10.348 1.00 68.84 ? 57  GLN A NE2 1 
ATOM   414  N  N   . PRO A 1 60  ? 6.130   -2.714  -11.116 1.00 61.51 ? 58  PRO A N   1 
ATOM   415  C  CA  . PRO A 1 60  ? 4.908   -3.440  -10.756 1.00 61.29 ? 58  PRO A CA  1 
ATOM   416  C  C   . PRO A 1 60  ? 5.126   -4.284  -9.503  1.00 61.13 ? 58  PRO A C   1 
ATOM   417  O  O   . PRO A 1 60  ? 6.203   -4.860  -9.334  1.00 61.25 ? 58  PRO A O   1 
ATOM   418  C  CB  . PRO A 1 60  ? 4.668   -4.348  -11.966 1.00 61.22 ? 58  PRO A CB  1 
ATOM   419  C  CG  . PRO A 1 60  ? 5.428   -3.719  -13.076 1.00 61.29 ? 58  PRO A CG  1 
ATOM   420  C  CD  . PRO A 1 60  ? 6.636   -3.129  -12.435 1.00 61.21 ? 58  PRO A CD  1 
ATOM   421  N  N   . ALA A 1 61  ? 4.120   -4.354  -8.636  1.00 60.80 ? 59  ALA A N   1 
ATOM   422  C  CA  . ALA A 1 61  ? 4.229   -5.113  -7.389  1.00 60.98 ? 59  ALA A CA  1 
ATOM   423  C  C   . ALA A 1 61  ? 4.597   -6.587  -7.622  1.00 61.18 ? 59  ALA A C   1 
ATOM   424  O  O   . ALA A 1 61  ? 5.436   -7.139  -6.908  1.00 61.26 ? 59  ALA A O   1 
ATOM   425  C  CB  . ALA A 1 61  ? 2.950   -4.994  -6.576  1.00 61.03 ? 59  ALA A CB  1 
ATOM   426  N  N   . ARG A 1 62  ? 3.979   -7.202  -8.631  1.00 61.18 ? 60  ARG A N   1 
ATOM   427  C  CA  . ARG A 1 62  ? 4.299   -8.571  -9.050  1.00 61.34 ? 60  ARG A CA  1 
ATOM   428  C  C   . ARG A 1 62  ? 5.767   -8.758  -9.433  1.00 61.29 ? 60  ARG A C   1 
ATOM   429  O  O   . ARG A 1 62  ? 6.354   -9.794  -9.136  1.00 61.19 ? 60  ARG A O   1 
ATOM   430  C  CB  . ARG A 1 62  ? 3.399   -8.988  -10.217 1.00 61.25 ? 60  ARG A CB  1 
ATOM   431  C  CG  . ARG A 1 62  ? 2.029   -9.488  -9.788  1.00 62.26 ? 60  ARG A CG  1 
ATOM   432  C  CD  . ARG A 1 62  ? 0.921   -8.907  -10.655 1.00 65.27 ? 60  ARG A CD  1 
ATOM   433  N  NE  . ARG A 1 62  ? -0.356  -9.596  -10.454 1.00 66.83 ? 60  ARG A NE  1 
ATOM   434  C  CZ  . ARG A 1 62  ? -1.554  -9.055  -10.671 1.00 66.61 ? 60  ARG A CZ  1 
ATOM   435  N  NH1 . ARG A 1 62  ? -1.667  -7.792  -11.088 1.00 63.48 ? 60  ARG A NH1 1 
ATOM   436  N  NH2 . ARG A 1 62  ? -2.649  -9.781  -10.466 1.00 66.57 ? 60  ARG A NH2 1 
ATOM   437  N  N   . GLU A 1 63  ? 6.348   -7.745  -10.074 1.00 61.54 ? 61  GLU A N   1 
ATOM   438  C  CA  . GLU A 1 63  ? 7.723   -7.797  -10.586 1.00 61.91 ? 61  GLU A CA  1 
ATOM   439  C  C   . GLU A 1 63  ? 8.798   -7.723  -9.492  1.00 61.95 ? 61  GLU A C   1 
ATOM   440  O  O   . GLU A 1 63  ? 9.902   -8.243  -9.662  1.00 61.97 ? 61  GLU A O   1 
ATOM   441  C  CB  . GLU A 1 63  ? 7.935   -6.687  -11.623 1.00 61.87 ? 61  GLU A CB  1 
ATOM   442  C  CG  . GLU A 1 63  ? 9.276   -6.723  -12.341 1.00 62.26 ? 61  GLU A CG  1 
ATOM   443  C  CD  . GLU A 1 63  ? 9.424   -5.599  -13.348 1.00 62.36 ? 61  GLU A CD  1 
ATOM   444  O  OE1 . GLU A 1 63  ? 8.877   -5.723  -14.474 1.00 63.66 ? 61  GLU A OE1 1 
ATOM   445  O  OE2 . GLU A 1 63  ? 10.099  -4.596  -13.014 1.00 62.91 ? 61  GLU A OE2 1 
ATOM   446  N  N   . VAL A 1 64  ? 8.479   -7.075  -8.378  1.00 62.24 ? 62  VAL A N   1 
ATOM   447  C  CA  . VAL A 1 64  ? 9.426   -6.955  -7.269  1.00 62.41 ? 62  VAL A CA  1 
ATOM   448  C  C   . VAL A 1 64  ? 9.168   -8.019  -6.190  1.00 62.39 ? 62  VAL A C   1 
ATOM   449  O  O   . VAL A 1 64  ? 10.095  -8.448  -5.496  1.00 62.22 ? 62  VAL A O   1 
ATOM   450  C  CB  . VAL A 1 64  ? 9.483   -5.495  -6.706  1.00 62.38 ? 62  VAL A CB  1 
ATOM   451  C  CG1 . VAL A 1 64  ? 8.114   -5.020  -6.266  1.00 62.06 ? 62  VAL A CG1 1 
ATOM   452  C  CG2 . VAL A 1 64  ? 10.515  -5.365  -5.577  1.00 63.45 ? 62  VAL A CG2 1 
ATOM   453  N  N   . TYR A 1 65  ? 7.914   -8.461  -6.078  1.00 62.54 ? 63  TYR A N   1 
ATOM   454  C  CA  . TYR A 1 65  ? 7.557   -9.571  -5.190  1.00 62.88 ? 63  TYR A CA  1 
ATOM   455  C  C   . TYR A 1 65  ? 6.923   -10.739 -5.966  1.00 63.28 ? 63  TYR A C   1 
ATOM   456  O  O   . TYR A 1 65  ? 5.700   -10.926 -5.923  1.00 63.24 ? 63  TYR A O   1 
ATOM   457  C  CB  . TYR A 1 65  ? 6.628   -9.101  -4.066  1.00 62.80 ? 63  TYR A CB  1 
ATOM   458  C  CG  . TYR A 1 65  ? 7.141   -7.914  -3.281  1.00 62.81 ? 63  TYR A CG  1 
ATOM   459  C  CD1 . TYR A 1 65  ? 8.212   -8.043  -2.395  1.00 62.01 ? 63  TYR A CD1 1 
ATOM   460  C  CD2 . TYR A 1 65  ? 6.544   -6.660  -3.416  1.00 62.58 ? 63  TYR A CD2 1 
ATOM   461  C  CE1 . TYR A 1 65  ? 8.683   -6.947  -1.673  1.00 62.98 ? 63  TYR A CE1 1 
ATOM   462  C  CE2 . TYR A 1 65  ? 7.003   -5.561  -2.699  1.00 62.95 ? 63  TYR A CE2 1 
ATOM   463  C  CZ  . TYR A 1 65  ? 8.068   -5.708  -1.829  1.00 62.98 ? 63  TYR A CZ  1 
ATOM   464  O  OH  . TYR A 1 65  ? 8.516   -4.612  -1.122  1.00 63.56 ? 63  TYR A OH  1 
ATOM   465  N  N   . PRO A 1 66  ? 7.756   -11.535 -6.671  1.00 63.56 ? 64  PRO A N   1 
ATOM   466  C  CA  . PRO A 1 66  ? 7.239   -12.608 -7.524  1.00 64.05 ? 64  PRO A CA  1 
ATOM   467  C  C   . PRO A 1 66  ? 6.654   -13.792 -6.749  1.00 64.56 ? 64  PRO A C   1 
ATOM   468  O  O   . PRO A 1 66  ? 5.902   -14.585 -7.322  1.00 64.64 ? 64  PRO A O   1 
ATOM   469  C  CB  . PRO A 1 66  ? 8.476   -13.064 -8.321  1.00 63.95 ? 64  PRO A CB  1 
ATOM   470  C  CG  . PRO A 1 66  ? 9.546   -12.056 -8.046  1.00 63.85 ? 64  PRO A CG  1 
ATOM   471  C  CD  . PRO A 1 66  ? 9.228   -11.480 -6.707  1.00 63.53 ? 64  PRO A CD  1 
ATOM   472  N  N   . GLU A 1 67  ? 6.992   -13.898 -5.463  1.00 65.04 ? 65  GLU A N   1 
ATOM   473  C  CA  . GLU A 1 67  ? 6.619   -15.060 -4.644  1.00 65.47 ? 65  GLU A CA  1 
ATOM   474  C  C   . GLU A 1 67  ? 5.210   -14.946 -4.051  1.00 65.67 ? 65  GLU A C   1 
ATOM   475  O  O   . GLU A 1 67  ? 4.669   -15.930 -3.534  1.00 65.65 ? 65  GLU A O   1 
ATOM   476  C  CB  . GLU A 1 67  ? 7.639   -15.298 -3.513  1.00 65.51 ? 65  GLU A CB  1 
ATOM   477  C  CG  . GLU A 1 67  ? 8.965   -14.532 -3.626  1.00 66.02 ? 65  GLU A CG  1 
ATOM   478  C  CD  . GLU A 1 67  ? 8.937   -13.177 -2.914  1.00 67.02 ? 65  GLU A CD  1 
ATOM   479  O  OE1 . GLU A 1 67  ? 8.471   -13.111 -1.754  1.00 67.43 ? 65  GLU A OE1 1 
ATOM   480  O  OE2 . GLU A 1 67  ? 9.398   -12.177 -3.509  1.00 66.48 ? 65  GLU A OE2 1 
ATOM   481  N  N   . LEU A 1 68  ? 4.622   -13.752 -4.142  1.00 65.88 ? 66  LEU A N   1 
ATOM   482  C  CA  . LEU A 1 68  ? 3.339   -13.448 -3.497  1.00 66.18 ? 66  LEU A CA  1 
ATOM   483  C  C   . LEU A 1 68  ? 2.102   -13.703 -4.372  1.00 66.32 ? 66  LEU A C   1 
ATOM   484  O  O   . LEU A 1 68  ? 1.003   -13.235 -4.052  1.00 66.42 ? 66  LEU A O   1 
ATOM   485  C  CB  . LEU A 1 68  ? 3.330   -11.999 -2.977  1.00 66.25 ? 66  LEU A CB  1 
ATOM   486  C  CG  . LEU A 1 68  ? 3.987   -11.619 -1.638  1.00 66.80 ? 66  LEU A CG  1 
ATOM   487  C  CD1 . LEU A 1 68  ? 3.472   -12.479 -0.493  1.00 67.59 ? 66  LEU A CD1 1 
ATOM   488  C  CD2 . LEU A 1 68  ? 5.511   -11.670 -1.690  1.00 66.98 ? 66  LEU A CD2 1 
ATOM   489  N  N   . GLU A 1 69  ? 2.283   -14.448 -5.461  1.00 66.41 ? 67  GLU A N   1 
ATOM   490  C  CA  . GLU A 1 69  ? 1.193   -14.767 -6.392  1.00 66.47 ? 67  GLU A CA  1 
ATOM   491  C  C   . GLU A 1 69  ? 0.124   -15.669 -5.759  1.00 66.42 ? 67  GLU A C   1 
ATOM   492  O  O   . GLU A 1 69  ? -1.076  -15.443 -5.941  1.00 66.41 ? 67  GLU A O   1 
ATOM   493  C  CB  . GLU A 1 69  ? 1.743   -15.412 -7.673  1.00 66.53 ? 67  GLU A CB  1 
ATOM   494  C  CG  . GLU A 1 69  ? 2.689   -14.524 -8.496  1.00 66.78 ? 67  GLU A CG  1 
ATOM   495  C  CD  . GLU A 1 69  ? 1.966   -13.578 -9.448  1.00 66.86 ? 67  GLU A CD  1 
ATOM   496  O  OE1 . GLU A 1 69  ? 1.145   -12.754 -8.984  1.00 66.05 ? 67  GLU A OE1 1 
ATOM   497  O  OE2 . GLU A 1 69  ? 2.235   -13.652 -10.667 1.00 65.92 ? 67  GLU A OE2 1 
ATOM   498  N  N   . GLY A 1 70  ? 0.570   -16.680 -5.016  1.00 66.28 ? 68  GLY A N   1 
ATOM   499  C  CA  . GLY A 1 70  ? -0.328  -17.629 -4.358  1.00 66.24 ? 68  GLY A CA  1 
ATOM   500  C  C   . GLY A 1 70  ? -1.178  -17.049 -3.239  1.00 66.18 ? 68  GLY A C   1 
ATOM   501  O  O   . GLY A 1 70  ? -2.331  -17.450 -3.058  1.00 66.35 ? 68  GLY A O   1 
ATOM   502  N  N   . GLN A 1 71  ? -0.608  -16.109 -2.487  1.00 65.97 ? 69  GLN A N   1 
ATOM   503  C  CA  . GLN A 1 71  ? -1.285  -15.476 -1.345  1.00 65.84 ? 69  GLN A CA  1 
ATOM   504  C  C   . GLN A 1 71  ? -2.473  -14.613 -1.790  1.00 65.59 ? 69  GLN A C   1 
ATOM   505  O  O   . GLN A 1 71  ? -3.370  -14.311 -0.996  1.00 65.73 ? 69  GLN A O   1 
ATOM   506  C  CB  . GLN A 1 71  ? -0.300  -14.604 -0.561  1.00 65.81 ? 69  GLN A CB  1 
ATOM   507  C  CG  . GLN A 1 71  ? 1.089   -15.209 -0.368  1.00 66.30 ? 69  GLN A CG  1 
ATOM   508  C  CD  . GLN A 1 71  ? 1.285   -15.823 1.001   1.00 67.62 ? 69  GLN A CD  1 
ATOM   509  O  OE1 . GLN A 1 71  ? 2.030   -15.292 1.829   1.00 66.97 ? 69  GLN A OE1 1 
ATOM   510  N  NE2 . GLN A 1 71  ? 0.619   -16.949 1.250   1.00 67.93 ? 69  GLN A NE2 1 
ATOM   511  N  N   . GLN A 1 72  ? -2.454  -14.227 -3.064  1.00 65.06 ? 70  GLN A N   1 
ATOM   512  C  CA  . GLN A 1 72  ? -3.433  -13.324 -3.678  1.00 64.25 ? 70  GLN A CA  1 
ATOM   513  C  C   . GLN A 1 72  ? -3.739  -12.031 -2.908  1.00 63.71 ? 70  GLN A C   1 
ATOM   514  O  O   . GLN A 1 72  ? -4.896  -11.650 -2.678  1.00 63.48 ? 70  GLN A O   1 
ATOM   515  C  CB  . GLN A 1 72  ? -4.680  -14.072 -4.158  1.00 64.30 ? 70  GLN A CB  1 
ATOM   516  C  CG  . GLN A 1 72  ? -4.463  -14.804 -5.494  1.00 63.84 ? 70  GLN A CG  1 
ATOM   517  C  CD  . GLN A 1 72  ? -3.966  -13.889 -6.623  1.00 60.92 ? 70  GLN A CD  1 
ATOM   518  O  OE1 . GLN A 1 72  ? -4.635  -13.737 -7.647  1.00 59.89 ? 70  GLN A OE1 1 
ATOM   519  N  NE2 . GLN A 1 72  ? -2.788  -13.288 -6.440  1.00 55.11 ? 70  GLN A NE2 1 
ATOM   520  N  N   . ILE A 1 73  ? -2.668  -11.346 -2.537  1.00 62.96 ? 71  ILE A N   1 
ATOM   521  C  CA  . ILE A 1 73  ? -2.776  -9.950  -2.187  1.00 62.51 ? 71  ILE A CA  1 
ATOM   522  C  C   . ILE A 1 73  ? -3.120  -9.209  -3.486  1.00 61.85 ? 71  ILE A C   1 
ATOM   523  O  O   . ILE A 1 73  ? -3.847  -8.219  -3.458  1.00 61.57 ? 71  ILE A O   1 
ATOM   524  C  CB  . ILE A 1 73  ? -1.479  -9.427  -1.529  1.00 62.64 ? 71  ILE A CB  1 
ATOM   525  C  CG1 . ILE A 1 73  ? -1.106  -10.325 -0.343  1.00 63.39 ? 71  ILE A CG1 1 
ATOM   526  C  CG2 . ILE A 1 73  ? -1.650  -7.973  -1.059  1.00 62.70 ? 71  ILE A CG2 1 
ATOM   527  C  CD1 . ILE A 1 73  ? 0.385   -10.424 -0.061  1.00 67.47 ? 71  ILE A CD1 1 
ATOM   528  N  N   . TYR A 1 74  ? -2.640  -9.746  -4.613  1.00 61.21 ? 72  TYR A N   1 
ATOM   529  C  CA  . TYR A 1 74  ? -2.831  -9.163  -5.952  1.00 60.76 ? 72  TYR A CA  1 
ATOM   530  C  C   . TYR A 1 74  ? -4.249  -9.281  -6.501  1.00 60.11 ? 72  TYR A C   1 
ATOM   531  O  O   . TYR A 1 74  ? -4.666  -8.456  -7.307  1.00 59.98 ? 72  TYR A O   1 
ATOM   532  C  CB  . TYR A 1 74  ? -1.854  -9.780  -6.962  1.00 60.93 ? 72  TYR A CB  1 
ATOM   533  C  CG  . TYR A 1 74  ? -0.398  -9.646  -6.584  1.00 60.97 ? 72  TYR A CG  1 
ATOM   534  C  CD1 . TYR A 1 74  ? 0.181   -8.389  -6.378  1.00 61.71 ? 72  TYR A CD1 1 
ATOM   535  C  CD2 . TYR A 1 74  ? 0.407   -10.776 -6.442  1.00 59.53 ? 72  TYR A CD2 1 
ATOM   536  C  CE1 . TYR A 1 74  ? 1.518   -8.264  -6.026  1.00 62.02 ? 72  TYR A CE1 1 
ATOM   537  C  CE2 . TYR A 1 74  ? 1.749   -10.663 -6.097  1.00 60.61 ? 72  TYR A CE2 1 
ATOM   538  C  CZ  . TYR A 1 74  ? 2.297   -9.405  -5.890  1.00 62.82 ? 72  TYR A CZ  1 
ATOM   539  O  OH  . TYR A 1 74  ? 3.623   -9.292  -5.545  1.00 63.77 ? 72  TYR A OH  1 
ATOM   540  N  N   . GLU A 1 75  ? -4.966  -10.318 -6.085  1.00 59.53 ? 73  GLU A N   1 
ATOM   541  C  CA  . GLU A 1 75  ? -6.377  -10.489 -6.429  1.00 59.22 ? 73  GLU A CA  1 
ATOM   542  C  C   . GLU A 1 75  ? -7.197  -9.356  -5.824  1.00 58.58 ? 73  GLU A C   1 
ATOM   543  O  O   . GLU A 1 75  ? -8.073  -8.782  -6.478  1.00 58.60 ? 73  GLU A O   1 
ATOM   544  C  CB  . GLU A 1 75  ? -6.882  -11.846 -5.914  1.00 59.15 ? 73  GLU A CB  1 
ATOM   545  C  CG  . GLU A 1 75  ? -8.329  -12.171 -6.258  1.00 59.35 ? 73  GLU A CG  1 
ATOM   546  C  CD  . GLU A 1 75  ? -8.659  -13.652 -6.092  1.00 59.90 ? 73  GLU A CD  1 
ATOM   547  O  OE1 . GLU A 1 75  ? -9.143  -14.259 -7.070  1.00 59.87 ? 73  GLU A OE1 1 
ATOM   548  O  OE2 . GLU A 1 75  ? -8.434  -14.210 -4.992  1.00 62.18 ? 73  GLU A OE2 1 
HETATM 549  N  N   . MSE A 1 76  ? -6.886  -9.051  -4.569  1.00 57.96 ? 74  MSE A N   1 
HETATM 550  C  CA  . MSE A 1 76  ? -7.567  -8.035  -3.780  1.00 57.48 ? 74  MSE A CA  1 
HETATM 551  C  C   . MSE A 1 76  ? -7.254  -6.620  -4.287  1.00 56.88 ? 74  MSE A C   1 
HETATM 552  O  O   . MSE A 1 76  ? -8.132  -5.757  -4.306  1.00 57.22 ? 74  MSE A O   1 
HETATM 553  C  CB  . MSE A 1 76  ? -7.167  -8.217  -2.312  1.00 57.71 ? 74  MSE A CB  1 
HETATM 554  C  CG  . MSE A 1 76  ? -7.803  -7.272  -1.318  1.00 59.77 ? 74  MSE A CG  1 
HETATM 555  SE SE  . MSE A 1 76  ? -6.850  -5.584  -1.270  0.80 67.29 ? 74  MSE A SE  1 
HETATM 556  C  CE  . MSE A 1 76  ? -5.086  -6.199  -0.659  1.00 65.53 ? 74  MSE A CE  1 
ATOM   557  N  N   . LEU A 1 77  ? -6.007  -6.389  -4.695  1.00 55.76 ? 75  LEU A N   1 
ATOM   558  C  CA  . LEU A 1 77  ? -5.598  -5.116  -5.281  1.00 54.56 ? 75  LEU A CA  1 
ATOM   559  C  C   . LEU A 1 77  ? -6.272  -4.855  -6.626  1.00 54.36 ? 75  LEU A C   1 
ATOM   560  O  O   . LEU A 1 77  ? -6.651  -3.720  -6.915  1.00 53.87 ? 75  LEU A O   1 
ATOM   561  C  CB  . LEU A 1 77  ? -4.082  -5.062  -5.455  1.00 54.67 ? 75  LEU A CB  1 
ATOM   562  C  CG  . LEU A 1 77  ? -3.205  -5.032  -4.209  1.00 51.50 ? 75  LEU A CG  1 
ATOM   563  C  CD1 . LEU A 1 77  ? -1.757  -4.935  -4.636  1.00 44.03 ? 75  LEU A CD1 1 
ATOM   564  C  CD2 . LEU A 1 77  ? -3.600  -3.872  -3.310  1.00 53.00 ? 75  LEU A CD2 1 
ATOM   565  N  N   . ASP A 1 78  ? -6.400  -5.907  -7.440  1.00 53.97 ? 76  ASP A N   1 
ATOM   566  C  CA  . ASP A 1 78  ? -7.083  -5.841  -8.736  1.00 54.29 ? 76  ASP A CA  1 
ATOM   567  C  C   . ASP A 1 78  ? -8.567  -5.521  -8.579  1.00 54.28 ? 76  ASP A C   1 
ATOM   568  O  O   . ASP A 1 78  ? -9.100  -4.700  -9.315  1.00 54.52 ? 76  ASP A O   1 
ATOM   569  C  CB  . ASP A 1 78  ? -6.930  -7.162  -9.516  1.00 54.26 ? 76  ASP A CB  1 
ATOM   570  C  CG  . ASP A 1 78  ? -5.546  -7.328  -10.141 1.00 55.28 ? 76  ASP A CG  1 
ATOM   571  O  OD1 . ASP A 1 78  ? -4.814  -6.324  -10.308 1.00 58.19 ? 76  ASP A OD1 1 
ATOM   572  O  OD2 . ASP A 1 78  ? -5.193  -8.480  -10.470 1.00 56.10 ? 76  ASP A OD2 1 
ATOM   573  N  N   . ARG A 1 79  ? -9.227  -6.178  -7.625  1.00 54.18 ? 77  ARG A N   1 
ATOM   574  C  CA  . ARG A 1 79  ? -10.628 -5.894  -7.307  1.00 53.65 ? 77  ARG A CA  1 
ATOM   575  C  C   . ARG A 1 79  ? -10.839 -4.418  -6.940  1.00 52.60 ? 77  ARG A C   1 
ATOM   576  O  O   . ARG A 1 79  ? -11.777 -3.788  -7.414  1.00 51.74 ? 77  ARG A O   1 
ATOM   577  C  CB  . ARG A 1 79  ? -11.114 -6.779  -6.161  1.00 53.57 ? 77  ARG A CB  1 
ATOM   578  C  CG  . ARG A 1 79  ? -12.609 -7.038  -6.197  1.00 55.60 ? 77  ARG A CG  1 
ATOM   579  C  CD  . ARG A 1 79  ? -13.094 -7.834  -4.984  1.00 54.12 ? 77  ARG A CD  1 
ATOM   580  N  NE  . ARG A 1 79  ? -13.897 -8.988  -5.389  1.00 68.14 ? 77  ARG A NE  1 
ATOM   581  C  CZ  . ARG A 1 79  ? -15.144 -8.931  -5.867  1.00 71.70 ? 77  ARG A CZ  1 
ATOM   582  N  NH1 . ARG A 1 79  ? -15.768 -7.764  -6.014  1.00 76.00 ? 77  ARG A NH1 1 
ATOM   583  N  NH2 . ARG A 1 79  ? -15.766 -10.053 -6.202  1.00 70.82 ? 77  ARG A NH2 1 
ATOM   584  N  N   . VAL A 1 80  ? -9.976  -3.881  -6.081  1.00 52.17 ? 78  VAL A N   1 
ATOM   585  C  CA  . VAL A 1 80  ? -10.064 -2.464  -5.689  1.00 51.81 ? 78  VAL A CA  1 
ATOM   586  C  C   . VAL A 1 80  ? -9.869  -1.523  -6.894  1.00 52.35 ? 78  VAL A C   1 
ATOM   587  O  O   . VAL A 1 80  ? -10.579 -0.522  -7.045  1.00 52.01 ? 78  VAL A O   1 
ATOM   588  C  CB  . VAL A 1 80  ? -9.054  -2.090  -4.568  1.00 51.67 ? 78  VAL A CB  1 
ATOM   589  C  CG1 . VAL A 1 80  ? -9.167  -0.626  -4.262  1.00 49.60 ? 78  VAL A CG1 1 
ATOM   590  C  CG2 . VAL A 1 80  ? -9.325  -2.913  -3.278  1.00 48.31 ? 78  VAL A CG2 1 
ATOM   591  N  N   . TYR A 1 81  ? -8.908  -1.862  -7.747  1.00 52.91 ? 79  TYR A N   1 
ATOM   592  C  CA  . TYR A 1 81  ? -8.608  -1.062  -8.916  1.00 54.05 ? 79  TYR A CA  1 
ATOM   593  C  C   . TYR A 1 81  ? -9.731  -1.175  -9.963  1.00 54.64 ? 79  TYR A C   1 
ATOM   594  O  O   . TYR A 1 81  ? -10.138 -0.181  -10.559 1.00 55.15 ? 79  TYR A O   1 
ATOM   595  C  CB  . TYR A 1 81  ? -7.267  -1.489  -9.498  1.00 54.05 ? 79  TYR A CB  1 
ATOM   596  C  CG  . TYR A 1 81  ? -6.864  -0.684  -10.704 1.00 55.03 ? 79  TYR A CG  1 
ATOM   597  C  CD1 . TYR A 1 81  ? -6.315  0.575   -10.542 1.00 50.93 ? 79  TYR A CD1 1 
ATOM   598  C  CD2 . TYR A 1 81  ? -7.053  -1.170  -12.016 1.00 53.65 ? 79  TYR A CD2 1 
ATOM   599  C  CE1 . TYR A 1 81  ? -5.943  1.333   -11.612 1.00 50.28 ? 79  TYR A CE1 1 
ATOM   600  C  CE2 . TYR A 1 81  ? -6.683  -0.393  -13.118 1.00 55.08 ? 79  TYR A CE2 1 
ATOM   601  C  CZ  . TYR A 1 81  ? -6.113  0.867   -12.883 1.00 53.95 ? 79  TYR A CZ  1 
ATOM   602  O  OH  . TYR A 1 81  ? -5.708  1.702   -13.895 1.00 56.03 ? 79  TYR A OH  1 
ATOM   603  N  N   . GLN A 1 82  ? -10.254 -2.377  -10.165 1.00 55.18 ? 80  GLN A N   1 
ATOM   604  C  CA  . GLN A 1 82  ? -11.301 -2.572  -11.165 1.00 55.93 ? 80  GLN A CA  1 
ATOM   605  C  C   . GLN A 1 82  ? -12.666 -2.003  -10.737 1.00 55.76 ? 80  GLN A C   1 
ATOM   606  O  O   . GLN A 1 82  ? -13.352 -1.366  -11.533 1.00 56.13 ? 80  GLN A O   1 
ATOM   607  C  CB  . GLN A 1 82  ? -11.431 -4.048  -11.535 1.00 55.92 ? 80  GLN A CB  1 
ATOM   608  C  CG  . GLN A 1 82  ? -10.152 -4.708  -12.061 1.00 56.58 ? 80  GLN A CG  1 
ATOM   609  C  CD  . GLN A 1 82  ? -10.281 -6.234  -12.149 1.00 57.13 ? 80  GLN A CD  1 
ATOM   610  O  OE1 . GLN A 1 82  ? -11.109 -6.844  -11.463 1.00 60.27 ? 80  GLN A OE1 1 
ATOM   611  N  NE2 . GLN A 1 82  ? -9.461  -6.850  -12.992 1.00 59.92 ? 80  GLN A NE2 1 
ATOM   612  N  N   . THR A 1 83  ? -13.039 -2.208  -9.480  1.00 55.45 ? 81  THR A N   1 
ATOM   613  C  CA  . THR A 1 83  ? -14.403 -1.940  -9.021  1.00 55.50 ? 81  THR A CA  1 
ATOM   614  C  C   . THR A 1 83  ? -14.568 -0.601  -8.293  1.00 55.65 ? 81  THR A C   1 
ATOM   615  O  O   . THR A 1 83  ? -15.675 -0.045  -8.237  1.00 56.19 ? 81  THR A O   1 
ATOM   616  C  CB  . THR A 1 83  ? -14.868 -3.045  -8.047  1.00 55.49 ? 81  THR A CB  1 
ATOM   617  O  OG1 . THR A 1 83  ? -13.999 -3.057  -6.897  1.00 56.01 ? 81  THR A OG1 1 
ATOM   618  C  CG2 . THR A 1 83  ? -14.843 -4.400  -8.730  1.00 55.68 ? 81  THR A CG2 1 
ATOM   619  N  N   . GLY A 1 84  ? -13.488 -0.109  -7.699  1.00 54.67 ? 82  GLY A N   1 
ATOM   620  C  CA  . GLY A 1 84  ? -13.581 1.049   -6.824  1.00 55.30 ? 82  GLY A CA  1 
ATOM   621  C  C   . GLY A 1 84  ? -14.059 0.737   -5.413  1.00 55.40 ? 82  GLY A C   1 
ATOM   622  O  O   . GLY A 1 84  ? -14.162 1.635   -4.574  1.00 54.99 ? 82  GLY A O   1 
ATOM   623  N  N   . GLU A 1 85  ? -14.375 -0.531  -5.150  1.00 55.72 ? 83  GLU A N   1 
ATOM   624  C  CA  . GLU A 1 85  ? -14.793 -0.944  -3.808  1.00 56.33 ? 83  GLU A CA  1 
ATOM   625  C  C   . GLU A 1 85  ? -13.571 -1.112  -2.921  1.00 55.93 ? 83  GLU A C   1 
ATOM   626  O  O   . GLU A 1 85  ? -12.689 -1.892  -3.237  1.00 56.10 ? 83  GLU A O   1 
ATOM   627  C  CB  . GLU A 1 85  ? -15.586 -2.253  -3.854  1.00 55.62 ? 83  GLU A CB  1 
ATOM   628  C  CG  . GLU A 1 85  ? -16.921 -2.132  -4.562  1.00 58.95 ? 83  GLU A CG  1 
ATOM   629  C  CD  . GLU A 1 85  ? -17.451 -3.472  -5.081  1.00 63.19 ? 83  GLU A CD  1 
ATOM   630  O  OE1 . GLU A 1 85  ? -16.948 -4.541  -4.653  1.00 63.03 ? 83  GLU A OE1 1 
ATOM   631  O  OE2 . GLU A 1 85  ? -18.379 -3.447  -5.918  1.00 64.32 ? 83  GLU A OE2 1 
ATOM   632  N  N   . PRO A 1 86  ? -13.516 -0.386  -1.800  1.00 56.71 ? 84  PRO A N   1 
ATOM   633  C  CA  . PRO A 1 86  ? -12.408 -0.534  -0.850  1.00 56.81 ? 84  PRO A CA  1 
ATOM   634  C  C   . PRO A 1 86  ? -12.473 -1.895  -0.152  1.00 57.29 ? 84  PRO A C   1 
ATOM   635  O  O   . PRO A 1 86  ? -13.569 -2.438  0.029   1.00 57.21 ? 84  PRO A O   1 
ATOM   636  C  CB  . PRO A 1 86  ? -12.675 0.575   0.167   1.00 56.90 ? 84  PRO A CB  1 
ATOM   637  C  CG  . PRO A 1 86  ? -13.689 1.494   -0.500  1.00 55.88 ? 84  PRO A CG  1 
ATOM   638  C  CD  . PRO A 1 86  ? -14.502 0.605   -1.342  1.00 57.27 ? 84  PRO A CD  1 
ATOM   639  N  N   . GLN A 1 87  ? -11.313 -2.446  0.196   1.00 57.76 ? 85  GLN A N   1 
ATOM   640  C  CA  . GLN A 1 87  ? -11.234 -3.643  1.019   1.00 59.25 ? 85  GLN A CA  1 
ATOM   641  C  C   . GLN A 1 87  ? -10.366 -3.433  2.272   1.00 58.88 ? 85  GLN A C   1 
ATOM   642  O  O   . GLN A 1 87  ? -9.324  -2.776  2.225   1.00 58.20 ? 85  GLN A O   1 
ATOM   643  C  CB  . GLN A 1 87  ? -10.730 -4.846  0.206   1.00 59.00 ? 85  GLN A CB  1 
ATOM   644  C  CG  . GLN A 1 87  ? -11.822 -5.938  0.038   1.00 62.58 ? 85  GLN A CG  1 
ATOM   645  C  CD  . GLN A 1 87  ? -11.276 -7.314  -0.383  1.00 62.58 ? 85  GLN A CD  1 
ATOM   646  O  OE1 . GLN A 1 87  ? -11.665 -7.859  -1.430  1.00 72.43 ? 85  GLN A OE1 1 
ATOM   647  N  NE2 . GLN A 1 87  ? -10.408 -7.901  0.452   1.00 71.56 ? 85  GLN A NE2 1 
ATOM   648  N  N   . SER A 1 88  ? -10.828 -4.002  3.382   1.00 58.92 ? 86  SER A N   1 
ATOM   649  C  CA  . SER A 1 88  ? -10.097 -4.079  4.646   1.00 58.97 ? 86  SER A CA  1 
ATOM   650  C  C   . SER A 1 88  ? -9.860  -5.540  4.963   1.00 58.17 ? 86  SER A C   1 
ATOM   651  O  O   . SER A 1 88  ? -10.717 -6.382  4.701   1.00 57.95 ? 86  SER A O   1 
ATOM   652  C  CB  . SER A 1 88  ? -10.930 -3.483  5.776   1.00 58.87 ? 86  SER A CB  1 
ATOM   653  O  OG  . SER A 1 88  ? -11.253 -2.143  5.486   1.00 63.86 ? 86  SER A OG  1 
ATOM   654  N  N   . GLY A 1 89  ? -8.703  -5.839  5.536   1.00 57.55 ? 87  GLY A N   1 
ATOM   655  C  CA  . GLY A 1 89  ? -8.378  -7.195  5.925   1.00 56.64 ? 87  GLY A CA  1 
ATOM   656  C  C   . GLY A 1 89  ? -7.792  -7.196  7.310   1.00 56.65 ? 87  GLY A C   1 
ATOM   657  O  O   . GLY A 1 89  ? -7.231  -6.189  7.748   1.00 55.94 ? 87  GLY A O   1 
ATOM   658  N  N   . SER A 1 90  ? -7.952  -8.324  8.006   1.00 56.49 ? 88  SER A N   1 
ATOM   659  C  CA  . SER A 1 90  ? -7.374  -8.518  9.321   1.00 56.89 ? 88  SER A CA  1 
ATOM   660  C  C   . SER A 1 90  ? -6.483  -9.736  9.304   1.00 56.64 ? 88  SER A C   1 
ATOM   661  O  O   . SER A 1 90  ? -6.862  -10.778 8.773   1.00 56.55 ? 88  SER A O   1 
ATOM   662  C  CB  . SER A 1 90  ? -8.457  -8.730  10.370  1.00 57.07 ? 88  SER A CB  1 
ATOM   663  O  OG  . SER A 1 90  ? -9.691  -8.253  9.885   1.00 58.83 ? 88  SER A OG  1 
ATOM   664  N  N   . GLU A 1 91  ? -5.290  -9.587  9.874   1.00 56.14 ? 89  GLU A N   1 
ATOM   665  C  CA  . GLU A 1 91  ? -4.418  -10.717 10.199  1.00 55.74 ? 89  GLU A CA  1 
ATOM   666  C  C   . GLU A 1 91  ? -4.129  -11.619 8.992   1.00 55.97 ? 89  GLU A C   1 
ATOM   667  O  O   . GLU A 1 91  ? -4.153  -12.848 9.087   1.00 55.73 ? 89  GLU A O   1 
ATOM   668  C  CB  . GLU A 1 91  ? -4.984  -11.497 11.400  1.00 55.53 ? 89  GLU A CB  1 
ATOM   669  C  CG  . GLU A 1 91  ? -5.352  -10.598 12.590  1.00 53.93 ? 89  GLU A CG  1 
ATOM   670  C  CD  . GLU A 1 91  ? -6.159  -11.302 13.678  1.00 55.26 ? 89  GLU A CD  1 
ATOM   671  O  OE1 . GLU A 1 91  ? -6.208  -12.553 13.705  1.00 52.50 ? 89  GLU A OE1 1 
ATOM   672  O  OE2 . GLU A 1 91  ? -6.749  -10.593 14.522  1.00 52.73 ? 89  GLU A OE2 1 
ATOM   673  N  N   . TRP A 1 92  ? -3.874  -10.978 7.855   1.00 56.40 ? 90  TRP A N   1 
ATOM   674  C  CA  . TRP A 1 92  ? -3.373  -11.659 6.671   1.00 57.17 ? 90  TRP A CA  1 
ATOM   675  C  C   . TRP A 1 92  ? -1.917  -12.027 6.935   1.00 57.89 ? 90  TRP A C   1 
ATOM   676  O  O   . TRP A 1 92  ? -1.105  -11.156 7.259   1.00 57.87 ? 90  TRP A O   1 
ATOM   677  C  CB  . TRP A 1 92  ? -3.510  -10.761 5.428   1.00 56.89 ? 90  TRP A CB  1 
ATOM   678  C  CG  . TRP A 1 92  ? -4.931  -10.644 4.909   1.00 57.19 ? 90  TRP A CG  1 
ATOM   679  C  CD1 . TRP A 1 92  ? -6.079  -10.549 5.656   1.00 59.09 ? 90  TRP A CD1 1 
ATOM   680  C  CD2 . TRP A 1 92  ? -5.350  -10.609 3.537   1.00 57.49 ? 90  TRP A CD2 1 
ATOM   681  N  NE1 . TRP A 1 92  ? -7.180  -10.459 4.832   1.00 57.77 ? 90  TRP A NE1 1 
ATOM   682  C  CE2 . TRP A 1 92  ? -6.760  -10.489 3.530   1.00 57.06 ? 90  TRP A CE2 1 
ATOM   683  C  CE3 . TRP A 1 92  ? -4.671  -10.666 2.312   1.00 57.83 ? 90  TRP A CE3 1 
ATOM   684  C  CZ2 . TRP A 1 92  ? -7.503  -10.427 2.346   1.00 56.47 ? 90  TRP A CZ2 1 
ATOM   685  C  CZ3 . TRP A 1 92  ? -5.412  -10.605 1.135   1.00 57.63 ? 90  TRP A CZ3 1 
ATOM   686  C  CH2 . TRP A 1 92  ? -6.811  -10.481 1.164   1.00 57.02 ? 90  TRP A CH2 1 
ATOM   687  N  N   . ARG A 1 93  ? -1.595  -13.313 6.818   1.00 58.74 ? 91  ARG A N   1 
ATOM   688  C  CA  . ARG A 1 93  ? -0.257  -13.799 7.160   1.00 59.99 ? 91  ARG A CA  1 
ATOM   689  C  C   . ARG A 1 93  ? 0.746   -13.691 6.014   1.00 60.86 ? 91  ARG A C   1 
ATOM   690  O  O   . ARG A 1 93  ? 0.354   -13.638 4.851   1.00 60.89 ? 91  ARG A O   1 
ATOM   691  C  CB  . ARG A 1 93  ? -0.312  -15.225 7.728   1.00 59.99 ? 91  ARG A CB  1 
ATOM   692  C  CG  . ARG A 1 93  ? -0.977  -16.261 6.837   1.00 60.88 ? 91  ARG A CG  1 
ATOM   693  C  CD  . ARG A 1 93  ? -1.608  -17.347 7.686   1.00 62.22 ? 91  ARG A CD  1 
ATOM   694  N  NE  . ARG A 1 93  ? -1.506  -18.665 7.066   1.00 64.75 ? 91  ARG A NE  1 
ATOM   695  C  CZ  . ARG A 1 93  ? -0.460  -19.485 7.212   1.00 66.88 ? 91  ARG A CZ  1 
ATOM   696  N  NH1 . ARG A 1 93  ? 0.590   -19.120 7.948   1.00 67.24 ? 91  ARG A NH1 1 
ATOM   697  N  NH2 . ARG A 1 93  ? -0.460  -20.675 6.617   1.00 66.60 ? 91  ARG A NH2 1 
ATOM   698  N  N   . LEU A 1 94  ? 2.036   -13.639 6.355   1.00 62.06 ? 92  LEU A N   1 
ATOM   699  C  CA  . LEU A 1 94  ? 3.104   -13.537 5.353   1.00 63.34 ? 92  LEU A CA  1 
ATOM   700  C  C   . LEU A 1 94  ? 4.313   -14.449 5.618   1.00 64.20 ? 92  LEU A C   1 
ATOM   701  O  O   . LEU A 1 94  ? 4.250   -15.346 6.467   1.00 64.40 ? 92  LEU A O   1 
ATOM   702  C  CB  . LEU A 1 94  ? 3.541   -12.079 5.161   1.00 63.41 ? 92  LEU A CB  1 
ATOM   703  C  CG  . LEU A 1 94  ? 2.611   -11.171 4.351   1.00 64.25 ? 92  LEU A CG  1 
ATOM   704  C  CD1 . LEU A 1 94  ? 3.198   -9.770  4.228   1.00 66.40 ? 92  LEU A CD1 1 
ATOM   705  C  CD2 . LEU A 1 94  ? 2.326   -11.747 2.967   1.00 64.82 ? 92  LEU A CD2 1 
ATOM   706  N  N   . GLN A 1 95  ? 5.402   -14.216 4.879   1.00 65.06 ? 93  GLN A N   1 
ATOM   707  C  CA  . GLN A 1 95  ? 6.590   -15.080 4.931   1.00 65.77 ? 93  GLN A CA  1 
ATOM   708  C  C   . GLN A 1 95  ? 7.875   -14.342 5.328   1.00 66.19 ? 93  GLN A C   1 
ATOM   709  O  O   . GLN A 1 95  ? 8.194   -13.284 4.773   1.00 66.22 ? 93  GLN A O   1 
ATOM   710  C  CB  . GLN A 1 95  ? 6.789   -15.797 3.590   1.00 65.79 ? 93  GLN A CB  1 
ATOM   711  C  CG  . GLN A 1 95  ? 5.629   -16.705 3.160   1.00 66.57 ? 93  GLN A CG  1 
ATOM   712  C  CD  . GLN A 1 95  ? 5.486   -17.950 4.027   1.00 68.02 ? 93  GLN A CD  1 
ATOM   713  O  OE1 . GLN A 1 95  ? 5.907   -19.042 3.639   1.00 67.97 ? 93  GLN A OE1 1 
ATOM   714  N  NE2 . GLN A 1 95  ? 4.890   -17.789 5.205   1.00 68.83 ? 93  GLN A NE2 1 
ATOM   715  N  N   . THR A 1 96  ? 8.607   -14.923 6.282   1.00 66.67 ? 94  THR A N   1 
ATOM   716  C  CA  . THR A 1 96  ? 9.856   -14.350 6.815   1.00 67.12 ? 94  THR A CA  1 
ATOM   717  C  C   . THR A 1 96  ? 11.011  -14.334 5.798   1.00 67.47 ? 94  THR A C   1 
ATOM   718  O  O   . THR A 1 96  ? 10.834  -14.703 4.632   1.00 67.60 ? 94  THR A O   1 
ATOM   719  C  CB  . THR A 1 96  ? 10.328  -15.102 8.100   1.00 67.16 ? 94  THR A CB  1 
ATOM   720  O  OG1 . THR A 1 96  ? 10.257  -16.518 7.889   1.00 66.81 ? 94  THR A OG1 1 
ATOM   721  C  CG2 . THR A 1 96  ? 9.475   -14.727 9.307   1.00 67.15 ? 94  THR A CG2 1 
ATOM   722  N  N   . ASP A 1 97  ? 12.188  -13.896 6.250   1.00 67.68 ? 95  ASP A N   1 
ATOM   723  C  CA  . ASP A 1 97  ? 13.408  -13.913 5.439   1.00 67.80 ? 95  ASP A CA  1 
ATOM   724  C  C   . ASP A 1 97  ? 14.493  -14.770 6.081   1.00 67.77 ? 95  ASP A C   1 
ATOM   725  O  O   . ASP A 1 97  ? 14.835  -14.584 7.249   1.00 67.79 ? 95  ASP A O   1 
ATOM   726  C  CB  . ASP A 1 97  ? 13.931  -12.492 5.200   1.00 67.84 ? 95  ASP A CB  1 
ATOM   727  C  CG  . ASP A 1 97  ? 13.324  -11.842 3.968   1.00 68.25 ? 95  ASP A CG  1 
ATOM   728  O  OD1 . ASP A 1 97  ? 13.280  -12.496 2.901   1.00 68.89 ? 95  ASP A OD1 1 
ATOM   729  O  OD2 . ASP A 1 97  ? 12.902  -10.669 4.065   1.00 69.45 ? 95  ASP A OD2 1 
ATOM   730  N  N   . GLU A 1 105 ? 6.261   -15.657 9.344   1.00 58.79 ? 103 GLU A N   1 
ATOM   731  C  CA  . GLU A 1 105 ? 5.027   -15.788 10.112  1.00 58.63 ? 103 GLU A CA  1 
ATOM   732  C  C   . GLU A 1 105 ? 4.647   -14.468 10.792  1.00 58.47 ? 103 GLU A C   1 
ATOM   733  O  O   . GLU A 1 105 ? 4.900   -14.275 11.987  1.00 58.63 ? 103 GLU A O   1 
ATOM   734  C  CB  . GLU A 1 105 ? 5.162   -16.905 11.146  1.00 58.86 ? 103 GLU A CB  1 
ATOM   735  C  CG  . GLU A 1 105 ? 5.317   -18.299 10.557  1.00 59.74 ? 103 GLU A CG  1 
ATOM   736  C  CD  . GLU A 1 105 ? 5.931   -19.281 11.538  1.00 63.63 ? 103 GLU A CD  1 
ATOM   737  O  OE1 . GLU A 1 105 ? 5.973   -18.971 12.752  1.00 64.92 ? 103 GLU A OE1 1 
ATOM   738  O  OE2 . GLU A 1 105 ? 6.372   -20.366 11.096  1.00 64.51 ? 103 GLU A OE2 1 
ATOM   739  N  N   . ARG A 1 106 ? 4.040   -13.568 10.018  1.00 57.85 ? 104 ARG A N   1 
ATOM   740  C  CA  . ARG A 1 106 ? 3.611   -12.248 10.494  1.00 57.48 ? 104 ARG A CA  1 
ATOM   741  C  C   . ARG A 1 106 ? 2.170   -11.987 10.055  1.00 56.61 ? 104 ARG A C   1 
ATOM   742  O  O   . ARG A 1 106 ? 1.722   -12.537 9.057   1.00 56.68 ? 104 ARG A O   1 
ATOM   743  C  CB  . ARG A 1 106 ? 4.532   -11.161 9.929   1.00 57.84 ? 104 ARG A CB  1 
ATOM   744  C  CG  . ARG A 1 106 ? 6.001   -11.300 10.328  1.00 60.83 ? 104 ARG A CG  1 
ATOM   745  C  CD  . ARG A 1 106 ? 6.459   -10.179 11.257  1.00 71.92 ? 104 ARG A CD  1 
ATOM   746  N  NE  . ARG A 1 106 ? 7.409   -9.227  10.657  1.00 77.90 ? 104 ARG A NE  1 
ATOM   747  C  CZ  . ARG A 1 106 ? 7.374   -8.742  9.411   1.00 84.97 ? 104 ARG A CZ  1 
ATOM   748  N  NH1 . ARG A 1 106 ? 6.418   -9.083  8.556   1.00 88.32 ? 104 ARG A NH1 1 
ATOM   749  N  NH2 . ARG A 1 106 ? 8.311   -7.887  9.014   1.00 87.16 ? 104 ARG A NH2 1 
ATOM   750  N  N   . TYR A 1 107 ? 1.447   -11.145 10.789  1.00 55.62 ? 105 TYR A N   1 
ATOM   751  C  CA  . TYR A 1 107 ? 0.031   -10.890 10.497  1.00 54.32 ? 105 TYR A CA  1 
ATOM   752  C  C   . TYR A 1 107 ? -0.286  -9.400  10.369  1.00 53.51 ? 105 TYR A C   1 
ATOM   753  O  O   . TYR A 1 107 ? 0.228   -8.571  11.136  1.00 52.74 ? 105 TYR A O   1 
ATOM   754  C  CB  . TYR A 1 107 ? -0.864  -11.541 11.557  1.00 54.33 ? 105 TYR A CB  1 
ATOM   755  C  CG  . TYR A 1 107 ? -0.732  -13.056 11.648  1.00 54.83 ? 105 TYR A CG  1 
ATOM   756  C  CD1 . TYR A 1 107 ? 0.279   -13.648 12.414  1.00 55.24 ? 105 TYR A CD1 1 
ATOM   757  C  CD2 . TYR A 1 107 ? -1.625  -13.896 10.983  1.00 53.26 ? 105 TYR A CD2 1 
ATOM   758  C  CE1 . TYR A 1 107 ? 0.404   -15.027 12.503  1.00 54.33 ? 105 TYR A CE1 1 
ATOM   759  C  CE2 . TYR A 1 107 ? -1.509  -15.280 11.068  1.00 53.36 ? 105 TYR A CE2 1 
ATOM   760  C  CZ  . TYR A 1 107 ? -0.492  -15.837 11.828  1.00 54.28 ? 105 TYR A CZ  1 
ATOM   761  O  OH  . TYR A 1 107 ? -0.371  -17.206 11.920  1.00 54.00 ? 105 TYR A OH  1 
ATOM   762  N  N   . PHE A 1 108 ? -1.152  -9.069  9.409   1.00 53.12 ? 106 PHE A N   1 
ATOM   763  C  CA  . PHE A 1 108 ? -1.370  -7.673  9.008   1.00 53.35 ? 106 PHE A CA  1 
ATOM   764  C  C   . PHE A 1 108 ? -2.817  -7.244  8.882   1.00 53.26 ? 106 PHE A C   1 
ATOM   765  O  O   . PHE A 1 108 ? -3.613  -7.903  8.203   1.00 53.40 ? 106 PHE A O   1 
ATOM   766  C  CB  . PHE A 1 108 ? -0.626  -7.369  7.693   1.00 53.36 ? 106 PHE A CB  1 
ATOM   767  C  CG  . PHE A 1 108 ? 0.862   -7.427  7.833   1.00 54.27 ? 106 PHE A CG  1 
ATOM   768  C  CD1 . PHE A 1 108 ? 1.557   -8.593  7.515   1.00 53.84 ? 106 PHE A CD1 1 
ATOM   769  C  CD2 . PHE A 1 108 ? 1.566   -6.338  8.343   1.00 52.96 ? 106 PHE A CD2 1 
ATOM   770  C  CE1 . PHE A 1 108 ? 2.940   -8.666  7.679   1.00 54.83 ? 106 PHE A CE1 1 
ATOM   771  C  CE2 . PHE A 1 108 ? 2.943   -6.396  8.506   1.00 55.32 ? 106 PHE A CE2 1 
ATOM   772  C  CZ  . PHE A 1 108 ? 3.634   -7.572  8.181   1.00 54.78 ? 106 PHE A CZ  1 
ATOM   773  N  N   . ASP A 1 109 ? -3.152  -6.135  9.537   1.00 52.69 ? 107 ASP A N   1 
ATOM   774  C  CA  . ASP A 1 109 ? -4.367  -5.402  9.202   1.00 53.17 ? 107 ASP A CA  1 
ATOM   775  C  C   . ASP A 1 109 ? -4.055  -4.380  8.092   1.00 54.00 ? 107 ASP A C   1 
ATOM   776  O  O   . ASP A 1 109 ? -2.953  -3.813  8.049   1.00 54.26 ? 107 ASP A O   1 
ATOM   777  C  CB  . ASP A 1 109 ? -4.927  -4.680  10.419  1.00 52.70 ? 107 ASP A CB  1 
ATOM   778  C  CG  . ASP A 1 109 ? -5.495  -5.623  11.476  1.00 54.12 ? 107 ASP A CG  1 
ATOM   779  O  OD1 . ASP A 1 109 ? -5.856  -5.099  12.544  1.00 55.05 ? 107 ASP A OD1 1 
ATOM   780  O  OD2 . ASP A 1 109 ? -5.588  -6.858  11.263  1.00 50.83 ? 107 ASP A OD2 1 
ATOM   781  N  N   . PHE A 1 110 ? -5.009  -4.140  7.200   1.00 54.05 ? 108 PHE A N   1 
ATOM   782  C  CA  . PHE A 1 110 ? -4.797  -3.146  6.142   1.00 54.82 ? 108 PHE A CA  1 
ATOM   783  C  C   . PHE A 1 110 ? -6.121  -2.610  5.629   1.00 54.52 ? 108 PHE A C   1 
ATOM   784  O  O   . PHE A 1 110 ? -7.153  -3.261  5.747   1.00 53.85 ? 108 PHE A O   1 
ATOM   785  C  CB  . PHE A 1 110 ? -4.016  -3.741  4.971   1.00 55.13 ? 108 PHE A CB  1 
ATOM   786  C  CG  . PHE A 1 110 ? -4.724  -4.869  4.310   1.00 56.89 ? 108 PHE A CG  1 
ATOM   787  C  CD1 . PHE A 1 110 ? -5.585  -4.632  3.239   1.00 61.74 ? 108 PHE A CD1 1 
ATOM   788  C  CD2 . PHE A 1 110 ? -4.575  -6.171  4.782   1.00 56.78 ? 108 PHE A CD2 1 
ATOM   789  C  CE1 . PHE A 1 110 ? -6.268  -5.674  2.635   1.00 56.62 ? 108 PHE A CE1 1 
ATOM   790  C  CE2 . PHE A 1 110 ? -5.255  -7.220  4.180   1.00 55.21 ? 108 PHE A CE2 1 
ATOM   791  C  CZ  . PHE A 1 110 ? -6.102  -6.970  3.110   1.00 55.08 ? 108 PHE A CZ  1 
ATOM   792  N  N   . VAL A 1 111 ? -6.066  -1.405  5.075   1.00 54.78 ? 109 VAL A N   1 
ATOM   793  C  CA  . VAL A 1 111 ? -7.200  -0.791  4.387   1.00 54.84 ? 109 VAL A CA  1 
ATOM   794  C  C   . VAL A 1 111 ? -6.669  -0.349  3.027   1.00 55.14 ? 109 VAL A C   1 
ATOM   795  O  O   . VAL A 1 111 ? -5.699  0.400   2.956   1.00 55.94 ? 109 VAL A O   1 
ATOM   796  C  CB  . VAL A 1 111 ? -7.721  0.445   5.175   1.00 54.98 ? 109 VAL A CB  1 
ATOM   797  C  CG1 . VAL A 1 111 ? -8.941  1.053   4.492   1.00 52.39 ? 109 VAL A CG1 1 
ATOM   798  C  CG2 . VAL A 1 111 ? -8.025  0.073   6.641   1.00 54.17 ? 109 VAL A CG2 1 
ATOM   799  N  N   . VAL A 1 112 ? -7.283  -0.820  1.955   1.00 55.23 ? 110 VAL A N   1 
ATOM   800  C  CA  . VAL A 1 112 ? -6.919  -0.387  0.606   1.00 55.69 ? 110 VAL A CA  1 
ATOM   801  C  C   . VAL A 1 112 ? -8.079  0.393   0.021   1.00 55.67 ? 110 VAL A C   1 
ATOM   802  O  O   . VAL A 1 112 ? -9.222  -0.084  0.026   1.00 54.64 ? 110 VAL A O   1 
ATOM   803  C  CB  . VAL A 1 112 ? -6.664  -1.582  -0.354  1.00 56.86 ? 110 VAL A CB  1 
ATOM   804  C  CG1 . VAL A 1 112 ? -6.023  -1.087  -1.673  1.00 56.78 ? 110 VAL A CG1 1 
ATOM   805  C  CG2 . VAL A 1 112 ? -5.792  -2.633  0.291   1.00 58.35 ? 110 VAL A CG2 1 
ATOM   806  N  N   . THR A 1 113 ? -7.792  1.570   -0.527  1.00 55.56 ? 111 THR A N   1 
ATOM   807  C  CA  . THR A 1 113 ? -8.838  2.312   -1.242  1.00 55.24 ? 111 THR A CA  1 
ATOM   808  C  C   . THR A 1 113 ? -8.430  2.668   -2.675  1.00 55.35 ? 111 THR A C   1 
ATOM   809  O  O   . THR A 1 113 ? -7.242  2.739   -2.971  1.00 55.73 ? 111 THR A O   1 
ATOM   810  C  CB  . THR A 1 113 ? -9.215  3.597   -0.500  1.00 54.87 ? 111 THR A CB  1 
ATOM   811  O  OG1 . THR A 1 113 ? -8.055  4.414   -0.376  1.00 54.74 ? 111 THR A OG1 1 
ATOM   812  C  CG2 . THR A 1 113 ? -9.811  3.285   0.883   1.00 52.33 ? 111 THR A CG2 1 
ATOM   813  N  N   . PRO A 1 114 ? -9.415  2.896   -3.566  1.00 54.86 ? 112 PRO A N   1 
ATOM   814  C  CA  . PRO A 1 114 ? -9.071  3.423   -4.885  1.00 54.69 ? 112 PRO A CA  1 
ATOM   815  C  C   . PRO A 1 114 ? -8.703  4.921   -4.846  1.00 54.70 ? 112 PRO A C   1 
ATOM   816  O  O   . PRO A 1 114 ? -9.031  5.613   -3.861  1.00 55.10 ? 112 PRO A O   1 
ATOM   817  C  CB  . PRO A 1 114 ? -10.359 3.206   -5.694  1.00 53.83 ? 112 PRO A CB  1 
ATOM   818  C  CG  . PRO A 1 114 ? -11.440 3.272   -4.699  1.00 53.79 ? 112 PRO A CG  1 
ATOM   819  C  CD  . PRO A 1 114 ? -10.870 2.651   -3.438  1.00 55.26 ? 112 PRO A CD  1 
ATOM   820  N  N   . ARG A 1 115 ? -8.014  5.385   -5.896  1.00 53.49 ? 113 ARG A N   1 
ATOM   821  C  CA  . ARG A 1 115 ? -7.689  6.806   -6.128  1.00 53.10 ? 113 ARG A CA  1 
ATOM   822  C  C   . ARG A 1 115 ? -8.312  7.181   -7.454  1.00 54.47 ? 113 ARG A C   1 
ATOM   823  O  O   . ARG A 1 115 ? -7.973  6.588   -8.491  1.00 55.21 ? 113 ARG A O   1 
ATOM   824  C  CB  . ARG A 1 115 ? -6.174  7.003   -6.248  1.00 52.65 ? 113 ARG A CB  1 
ATOM   825  C  CG  . ARG A 1 115 ? -5.623  8.464   -6.080  1.00 52.41 ? 113 ARG A CG  1 
ATOM   826  C  CD  . ARG A 1 115 ? -4.142  8.471   -6.432  1.00 50.95 ? 113 ARG A CD  1 
ATOM   827  N  NE  . ARG A 1 115 ? -3.685  7.176   -5.993  1.00 60.74 ? 113 ARG A NE  1 
ATOM   828  C  CZ  . ARG A 1 115 ? -2.845  6.366   -6.611  1.00 54.04 ? 113 ARG A CZ  1 
ATOM   829  N  NH1 . ARG A 1 115 ? -2.252  6.708   -7.732  1.00 43.10 ? 113 ARG A NH1 1 
ATOM   830  N  NH2 . ARG A 1 115 ? -2.589  5.198   -6.033  1.00 58.06 ? 113 ARG A NH2 1 
ATOM   831  N  N   . ARG A 1 116 ? -9.236  8.140   -7.415  1.00 54.45 ? 114 ARG A N   1 
ATOM   832  C  CA  . ARG A 1 116 ? -9.949  8.616   -8.595  1.00 53.79 ? 114 ARG A CA  1 
ATOM   833  C  C   . ARG A 1 116 ? -9.374  9.935   -9.122  1.00 53.43 ? 114 ARG A C   1 
ATOM   834  O  O   . ARG A 1 116 ? -8.902  10.766  -8.338  1.00 53.91 ? 114 ARG A O   1 
ATOM   835  C  CB  . ARG A 1 116 ? -11.428 8.791   -8.280  1.00 53.49 ? 114 ARG A CB  1 
ATOM   836  C  CG  . ARG A 1 116 ? -12.125 7.479   -8.041  1.00 55.82 ? 114 ARG A CG  1 
ATOM   837  C  CD  . ARG A 1 116 ? -13.615 7.651   -7.830  1.00 60.22 ? 114 ARG A CD  1 
ATOM   838  N  NE  . ARG A 1 116 ? -14.315 6.452   -8.274  1.00 68.15 ? 114 ARG A NE  1 
ATOM   839  C  CZ  . ARG A 1 116 ? -14.597 5.411   -7.502  1.00 68.89 ? 114 ARG A CZ  1 
ATOM   840  N  NH1 . ARG A 1 116 ? -14.259 5.415   -6.218  1.00 77.54 ? 114 ARG A NH1 1 
ATOM   841  N  NH2 . ARG A 1 116 ? -15.235 4.371   -8.014  1.00 67.39 ? 114 ARG A NH2 1 
ATOM   842  N  N   . ARG A 1 117 ? -9.388  10.091  -10.449 1.00 52.99 ? 115 ARG A N   1 
ATOM   843  C  CA  A ARG A 1 117 ? -8.987  11.335  -11.122 0.80 51.87 ? 115 ARG A CA  1 
ATOM   844  C  CA  B ARG A 1 117 ? -8.986  11.352  -11.085 0.20 52.97 ? 115 ARG A CA  1 
ATOM   845  C  C   . ARG A 1 117 ? -10.186 12.293  -11.042 1.00 52.96 ? 115 ARG A C   1 
ATOM   846  O  O   . ARG A 1 117 ? -11.270 11.894  -10.582 1.00 53.81 ? 115 ARG A O   1 
ATOM   847  C  CB  A ARG A 1 117 ? -8.610  11.043  -12.596 0.80 51.83 ? 115 ARG A CB  1 
ATOM   848  C  CB  B ARG A 1 117 ? -8.539  11.139  -12.540 0.20 52.84 ? 115 ARG A CB  1 
ATOM   849  C  CG  A ARG A 1 117 ? -7.259  10.356  -12.772 0.80 50.01 ? 115 ARG A CG  1 
ATOM   850  C  CG  B ARG A 1 117 ? -8.048  9.741   -12.879 0.20 52.55 ? 115 ARG A CG  1 
ATOM   851  C  CD  A ARG A 1 117 ? -6.909  9.937   -14.204 0.80 48.06 ? 115 ARG A CD  1 
ATOM   852  C  CD  B ARG A 1 117 ? -6.963  9.756   -13.935 0.20 50.92 ? 115 ARG A CD  1 
ATOM   853  N  NE  A ARG A 1 117 ? -7.368  8.582   -14.438 0.80 54.82 ? 115 ARG A NE  1 
ATOM   854  N  NE  B ARG A 1 117 ? -5.660  10.001  -13.322 0.20 57.40 ? 115 ARG A NE  1 
ATOM   855  C  CZ  A ARG A 1 117 ? -6.627  7.539   -14.802 0.80 46.49 ? 115 ARG A CZ  1 
ATOM   856  C  CZ  B ARG A 1 117 ? -4.489  9.757   -13.902 0.20 56.48 ? 115 ARG A CZ  1 
ATOM   857  N  NH1 A ARG A 1 117 ? -5.349  7.656   -15.028 0.80 33.55 ? 115 ARG A NH1 1 
ATOM   858  N  NH1 B ARG A 1 117 ? -4.442  9.254   -15.128 0.20 55.22 ? 115 ARG A NH1 1 
ATOM   859  N  NH2 A ARG A 1 117 ? -7.204  6.356   -14.959 0.80 47.21 ? 115 ARG A NH2 1 
ATOM   860  N  NH2 B ARG A 1 117 ? -3.364  10.012  -13.252 0.20 55.62 ? 115 ARG A NH2 1 
ATOM   861  N  N   . ALA A 1 118 ? -10.011 13.535  -11.503 1.00 51.79 ? 116 ALA A N   1 
ATOM   862  C  CA  . ALA A 1 118 ? -11.102 14.516  -11.558 1.00 51.62 ? 116 ALA A CA  1 
ATOM   863  C  C   . ALA A 1 118 ? -12.303 14.010  -12.382 1.00 52.21 ? 116 ALA A C   1 
ATOM   864  O  O   . ALA A 1 118 ? -13.462 14.362  -12.117 1.00 52.13 ? 116 ALA A O   1 
ATOM   865  C  CB  . ALA A 1 118 ? -10.593 15.831  -12.133 1.00 50.98 ? 116 ALA A CB  1 
ATOM   866  N  N   . ASP A 1 119 ? -12.007 13.191  -13.385 1.00 52.10 ? 117 ASP A N   1 
ATOM   867  C  CA  . ASP A 1 119 ? -13.024 12.637  -14.259 1.00 53.14 ? 117 ASP A CA  1 
ATOM   868  C  C   . ASP A 1 119 ? -13.753 11.430  -13.648 1.00 53.43 ? 117 ASP A C   1 
ATOM   869  O  O   . ASP A 1 119 ? -14.683 10.912  -14.236 1.00 53.92 ? 117 ASP A O   1 
ATOM   870  C  CB  . ASP A 1 119 ? -12.430 12.331  -15.649 1.00 53.16 ? 117 ASP A CB  1 
ATOM   871  C  CG  . ASP A 1 119 ? -11.555 11.101  -15.676 1.00 51.72 ? 117 ASP A CG  1 
ATOM   872  O  OD1 . ASP A 1 119 ? -11.282 10.500  -14.625 1.00 55.76 ? 117 ASP A OD1 1 
ATOM   873  O  OD2 . ASP A 1 119 ? -11.149 10.717  -16.785 1.00 54.62 ? 117 ASP A OD2 1 
ATOM   874  N  N   . GLY A 1 120 ? -13.310 10.999  -12.467 1.00 54.41 ? 118 GLY A N   1 
ATOM   875  C  CA  . GLY A 1 120 ? -13.949 9.905   -11.733 1.00 54.82 ? 118 GLY A CA  1 
ATOM   876  C  C   . GLY A 1 120 ? -13.387 8.531   -12.042 1.00 55.29 ? 118 GLY A C   1 
ATOM   877  O  O   . GLY A 1 120 ? -13.822 7.538   -11.461 1.00 55.78 ? 118 GLY A O   1 
ATOM   878  N  N   . SER A 1 121 ? -12.418 8.465   -12.949 1.00 55.60 ? 119 SER A N   1 
ATOM   879  C  CA  . SER A 1 121 ? -11.797 7.186   -13.312 1.00 55.99 ? 119 SER A CA  1 
ATOM   880  C  C   . SER A 1 121 ? -10.728 6.833   -12.292 1.00 55.18 ? 119 SER A C   1 
ATOM   881  O  O   . SER A 1 121 ? -10.223 7.705   -11.600 1.00 55.14 ? 119 SER A O   1 
ATOM   882  C  CB  . SER A 1 121 ? -11.212 7.235   -14.740 1.00 56.11 ? 119 SER A CB  1 
ATOM   883  O  OG  . SER A 1 121 ? -10.190 8.219   -14.839 1.00 57.37 ? 119 SER A OG  1 
ATOM   884  N  N   . ILE A 1 122 ? -10.380 5.551   -12.197 1.00 55.14 ? 120 ILE A N   1 
ATOM   885  C  CA  . ILE A 1 122 ? -9.441  5.093   -11.163 1.00 54.58 ? 120 ILE A CA  1 
ATOM   886  C  C   . ILE A 1 122 ? -8.026  4.996   -11.704 1.00 54.37 ? 120 ILE A C   1 
ATOM   887  O  O   . ILE A 1 122 ? -7.753  4.276   -12.675 1.00 54.16 ? 120 ILE A O   1 
ATOM   888  C  CB  . ILE A 1 122 ? -9.909  3.743   -10.490 1.00 55.19 ? 120 ILE A CB  1 
ATOM   889  C  CG1 . ILE A 1 122 ? -11.313 3.910   -9.892  1.00 55.11 ? 120 ILE A CG1 1 
ATOM   890  C  CG2 . ILE A 1 122 ? -8.935  3.317   -9.381  1.00 55.40 ? 120 ILE A CG2 1 
ATOM   891  C  CD1 . ILE A 1 122 ? -12.063 2.594   -9.536  1.00 54.20 ? 120 ILE A CD1 1 
ATOM   892  N  N   . GLU A 1 123 ? -7.122  5.751   -11.086 1.00 55.35 ? 121 GLU A N   1 
ATOM   893  C  CA  . GLU A 1 123 ? -5.722  5.756   -11.500 1.00 55.11 ? 121 GLU A CA  1 
ATOM   894  C  C   . GLU A 1 123 ? -4.869  4.782   -10.711 1.00 53.97 ? 121 GLU A C   1 
ATOM   895  O  O   . GLU A 1 123 ? -3.799  4.382   -11.168 1.00 53.71 ? 121 GLU A O   1 
ATOM   896  C  CB  . GLU A 1 123 ? -5.130  7.178   -11.463 1.00 56.13 ? 121 GLU A CB  1 
ATOM   897  C  CG  . GLU A 1 123 ? -4.927  7.795   -10.102 1.00 54.12 ? 121 GLU A CG  1 
ATOM   898  C  CD  . GLU A 1 123 ? -4.062  9.046   -10.143 1.00 56.82 ? 121 GLU A CD  1 
ATOM   899  O  OE1 . GLU A 1 123 ? -4.434  10.048  -10.814 1.00 67.34 ? 121 GLU A OE1 1 
ATOM   900  O  OE2 . GLU A 1 123 ? -2.995  9.043   -9.501  1.00 61.80 ? 121 GLU A OE2 1 
ATOM   901  N  N   . GLY A 1 124 ? -5.348  4.400   -9.531  1.00 53.71 ? 122 GLY A N   1 
ATOM   902  C  CA  . GLY A 1 124 ? -4.589  3.541   -8.642  1.00 53.83 ? 122 GLY A CA  1 
ATOM   903  C  C   . GLY A 1 124 ? -5.227  3.292   -7.293  1.00 54.49 ? 122 GLY A C   1 
ATOM   904  O  O   . GLY A 1 124 ? -6.383  3.635   -7.052  1.00 54.98 ? 122 GLY A O   1 
ATOM   905  N  N   . VAL A 1 125 ? -4.455  2.663   -6.414  1.00 54.58 ? 123 VAL A N   1 
ATOM   906  C  CA  . VAL A 1 125 ? -4.873  2.359   -5.049  1.00 54.44 ? 123 VAL A CA  1 
ATOM   907  C  C   . VAL A 1 125 ? -3.748  2.776   -4.094  1.00 54.68 ? 123 VAL A C   1 
ATOM   908  O  O   . VAL A 1 125 ? -2.598  2.962   -4.509  1.00 54.50 ? 123 VAL A O   1 
ATOM   909  C  CB  . VAL A 1 125 ? -5.224  0.842   -4.850  1.00 54.59 ? 123 VAL A CB  1 
ATOM   910  C  CG1 . VAL A 1 125 ? -6.150  0.298   -5.983  1.00 52.38 ? 123 VAL A CG1 1 
ATOM   911  C  CG2 . VAL A 1 125 ? -3.961  -0.020  -4.740  1.00 54.70 ? 123 VAL A CG2 1 
ATOM   912  N  N   . GLN A 1 126 ? -4.088  2.943   -2.827  1.00 55.18 ? 124 GLN A N   1 
ATOM   913  C  CA  . GLN A 1 126 ? -3.085  3.213   -1.774  1.00 55.61 ? 124 GLN A CA  1 
ATOM   914  C  C   . GLN A 1 126 ? -3.553  2.464   -0.534  1.00 56.44 ? 124 GLN A C   1 
ATOM   915  O  O   . GLN A 1 126 ? -4.730  2.111   -0.414  1.00 56.63 ? 124 GLN A O   1 
ATOM   916  C  CB  . GLN A 1 126 ? -2.902  4.705   -1.521  1.00 54.24 ? 124 GLN A CB  1 
ATOM   917  C  CG  . GLN A 1 126 ? -4.173  5.472   -1.169  1.00 55.47 ? 124 GLN A CG  1 
ATOM   918  C  CD  . GLN A 1 126 ? -5.015  5.867   -2.374  1.00 56.22 ? 124 GLN A CD  1 
ATOM   919  O  OE1 . GLN A 1 126 ? -4.490  6.273   -3.424  1.00 59.04 ? 124 GLN A OE1 1 
ATOM   920  N  NE2 . GLN A 1 126 ? -6.333  5.766   -2.225  1.00 50.74 ? 124 GLN A NE2 1 
ATOM   921  N  N   . LEU A 1 127 ? -2.623  2.166   0.358   1.00 56.57 ? 125 LEU A N   1 
ATOM   922  C  CA  . LEU A 1 127 ? -2.940  1.316   1.486   1.00 56.83 ? 125 LEU A CA  1 
ATOM   923  C  C   . LEU A 1 127 ? -2.358  1.920   2.742   1.00 55.77 ? 125 LEU A C   1 
ATOM   924  O  O   . LEU A 1 127 ? -1.388  2.671   2.694   1.00 55.86 ? 125 LEU A O   1 
ATOM   925  C  CB  . LEU A 1 127 ? -2.307  -0.069  1.323   1.00 56.24 ? 125 LEU A CB  1 
ATOM   926  C  CG  . LEU A 1 127 ? -2.594  -1.036  0.187   1.00 58.29 ? 125 LEU A CG  1 
ATOM   927  C  CD1 . LEU A 1 127 ? -1.889  -0.692  -1.091  1.00 49.80 ? 125 LEU A CD1 1 
ATOM   928  C  CD2 . LEU A 1 127 ? -2.192  -2.454  0.659   1.00 58.33 ? 125 LEU A CD2 1 
ATOM   929  N  N   . ILE A 1 128 ? -2.968  1.580   3.863   1.00 55.37 ? 126 ILE A N   1 
ATOM   930  C  CA  . ILE A 1 128 ? -2.302  1.681   5.156   1.00 55.52 ? 126 ILE A CA  1 
ATOM   931  C  C   . ILE A 1 128 ? -2.271  0.272   5.764   1.00 55.14 ? 126 ILE A C   1 
ATOM   932  O  O   . ILE A 1 128 ? -3.270  -0.434  5.747   1.00 55.81 ? 126 ILE A O   1 
ATOM   933  C  CB  . ILE A 1 128 ? -2.955  2.748   6.067   1.00 55.29 ? 126 ILE A CB  1 
ATOM   934  C  CG1 . ILE A 1 128 ? -2.314  2.731   7.454   1.00 55.69 ? 126 ILE A CG1 1 
ATOM   935  C  CG2 . ILE A 1 128 ? -4.473  2.584   6.126   1.00 54.82 ? 126 ILE A CG2 1 
ATOM   936  C  CD1 . ILE A 1 128 ? -2.504  4.004   8.189   1.00 55.96 ? 126 ILE A CD1 1 
ATOM   937  N  N   . VAL A 1 129 ? -1.099  -0.149  6.219   1.00 54.79 ? 127 VAL A N   1 
ATOM   938  C  CA  . VAL A 1 129 ? -0.884  -1.489  6.755   1.00 53.97 ? 127 VAL A CA  1 
ATOM   939  C  C   . VAL A 1 129 ? -0.433  -1.378  8.205   1.00 54.86 ? 127 VAL A C   1 
ATOM   940  O  O   . VAL A 1 129 ? 0.349   -0.485  8.557   1.00 54.67 ? 127 VAL A O   1 
ATOM   941  C  CB  . VAL A 1 129 ? 0.209   -2.231  5.958   1.00 54.11 ? 127 VAL A CB  1 
ATOM   942  C  CG1 . VAL A 1 129 ? 0.446   -3.626  6.503   1.00 50.63 ? 127 VAL A CG1 1 
ATOM   943  C  CG2 . VAL A 1 129 ? -0.125  -2.255  4.460   1.00 52.40 ? 127 VAL A CG2 1 
ATOM   944  N  N   . ASP A 1 130 ? -0.934  -2.286  9.041   1.00 54.66 ? 128 ASP A N   1 
ATOM   945  C  CA  . ASP A 1 130 ? -0.570  -2.344  10.447  1.00 54.38 ? 128 ASP A CA  1 
ATOM   946  C  C   . ASP A 1 130 ? -0.143  -3.770  10.808  1.00 53.75 ? 128 ASP A C   1 
ATOM   947  O  O   . ASP A 1 130 ? -0.844  -4.736  10.517  1.00 54.05 ? 128 ASP A O   1 
ATOM   948  C  CB  . ASP A 1 130 ? -1.756  -1.890  11.313  1.00 54.58 ? 128 ASP A CB  1 
ATOM   949  C  CG  . ASP A 1 130 ? -1.405  -1.773  12.786  1.00 59.99 ? 128 ASP A CG  1 
ATOM   950  O  OD1 . ASP A 1 130 ? -0.285  -1.289  13.112  1.00 67.59 ? 128 ASP A OD1 1 
ATOM   951  O  OD2 . ASP A 1 130 ? -2.258  -2.154  13.623  1.00 66.11 ? 128 ASP A OD2 1 
ATOM   952  N  N   . ASP A 1 131 ? 1.009   -3.890  11.448  1.00 53.09 ? 129 ASP A N   1 
ATOM   953  C  CA  . ASP A 1 131 ? 1.538   -5.175  11.858  1.00 52.60 ? 129 ASP A CA  1 
ATOM   954  C  C   . ASP A 1 131 ? 0.927   -5.562  13.217  1.00 52.31 ? 129 ASP A C   1 
ATOM   955  O  O   . ASP A 1 131 ? 1.157   -4.885  14.221  1.00 52.08 ? 129 ASP A O   1 
ATOM   956  C  CB  . ASP A 1 131 ? 3.066   -5.090  11.914  1.00 52.43 ? 129 ASP A CB  1 
ATOM   957  C  CG  . ASP A 1 131 ? 3.733   -6.434  12.146  1.00 55.34 ? 129 ASP A CG  1 
ATOM   958  O  OD1 . ASP A 1 131 ? 3.044   -7.424  12.497  1.00 56.00 ? 129 ASP A OD1 1 
ATOM   959  O  OD2 . ASP A 1 131 ? 4.970   -6.488  11.992  1.00 58.32 ? 129 ASP A OD2 1 
ATOM   960  N  N   . VAL A 1 132 ? 0.151   -6.649  13.225  1.00 52.32 ? 130 VAL A N   1 
ATOM   961  C  CA  . VAL A 1 132 ? -0.641  -7.094  14.389  1.00 52.04 ? 130 VAL A CA  1 
ATOM   962  C  C   . VAL A 1 132 ? -0.222  -8.503  14.828  1.00 52.58 ? 130 VAL A C   1 
ATOM   963  O  O   . VAL A 1 132 ? -0.996  -9.238  15.442  1.00 52.45 ? 130 VAL A O   1 
ATOM   964  C  CB  . VAL A 1 132 ? -2.177  -7.067  14.091  1.00 51.84 ? 130 VAL A CB  1 
ATOM   965  C  CG1 . VAL A 1 132 ? -2.646  -5.656  13.730  1.00 51.93 ? 130 VAL A CG1 1 
ATOM   966  C  CG2 . VAL A 1 132 ? -2.529  -8.026  12.964  1.00 52.19 ? 130 VAL A CG2 1 
ATOM   967  N  N   . THR A 1 133 ? 1.015   -8.861  14.501  1.00 53.82 ? 131 THR A N   1 
ATOM   968  C  CA  . THR A 1 133 ? 1.607   -10.157 14.834  1.00 54.93 ? 131 THR A CA  1 
ATOM   969  C  C   . THR A 1 133 ? 1.584   -10.447 16.330  1.00 55.69 ? 131 THR A C   1 
ATOM   970  O  O   . THR A 1 133 ? 1.329   -11.580 16.729  1.00 55.91 ? 131 THR A O   1 
ATOM   971  C  CB  . THR A 1 133 ? 3.059   -10.267 14.292  1.00 54.79 ? 131 THR A CB  1 
ATOM   972  O  OG1 . THR A 1 133 ? 3.068   -9.965  12.890  1.00 54.93 ? 131 THR A OG1 1 
ATOM   973  C  CG2 . THR A 1 133 ? 3.612   -11.667 14.492  1.00 55.46 ? 131 THR A CG2 1 
ATOM   974  N  N   . SER A 1 134 ? 1.837   -9.428  17.150  1.00 56.99 ? 132 SER A N   1 
ATOM   975  C  CA  . SER A 1 134 ? 1.800   -9.569  18.619  1.00 58.33 ? 132 SER A CA  1 
ATOM   976  C  C   . SER A 1 134 ? 0.452   -10.037 19.130  1.00 59.13 ? 132 SER A C   1 
ATOM   977  O  O   . SER A 1 134 ? 0.383   -10.840 20.051  1.00 59.87 ? 132 SER A O   1 
ATOM   978  C  CB  . SER A 1 134 ? 2.122   -8.241  19.293  1.00 58.16 ? 132 SER A CB  1 
ATOM   979  O  OG  . SER A 1 134 ? 3.445   -7.858  19.019  1.00 60.76 ? 132 SER A OG  1 
ATOM   980  N  N   . ARG A 1 135 ? -0.612  -9.493  18.551  1.00 60.31 ? 133 ARG A N   1 
ATOM   981  C  CA  . ARG A 1 135 ? -1.972  -9.863  18.891  1.00 61.73 ? 133 ARG A CA  1 
ATOM   982  C  C   . ARG A 1 135 ? -2.205  -11.341 18.538  1.00 62.93 ? 133 ARG A C   1 
ATOM   983  O  O   . ARG A 1 135 ? -2.752  -12.090 19.344  1.00 62.91 ? 133 ARG A O   1 
ATOM   984  C  CB  . ARG A 1 135 ? -2.947  -8.942  18.148  1.00 62.06 ? 133 ARG A CB  1 
ATOM   985  C  CG  . ARG A 1 135 ? -4.422  -9.088  18.513  1.00 62.37 ? 133 ARG A CG  1 
ATOM   986  C  CD  . ARG A 1 135 ? -5.313  -8.651  17.335  1.00 65.97 ? 133 ARG A CD  1 
ATOM   987  N  NE  . ARG A 1 135 ? -5.251  -7.214  17.070  1.00 68.45 ? 133 ARG A NE  1 
ATOM   988  C  CZ  . ARG A 1 135 ? -5.585  -6.634  15.916  1.00 68.28 ? 133 ARG A CZ  1 
ATOM   989  N  NH1 . ARG A 1 135 ? -6.005  -7.358  14.879  1.00 67.43 ? 133 ARG A NH1 1 
ATOM   990  N  NH2 . ARG A 1 135 ? -5.486  -5.316  15.794  1.00 67.09 ? 133 ARG A NH2 1 
ATOM   991  N  N   . VAL A 1 136 ? -1.765  -11.761 17.349  1.00 64.50 ? 134 VAL A N   1 
ATOM   992  C  CA  . VAL A 1 136 ? -1.965  -13.144 16.896  1.00 65.81 ? 134 VAL A CA  1 
ATOM   993  C  C   . VAL A 1 136 ? -1.033  -14.152 17.580  1.00 67.08 ? 134 VAL A C   1 
ATOM   994  O  O   . VAL A 1 136 ? -1.515  -15.122 18.167  1.00 67.37 ? 134 VAL A O   1 
ATOM   995  C  CB  . VAL A 1 136 ? -1.890  -13.295 15.356  1.00 65.83 ? 134 VAL A CB  1 
ATOM   996  C  CG1 . VAL A 1 136 ? -2.257  -14.725 14.945  1.00 64.78 ? 134 VAL A CG1 1 
ATOM   997  C  CG2 . VAL A 1 136 ? -2.816  -12.297 14.673  1.00 64.67 ? 134 VAL A CG2 1 
ATOM   998  N  N   . ARG A 1 137 ? 0.283   -13.928 17.511  1.00 68.53 ? 135 ARG A N   1 
ATOM   999  C  CA  . ARG A 1 137 ? 1.257   -14.808 18.185  1.00 69.93 ? 135 ARG A CA  1 
ATOM   1000 C  C   . ARG A 1 137 ? 0.919   -14.992 19.656  1.00 70.88 ? 135 ARG A C   1 
ATOM   1001 O  O   . ARG A 1 137 ? 1.321   -15.981 20.272  1.00 71.24 ? 135 ARG A O   1 
ATOM   1002 C  CB  . ARG A 1 137 ? 2.696   -14.310 18.030  1.00 69.97 ? 135 ARG A CB  1 
ATOM   1003 C  CG  . ARG A 1 137 ? 3.352   -14.738 16.731  1.00 70.45 ? 135 ARG A CG  1 
ATOM   1004 C  CD  . ARG A 1 137 ? 4.827   -14.383 16.709  1.00 73.81 ? 135 ARG A CD  1 
ATOM   1005 N  NE  . ARG A 1 137 ? 5.366   -14.415 15.348  1.00 76.30 ? 135 ARG A NE  1 
ATOM   1006 C  CZ  . ARG A 1 137 ? 6.596   -14.031 15.009  1.00 77.75 ? 135 ARG A CZ  1 
ATOM   1007 N  NH1 . ARG A 1 137 ? 7.442   -13.580 15.928  1.00 79.96 ? 135 ARG A NH1 1 
ATOM   1008 N  NH2 . ARG A 1 137 ? 6.985   -14.099 13.744  1.00 77.02 ? 135 ARG A NH2 1 
ATOM   1009 N  N   . ALA A 1 138 ? 0.159   -14.043 20.202  1.00 71.99 ? 136 ALA A N   1 
ATOM   1010 C  CA  . ALA A 1 138 ? -0.455  -14.197 21.515  1.00 72.91 ? 136 ALA A CA  1 
ATOM   1011 C  C   . ALA A 1 138 ? -1.616  -15.203 21.472  1.00 73.68 ? 136 ALA A C   1 
ATOM   1012 O  O   . ALA A 1 138 ? -2.644  -15.012 22.127  1.00 73.88 ? 136 ALA A O   1 
ATOM   1013 C  CB  . ALA A 1 138 ? -0.916  -12.849 22.054  1.00 72.93 ? 136 ALA A CB  1 
ATOM   1014 N  N   . ARG A 1 139 ? -1.436  -16.263 20.679  1.00 74.54 ? 137 ARG A N   1 
ATOM   1015 C  CA  . ARG A 1 139 ? -2.289  -17.454 20.729  1.00 75.17 ? 137 ARG A CA  1 
ATOM   1016 C  C   . ARG A 1 139 ? -1.617  -18.542 21.577  1.00 75.64 ? 137 ARG A C   1 
ATOM   1017 O  O   . ARG A 1 139 ? -1.826  -19.745 21.364  1.00 75.84 ? 137 ARG A O   1 
ATOM   1018 C  CB  . ARG A 1 139 ? -2.663  -17.947 19.319  1.00 75.30 ? 137 ARG A CB  1 
ATOM   1019 C  CG  . ARG A 1 139 ? -1.505  -18.401 18.413  1.00 76.05 ? 137 ARG A CG  1 
ATOM   1020 C  CD  . ARG A 1 139 ? -1.416  -19.927 18.312  1.00 79.33 ? 137 ARG A CD  1 
ATOM   1021 N  NE  . ARG A 1 139 ? -2.632  -20.535 17.757  1.00 80.44 ? 137 ARG A NE  1 
ATOM   1022 C  CZ  . ARG A 1 139 ? -2.894  -21.844 17.764  1.00 80.02 ? 137 ARG A CZ  1 
ATOM   1023 N  NH1 . ARG A 1 139 ? -4.026  -22.296 17.237  1.00 80.27 ? 137 ARG A NH1 1 
ATOM   1024 N  NH2 . ARG A 1 139 ? -2.029  -22.706 18.295  1.00 79.19 ? 137 ARG A NH2 1 
ATOM   1025 N  N   . GLN A 1 140 ? -0.822  -18.086 22.552  1.00 75.91 ? 138 GLN A N   1 
ATOM   1026 C  CA  . GLN A 1 140 ? -0.130  -18.932 23.537  1.00 75.86 ? 138 GLN A CA  1 
ATOM   1027 C  C   . GLN A 1 140 ? 0.454   -20.225 22.954  1.00 75.96 ? 138 GLN A C   1 
ATOM   1028 O  O   . GLN A 1 140 ? -0.038  -21.324 23.215  1.00 76.04 ? 138 GLN A O   1 
ATOM   1029 C  CB  . GLN A 1 140 ? -1.013  -19.209 24.770  1.00 75.83 ? 138 GLN A CB  1 
ATOM   1030 C  CG  . GLN A 1 140 ? -2.511  -19.360 24.495  1.00 75.48 ? 138 GLN A CG  1 
ATOM   1031 C  CD  . GLN A 1 140 ? -3.165  -20.461 25.314  1.00 76.02 ? 138 GLN A CD  1 
ATOM   1032 O  OE1 . GLN A 1 140 ? -2.794  -20.711 26.463  1.00 74.84 ? 138 GLN A OE1 1 
ATOM   1033 N  NE2 . GLN A 1 140 ? -4.152  -21.127 24.721  1.00 76.20 ? 138 GLN A NE2 1 
HETATM 1034 O  O   . HOH B 2 .   ? 14.111  20.626  -4.923  1.00 54.14 ? 148 HOH A O   1 
HETATM 1035 O  O   . HOH B 2 .   ? 7.362   6.170   7.994   1.00 33.67 ? 149 HOH A O   1 
HETATM 1036 O  O   . HOH B 2 .   ? -17.055 3.211   -9.523  1.00 54.36 ? 150 HOH A O   1 
HETATM 1037 O  O   . HOH B 2 .   ? 3.909   22.051  -4.554  1.00 46.69 ? 151 HOH A O   1 
HETATM 1038 O  O   . HOH B 2 .   ? -5.916  11.114  -7.751  1.00 50.54 ? 152 HOH A O   1 
HETATM 1039 O  O   . HOH B 2 .   ? 10.423  15.880  -0.039  1.00 40.24 ? 153 HOH A O   1 
HETATM 1040 O  O   . HOH B 2 .   ? -5.394  4.180   -14.819 1.00 58.39 ? 154 HOH A O   1 
HETATM 1041 O  O   . HOH B 2 .   ? 12.898  18.232  -3.208  1.00 54.43 ? 155 HOH A O   1 
HETATM 1042 O  O   . HOH B 2 .   ? 11.221  -9.736  5.872   1.00 68.26 ? 156 HOH A O   1 
HETATM 1043 O  O   . HOH B 2 .   ? 8.705   -10.218 6.565   1.00 65.84 ? 157 HOH A O   1 
HETATM 1044 O  O   . HOH B 2 .   ? -2.910  0.369   -8.701  1.00 45.73 ? 158 HOH A O   1 
HETATM 1045 O  O   . HOH B 2 .   ? 0.525   -0.259  -13.420 1.00 57.75 ? 159 HOH A O   1 
HETATM 1046 O  O   . HOH B 2 .   ? -1.651  7.903   -12.949 1.00 68.31 ? 160 HOH A O   1 
HETATM 1047 O  O   . HOH B 2 .   ? -11.004 0.897   -13.108 1.00 57.59 ? 161 HOH A O   1 
HETATM 1048 O  O   . HOH B 2 .   ? 3.432   22.738  2.991   1.00 43.26 ? 162 HOH A O   1 
HETATM 1049 O  O   . HOH B 2 .   ? -8.839  6.880   0.346   1.00 44.90 ? 163 HOH A O   1 
HETATM 1050 O  O   . HOH B 2 .   ? -10.140 8.963   -5.021  1.00 49.58 ? 164 HOH A O   1 
HETATM 1051 O  O   . HOH B 2 .   ? 6.445   -11.546 6.656   1.00 64.10 ? 165 HOH A O   1 
HETATM 1052 O  O   . HOH B 2 .   ? -6.224  13.457  -6.787  1.00 46.16 ? 166 HOH A O   1 
HETATM 1053 O  O   . HOH B 2 .   ? -2.405  5.289   -13.572 1.00 55.47 ? 167 HOH A O   1 
# 
